data_7BFP
#
_entry.id   7BFP
#
_cell.length_a   1.00
_cell.length_b   1.00
_cell.length_c   1.00
_cell.angle_alpha   90.00
_cell.angle_beta   90.00
_cell.angle_gamma   90.00
#
_symmetry.space_group_name_H-M   'P 1'
#
loop_
_entity.id
_entity.type
_entity.pdbx_description
1 polymer 'Integrator complex subunit 9'
2 polymer 'Integrator complex subunit 4'
3 polymer 'Integrator complex subunit 11'
4 polymer Unknown
#
loop_
_entity_poly.entity_id
_entity_poly.type
_entity_poly.pdbx_seq_one_letter_code
_entity_poly.pdbx_strand_id
1 'polypeptide(L)'
;MKLYCLSGHPTLPCNVLKFKSTTIMLDCGLDMTSTLNFLPLPLVQSPRLSNLPGWSLKDGNAFLDKELKECSGHVFVDSV
PEFCLPETELIDLSTVDVILISNYHCMMALPYITEHTGFTGTVYATEPTVQIGRLLMEELVNFIERVPKAQSASLWKNKD
IQRLLPSPLKDAVEVSTWRRCYTMQEVNSALSKIQLVGYSQKIELFGAVQVTPLSSGYALGSSNWIIQSHYEKVSYVSGS
SLLTTHPQPMDQASLKNSDVLVLTGLTQIPTANPDGMVGEFCSNLALTVRNGGNVLVPCYPSGVIYDLLECLYQYIDSAG
LSSVPLYFISPVANSSLEFSQIFAEWLCHNKQSKVYLPEPPFPHAELIQTNKLKHYPSIHGDFSNDFRQPCVVFTGHPSL
RFGDVVHFMELWGKSSLNTVIFTEPDFSYLEALAPYQPLAMKCIYCPIDTRLNFIQVSKLLKEVQPLHVVCPEQYTQPPP
AQSHRMDLMIDCQPPAMSYRRAEVLALPFKRRYEKIEIMPELADSLVPMEIKPGISLATVSAVLHTKDNKHLLQPPPRPA
QPTSGKKRKRVSDDVPDCKVLKPLLSGSIPVEQFVQTLEKHGFSDIKVEDTAKGHIVLLQEAETLIQIEEDSTHIICDND
EMLRVRLRDLVLKFLQKF
;
A
2 'polypeptide(L)'
;MHHHHHHHHPPSGADPMAAHLKKRVYEEFTKVVQPQEEIATKKLRLTKPSKSAALHIDLCKATSPADALQYLLQFARKPV
EAESVEGVVRILLEHYYKENDPSVRLKIASLLGLLSKTAGFSPDCIMDDAINILQNEKSHQVLAQLLDTLLAIGTKLPEN
QAIQMRLVDVACKHLTDTSHGVRNKCLQLLGNLGSLEKSVTKDAEGLAARDVQKIIGDYFSDQDPRVRTAAIKAMLQLHE
RGLKLHQTIYNQACKLLSDDYEQVRSAAVQLIWVVSQLYPESIVPIPSSNEEIRLVDDAFGKICHMVSDGSWVVRVQAAK
LLGSMEQVSSHFLEQTLDKKLMSDLRRKRTAHERAKELYSSGEFSSGRKWGDDAPKEEVDTGAVNLIESGACGAFVHGLE
DEMYEVRIAAVEALCMLAQSSPSFAEKCLDFLVDMFNDEIEEVRLQSIHTMRKISNNITLREDQLDTVLAVLEDSSRDIR
EALHELLCCTNVSTKEGIHLALVELLKNLTKYPTDRDSIWKCLKFLGSRHPTLVLPLVPELLSTHPFFDTAEPDMDDPAY
IAVLVLIFNAAKTCPTMPALFSDHTFRHYAYLRDSLSHLVPALRLPGRKLVSSAVSPSIIPQEDPSQQFLQQSLERVYSL
QHLDPQGAQELLEFTIRDLQRLGELQSELAGVADFSATYLRCQLLLIKALQEKLWNVAAPLYLKQSDLASAAAKQIMEET
YKMEFMYSGVENKQVVIIHHMRLQAKALQLIVTARTTRGLDPLFGMCEKFLQEVDFFQRYFIADLPHLQDSFVDKLLDLM
PRLMTSKPAEVVKILQTMLRQSAFLHLPLPEQIHKASATIIEPAGESDNPLRFTSGLVVALDVDATLEHVQDPQNTVKVQ
VLYPDGQAQMIHPKPADFRNPGPGRHRLITQVYLSHTAWTEACQVEVRLLLAYNSSARIPKCPWMEGGEMSPQVETSIEG
TIPFSKPVKVYIMPKPARR
;
C
3 'polypeptide(L)'
;MDEKTTGWRGGHVVEGLAGELEQLRARLEHHPQGQREPPPSGADPMPEIRVTPLGAGQDVGRSCILVSIAGKNVMLDCGM
HMGFNDDRRFPDFSYITQNGRLTDFLDCVIISHFHLDHCGALPYFSEMVGYDGPIYMTHPTQAICPILLEDYRKIAVDKK
GEANFFTSQMIKDCMKKVVAVHLHQTVQVDDELEIKAYYAGHVLGAAMFQIKVGSESVVYTGDYNMTPDRHLGAAWIDKC
RPNLLITESTYATTIRDSKRCRERDFLKKVHETVERGGKVLIPVFALGRAQELCILLETFWERMNLKVPIYFSTGLTEKA
NHYYKLFIPWTNQKIRKTFVQRNMFEFKHIKAFDRAFADNPGPMVVFATPGMLHAGQSLQIFRKWAGNEKNMVIMPGYCV
QGTVGHKILSGQRKLEMEGRQVLEVKMQVEYMSFSAHADAKGIMQLVGQAEPESVLLVHGEAKKMEFLKQKIEQELRVNC
YMPANGETVTLLTSPSIPVGISLGLLKREMAQGLLPEAKKPRLLHGTLIMKDSNFRLVSSEQALKELGLAEHQLRFTCRV
HLHDTRKEQETALRVYSHLKSVLKDHCVQHLPDGSVTVESVLLQAAAPSEDPGTKVLLVSWTYQDEELGSFLTSLLKKGL
PQAPS
;
B
4 'polypeptide(L)'
;(UNK)(UNK)(UNK)(UNK)(UNK)(UNK)(UNK)(UNK)(UNK)(UNK)(UNK)(UNK)(UNK)(UNK)(UNK)(UNK)
(UNK)(UNK)(UNK)(UNK)(UNK)(UNK)(UNK)(UNK)(UNK)(UNK)(UNK)(UNK)(UNK)(UNK)(UNK)(UNK)
(UNK)(UNK)(UNK)(UNK)
;
U
#
# COMPACT_ATOMS: atom_id res chain seq x y z
N MET A 1 24.15 -13.63 -0.92
CA MET A 1 23.07 -12.95 -1.69
C MET A 1 23.45 -12.82 -3.16
N LYS A 2 22.55 -13.20 -4.07
CA LYS A 2 22.77 -12.97 -5.48
C LYS A 2 21.83 -11.86 -5.90
N LEU A 3 22.36 -10.77 -6.49
CA LEU A 3 21.54 -9.77 -7.17
C LEU A 3 21.64 -9.99 -8.69
N TYR A 4 20.50 -10.16 -9.35
CA TYR A 4 20.45 -10.32 -10.79
C TYR A 4 20.16 -8.95 -11.38
N CYS A 5 20.96 -8.47 -12.33
CA CYS A 5 20.67 -7.19 -12.95
C CYS A 5 19.97 -7.40 -14.28
N LEU A 6 18.78 -6.87 -14.44
CA LEU A 6 17.97 -7.26 -15.58
C LEU A 6 17.79 -6.13 -16.60
N SER A 7 18.27 -4.92 -16.26
CA SER A 7 18.15 -3.78 -17.15
C SER A 7 19.46 -3.02 -17.18
N GLY A 8 19.85 -2.61 -18.40
CA GLY A 8 21.11 -1.95 -18.68
C GLY A 8 21.26 -0.51 -18.18
N HIS A 9 20.27 0.32 -18.55
CA HIS A 9 20.24 1.74 -18.26
C HIS A 9 20.43 2.04 -16.78
N PRO A 10 21.29 3.02 -16.44
CA PRO A 10 21.43 3.49 -15.06
C PRO A 10 20.12 4.05 -14.52
N THR A 11 19.45 4.94 -15.25
CA THR A 11 18.17 5.56 -14.90
C THR A 11 17.08 4.58 -14.43
N LEU A 12 16.68 3.58 -15.23
CA LEU A 12 15.67 2.59 -14.85
C LEU A 12 16.29 1.22 -14.62
N PRO A 13 16.55 0.73 -13.39
CA PRO A 13 17.36 -0.48 -13.17
C PRO A 13 16.85 -1.94 -13.14
N CYS A 14 15.64 -2.14 -12.59
CA CYS A 14 15.01 -3.49 -12.56
C CYS A 14 15.93 -4.60 -12.02
N ASN A 15 16.53 -4.40 -10.85
CA ASN A 15 17.55 -5.28 -10.26
C ASN A 15 16.94 -6.21 -9.19
N VAL A 16 17.06 -7.54 -9.34
CA VAL A 16 16.32 -8.54 -8.58
C VAL A 16 17.12 -9.16 -7.42
N LEU A 17 16.80 -8.89 -6.17
CA LEU A 17 17.62 -9.29 -5.05
C LEU A 17 17.15 -10.60 -4.40
N LYS A 18 17.89 -11.71 -4.57
CA LYS A 18 17.65 -12.97 -3.87
C LYS A 18 18.41 -12.98 -2.55
N PHE A 19 17.64 -13.07 -1.45
CA PHE A 19 18.17 -12.79 -0.12
C PHE A 19 17.29 -13.37 0.98
N LYS A 20 17.93 -14.10 1.93
CA LYS A 20 17.26 -14.66 3.10
C LYS A 20 16.04 -15.48 2.64
N SER A 21 16.24 -16.21 1.53
CA SER A 21 15.26 -17.16 1.05
C SER A 21 14.02 -16.48 0.45
N THR A 22 14.14 -15.18 0.16
CA THR A 22 13.08 -14.38 -0.45
C THR A 22 13.71 -13.47 -1.49
N THR A 23 13.08 -13.47 -2.69
CA THR A 23 13.65 -12.72 -3.79
C THR A 23 12.80 -11.47 -4.06
N ILE A 24 13.40 -10.31 -4.44
CA ILE A 24 12.66 -9.06 -4.62
C ILE A 24 13.09 -8.39 -5.93
N MET A 25 12.14 -7.99 -6.79
CA MET A 25 12.46 -7.21 -7.97
C MET A 25 12.41 -5.72 -7.65
N LEU A 26 13.58 -5.12 -7.35
CA LEU A 26 13.72 -3.77 -6.82
C LEU A 26 13.16 -2.61 -7.66
N ASP A 27 12.83 -2.88 -8.91
CA ASP A 27 12.17 -1.89 -9.71
C ASP A 27 11.64 -2.59 -10.97
N CYS A 28 10.70 -1.93 -11.68
CA CYS A 28 10.28 -2.37 -13.00
C CYS A 28 10.23 -1.14 -13.91
N GLY A 29 11.06 -1.09 -14.97
CA GLY A 29 11.31 0.13 -15.75
C GLY A 29 11.16 -0.05 -17.27
N LEU A 30 10.60 0.93 -18.00
CA LEU A 30 10.53 0.95 -19.46
C LEU A 30 11.48 1.99 -20.04
N ASP A 31 12.50 1.55 -20.80
CA ASP A 31 13.65 2.36 -21.23
C ASP A 31 13.35 3.52 -22.19
N MET A 32 12.72 3.25 -23.33
CA MET A 32 12.18 4.25 -24.27
C MET A 32 13.17 4.92 -25.24
N THR A 33 14.42 4.46 -25.33
CA THR A 33 15.33 4.89 -26.36
C THR A 33 15.05 4.13 -27.67
N SER A 34 14.52 2.92 -27.55
CA SER A 34 14.08 2.14 -28.72
C SER A 34 12.98 2.87 -29.52
N THR A 35 12.08 3.48 -28.74
CA THR A 35 11.00 4.29 -29.28
C THR A 35 11.58 5.51 -29.98
N LEU A 36 12.56 6.19 -29.38
CA LEU A 36 13.20 7.30 -30.11
C LEU A 36 13.84 6.86 -31.43
N ASN A 37 14.17 5.58 -31.51
CA ASN A 37 14.80 4.99 -32.70
C ASN A 37 13.87 4.87 -33.90
N PHE A 38 12.58 4.66 -33.67
CA PHE A 38 11.64 4.50 -34.78
C PHE A 38 11.26 5.87 -35.38
N LEU A 39 10.57 5.86 -36.54
CA LEU A 39 10.16 7.08 -37.22
C LEU A 39 8.93 7.66 -36.54
N PRO A 40 8.85 9.00 -36.30
CA PRO A 40 7.76 9.60 -35.52
C PRO A 40 6.40 9.44 -36.16
N LEU A 41 5.38 9.26 -35.31
CA LEU A 41 4.00 8.94 -35.68
C LEU A 41 3.06 10.09 -35.30
N PRO A 42 2.50 10.80 -36.29
CA PRO A 42 1.63 11.96 -36.06
C PRO A 42 0.15 11.62 -35.91
N LEU A 43 -0.59 12.47 -35.17
CA LEU A 43 -2.01 12.30 -34.90
C LEU A 43 -2.82 12.40 -36.19
N VAL A 44 -2.44 13.36 -37.05
CA VAL A 44 -2.97 13.62 -38.38
C VAL A 44 -1.83 13.39 -39.38
N GLN A 45 -2.12 12.71 -40.50
CA GLN A 45 -1.10 12.38 -41.49
C GLN A 45 -0.25 13.60 -41.83
N SER A 46 1.09 13.45 -41.76
CA SER A 46 2.03 14.51 -42.08
C SER A 46 2.60 14.30 -43.48
N PRO A 47 2.60 15.32 -44.37
CA PRO A 47 3.08 15.15 -45.74
C PRO A 47 4.43 14.43 -45.85
N ARG A 48 5.40 14.84 -45.02
CA ARG A 48 6.78 14.37 -45.04
C ARG A 48 6.83 12.83 -44.98
N LEU A 49 6.14 12.26 -43.98
CA LEU A 49 6.16 10.82 -43.69
C LEU A 49 5.69 10.04 -44.92
N SER A 50 4.64 10.55 -45.56
CA SER A 50 4.04 9.91 -46.72
C SER A 50 5.00 9.93 -47.90
N ASN A 51 5.74 11.04 -48.05
CA ASN A 51 6.61 11.28 -49.20
C ASN A 51 8.07 10.90 -48.91
N LEU A 52 8.35 10.29 -47.75
CA LEU A 52 9.70 9.89 -47.39
C LEU A 52 10.23 8.81 -48.33
N PRO A 53 11.57 8.75 -48.59
CA PRO A 53 12.14 7.68 -49.41
C PRO A 53 12.57 6.49 -48.55
N GLY A 54 13.08 5.41 -49.18
CA GLY A 54 13.80 4.35 -48.47
C GLY A 54 15.29 4.66 -48.41
N TRP A 55 16.04 3.87 -47.63
CA TRP A 55 17.47 4.05 -47.43
C TRP A 55 18.31 3.19 -48.38
N SER A 56 17.66 2.37 -49.21
CA SER A 56 18.33 1.58 -50.24
C SER A 56 19.36 0.64 -49.60
N LEU A 57 18.90 -0.11 -48.59
CA LEU A 57 19.72 -1.12 -47.93
C LEU A 57 20.11 -2.23 -48.91
N LYS A 58 19.20 -2.50 -49.87
CA LYS A 58 19.36 -3.47 -50.95
C LYS A 58 19.78 -4.83 -50.37
N ASP A 59 20.83 -5.44 -50.95
CA ASP A 59 21.33 -6.74 -50.53
C ASP A 59 20.19 -7.75 -50.47
N GLY A 60 19.40 -7.79 -51.56
CA GLY A 60 18.19 -8.59 -51.64
C GLY A 60 17.12 -8.06 -50.69
N ASN A 61 16.65 -8.95 -49.80
CA ASN A 61 15.64 -8.67 -48.79
C ASN A 61 14.65 -7.61 -49.31
N LEU A 64 12.29 -5.44 -47.74
CA LEU A 64 12.80 -4.64 -46.59
C LEU A 64 12.88 -3.15 -46.93
N ASP A 65 12.96 -2.86 -48.22
CA ASP A 65 12.96 -1.49 -48.73
C ASP A 65 11.68 -0.75 -48.33
N LYS A 66 10.63 -1.52 -47.99
CA LYS A 66 9.36 -1.04 -47.51
C LYS A 66 9.46 -0.50 -46.07
N GLU A 67 10.19 -1.24 -45.20
CA GLU A 67 10.14 -1.08 -43.76
C GLU A 67 11.36 -0.32 -43.20
N LEU A 68 12.24 0.20 -44.04
CA LEU A 68 13.32 1.08 -43.63
C LEU A 68 13.26 2.36 -44.47
N LYS A 69 13.33 3.54 -43.80
CA LYS A 69 13.26 4.86 -44.46
C LYS A 69 14.55 5.64 -44.23
N GLU A 70 14.70 6.81 -44.89
CA GLU A 70 15.86 7.69 -44.72
C GLU A 70 15.43 9.13 -44.51
N CYS A 71 15.87 9.75 -43.39
CA CYS A 71 15.67 11.16 -43.10
C CYS A 71 17.00 11.82 -42.74
N SER A 72 17.45 12.77 -43.59
CA SER A 72 18.66 13.54 -43.38
C SER A 72 19.87 12.63 -43.21
N GLY A 73 19.88 11.51 -43.98
CA GLY A 73 20.97 10.56 -44.03
C GLY A 73 21.02 9.58 -42.84
N HIS A 74 19.96 9.58 -42.01
CA HIS A 74 19.79 8.66 -40.89
C HIS A 74 18.58 7.77 -41.15
N VAL A 75 18.75 6.46 -40.93
CA VAL A 75 17.66 5.50 -41.09
C VAL A 75 16.71 5.65 -39.90
N PHE A 76 15.42 5.40 -40.15
CA PHE A 76 14.39 5.18 -39.14
C PHE A 76 13.63 3.91 -39.51
N VAL A 77 12.66 3.45 -38.71
CA VAL A 77 11.88 2.29 -39.14
C VAL A 77 10.40 2.66 -39.23
N ASP A 78 9.71 2.20 -40.30
CA ASP A 78 8.30 2.54 -40.54
C ASP A 78 7.30 1.62 -39.84
N SER A 79 7.64 1.23 -38.61
CA SER A 79 6.75 0.55 -37.69
C SER A 79 6.46 1.46 -36.48
N VAL A 80 5.53 1.05 -35.60
CA VAL A 80 5.20 1.76 -34.37
C VAL A 80 6.38 1.75 -33.40
N PRO A 81 6.72 2.85 -32.71
CA PRO A 81 7.80 2.84 -31.71
C PRO A 81 7.63 1.70 -30.71
N GLU A 82 8.69 0.90 -30.54
CA GLU A 82 8.71 -0.28 -29.68
C GLU A 82 9.72 -0.09 -28.56
N PHE A 83 9.26 -0.36 -27.35
CA PHE A 83 9.96 -0.01 -26.14
C PHE A 83 10.82 -1.17 -25.66
N CYS A 84 12.08 -0.90 -25.34
CA CYS A 84 12.93 -1.92 -24.76
C CYS A 84 12.48 -2.20 -23.33
N LEU A 85 12.44 -3.47 -22.95
CA LEU A 85 12.06 -3.83 -21.59
C LEU A 85 13.13 -4.74 -20.95
N PRO A 86 13.20 -4.81 -19.60
CA PRO A 86 14.26 -5.54 -18.91
C PRO A 86 14.15 -7.02 -19.27
N GLU A 87 15.30 -7.67 -19.47
CA GLU A 87 15.34 -9.08 -19.84
C GLU A 87 14.60 -9.86 -18.75
N THR A 88 13.81 -10.84 -19.24
CA THR A 88 12.95 -11.65 -18.38
C THR A 88 13.48 -13.07 -18.20
N GLU A 89 14.47 -13.41 -19.01
CA GLU A 89 14.89 -14.78 -19.17
C GLU A 89 15.83 -15.25 -18.07
N LEU A 90 16.73 -14.40 -17.53
CA LEU A 90 17.81 -14.88 -16.68
C LEU A 90 17.35 -15.48 -15.37
N ILE A 91 16.24 -14.93 -14.88
CA ILE A 91 15.60 -15.39 -13.66
C ILE A 91 14.09 -15.42 -13.93
N ASP A 92 13.42 -16.48 -13.46
CA ASP A 92 11.98 -16.57 -13.66
C ASP A 92 11.29 -15.52 -12.80
N LEU A 93 10.21 -14.93 -13.34
CA LEU A 93 9.52 -13.88 -12.63
C LEU A 93 8.84 -14.42 -11.37
N SER A 94 8.33 -15.67 -11.47
CA SER A 94 7.60 -16.33 -10.39
C SER A 94 8.40 -16.31 -9.09
N THR A 95 9.68 -16.56 -9.25
CA THR A 95 10.61 -16.78 -8.15
C THR A 95 11.10 -15.47 -7.53
N VAL A 96 10.65 -14.32 -8.07
CA VAL A 96 11.07 -13.01 -7.59
C VAL A 96 10.05 -12.43 -6.61
N ASP A 97 9.03 -13.22 -6.24
CA ASP A 97 8.14 -12.92 -5.12
C ASP A 97 7.52 -11.52 -5.27
N VAL A 98 7.80 -10.55 -4.39
CA VAL A 98 7.25 -9.21 -4.46
C VAL A 98 8.11 -8.30 -5.35
N ILE A 99 7.52 -7.26 -5.95
CA ILE A 99 8.24 -6.21 -6.67
C ILE A 99 8.18 -4.89 -5.87
N LEU A 100 9.32 -4.28 -5.54
CA LEU A 100 9.28 -2.92 -4.99
C LEU A 100 9.47 -1.92 -6.12
N ILE A 101 8.69 -0.83 -6.06
CA ILE A 101 8.80 0.19 -7.10
C ILE A 101 9.08 1.55 -6.51
N SER A 102 10.16 2.19 -6.97
CA SER A 102 10.70 3.38 -6.29
C SER A 102 9.96 4.66 -6.69
N ASN A 103 10.09 5.13 -7.95
CA ASN A 103 9.56 6.42 -8.42
C ASN A 103 8.53 6.18 -9.52
N TYR A 104 7.67 7.17 -9.78
CA TYR A 104 6.55 6.97 -10.71
C TYR A 104 7.07 6.89 -12.13
N HIS A 105 8.21 7.56 -12.37
CA HIS A 105 8.89 7.57 -13.67
C HIS A 105 9.57 6.23 -13.93
N CYS A 106 10.05 5.60 -12.85
CA CYS A 106 10.82 4.37 -12.86
C CYS A 106 9.95 3.12 -12.76
N MET A 107 8.62 3.28 -12.66
CA MET A 107 7.73 2.15 -12.44
C MET A 107 6.98 1.73 -13.72
N MET A 108 7.31 2.35 -14.86
CA MET A 108 6.71 1.94 -16.14
C MET A 108 7.25 0.56 -16.52
N ALA A 109 6.48 -0.20 -17.31
CA ALA A 109 6.82 -1.60 -17.59
C ALA A 109 6.39 -2.58 -16.50
N LEU A 110 5.79 -2.08 -15.42
CA LEU A 110 5.14 -2.96 -14.45
C LEU A 110 4.10 -3.81 -15.16
N PRO A 111 3.19 -3.25 -15.98
CA PRO A 111 2.11 -4.00 -16.57
C PRO A 111 2.51 -4.94 -17.67
N TYR A 112 3.66 -4.67 -18.30
CA TYR A 112 4.20 -5.61 -19.27
C TYR A 112 4.32 -6.95 -18.59
N ILE A 113 5.19 -6.96 -17.57
CA ILE A 113 5.51 -8.20 -16.88
C ILE A 113 4.28 -8.88 -16.28
N THR A 114 3.46 -8.13 -15.54
CA THR A 114 2.33 -8.73 -14.84
C THR A 114 1.33 -9.41 -15.79
N GLU A 115 1.11 -8.90 -17.02
CA GLU A 115 0.11 -9.46 -17.92
C GLU A 115 0.68 -10.41 -18.98
N HIS A 116 2.00 -10.34 -19.19
CA HIS A 116 2.65 -11.15 -20.21
C HIS A 116 3.21 -12.40 -19.56
N THR A 117 4.31 -12.23 -18.79
CA THR A 117 5.09 -13.32 -18.25
C THR A 117 4.73 -13.52 -16.79
N GLY A 118 4.45 -14.78 -16.42
CA GLY A 118 3.70 -15.18 -15.24
C GLY A 118 4.37 -14.72 -13.95
N PHE A 119 3.57 -14.14 -13.04
CA PHE A 119 4.05 -13.58 -11.77
C PHE A 119 2.91 -13.34 -10.80
N THR A 120 2.98 -13.96 -9.62
CA THR A 120 1.87 -13.90 -8.67
C THR A 120 2.32 -13.36 -7.31
N GLY A 121 2.70 -12.09 -7.26
CA GLY A 121 3.14 -11.46 -6.02
C GLY A 121 2.49 -10.10 -5.78
N THR A 122 2.96 -9.35 -4.76
CA THR A 122 2.30 -8.07 -4.50
C THR A 122 3.31 -6.94 -4.59
N VAL A 123 3.10 -6.03 -5.54
CA VAL A 123 3.94 -4.87 -5.69
C VAL A 123 3.70 -3.87 -4.57
N TYR A 124 4.75 -3.33 -3.98
CA TYR A 124 4.61 -2.33 -2.90
C TYR A 124 5.15 -0.98 -3.34
N ALA A 125 4.30 0.03 -3.36
CA ALA A 125 4.64 1.35 -3.85
C ALA A 125 3.84 2.37 -3.11
N THR A 126 4.48 3.48 -2.76
CA THR A 126 3.86 4.47 -1.90
C THR A 126 2.74 5.21 -2.65
N GLU A 127 1.74 5.77 -1.96
CA GLU A 127 0.47 6.18 -2.56
C GLU A 127 0.64 7.19 -3.70
N PRO A 128 1.52 8.23 -3.59
CA PRO A 128 1.60 9.28 -4.62
C PRO A 128 2.04 8.70 -5.94
N THR A 129 3.20 8.00 -5.91
CA THR A 129 3.81 7.42 -7.07
C THR A 129 2.83 6.54 -7.83
N VAL A 130 2.03 5.71 -7.16
CA VAL A 130 1.10 4.82 -7.86
C VAL A 130 0.24 5.64 -8.80
N GLN A 131 -0.43 6.68 -8.30
CA GLN A 131 -1.37 7.50 -9.05
C GLN A 131 -0.65 8.27 -10.16
N ILE A 132 0.51 8.87 -9.85
CA ILE A 132 1.22 9.65 -10.84
C ILE A 132 1.60 8.72 -11.97
N GLY A 133 2.13 7.54 -11.64
CA GLY A 133 2.52 6.56 -12.62
C GLY A 133 1.32 6.06 -13.43
N ARG A 134 0.16 5.96 -12.78
CA ARG A 134 -1.05 5.54 -13.43
C ARG A 134 -1.41 6.52 -14.52
N LEU A 135 -1.37 7.82 -14.23
CA LEU A 135 -1.83 8.77 -15.24
C LEU A 135 -0.76 8.97 -16.31
N LEU A 136 0.45 8.51 -16.02
CA LEU A 136 1.54 8.69 -16.95
C LEU A 136 1.49 7.59 -18.02
N MET A 137 1.24 6.34 -17.61
CA MET A 137 1.06 5.22 -18.52
C MET A 137 -0.20 5.39 -19.36
N GLU A 138 -1.28 5.90 -18.75
CA GLU A 138 -2.51 6.19 -19.47
C GLU A 138 -2.23 7.22 -20.56
N GLU A 139 -1.46 8.24 -20.20
CA GLU A 139 -0.96 9.22 -21.16
C GLU A 139 -0.20 8.53 -22.27
N LEU A 140 0.66 7.55 -21.93
CA LEU A 140 1.50 6.89 -22.91
C LEU A 140 0.64 6.06 -23.86
N VAL A 141 -0.25 5.23 -23.29
CA VAL A 141 -1.13 4.38 -24.07
C VAL A 141 -2.01 5.18 -25.02
N ASN A 142 -2.55 6.29 -24.54
CA ASN A 142 -3.39 7.17 -25.34
C ASN A 142 -2.61 7.60 -26.58
N PHE A 143 -1.32 7.95 -26.44
CA PHE A 143 -0.57 8.55 -27.53
C PHE A 143 -0.30 7.59 -28.65
N ILE A 144 0.00 6.33 -28.31
CA ILE A 144 0.34 5.34 -29.32
C ILE A 144 -0.90 4.76 -30.02
N GLU A 145 -2.05 4.81 -29.33
CA GLU A 145 -3.34 4.28 -29.78
C GLU A 145 -4.25 5.36 -30.39
N ARG A 146 -3.85 6.63 -30.28
CA ARG A 146 -4.49 7.75 -30.97
C ARG A 146 -4.46 7.49 -32.47
N VAL A 147 -3.33 6.93 -32.95
CA VAL A 147 -3.12 6.58 -34.34
C VAL A 147 -2.84 5.08 -34.43
N PRO A 148 -3.64 4.28 -35.16
CA PRO A 148 -3.36 2.86 -35.31
C PRO A 148 -2.48 2.56 -36.54
N LYS A 149 -1.17 2.80 -36.37
CA LYS A 149 -0.16 2.51 -37.38
C LYS A 149 0.77 1.36 -36.95
N ALA A 150 0.28 0.54 -36.02
CA ALA A 150 1.05 -0.56 -35.43
C ALA A 150 0.93 -1.84 -36.25
N GLN A 151 0.17 -1.75 -37.35
CA GLN A 151 -0.08 -2.84 -38.29
C GLN A 151 1.24 -3.31 -38.89
N SER A 152 2.12 -2.35 -39.20
CA SER A 152 3.41 -2.59 -39.83
C SER A 152 4.34 -3.34 -38.89
N ALA A 153 5.32 -4.03 -39.46
CA ALA A 153 6.32 -4.78 -38.71
C ALA A 153 7.72 -4.18 -38.98
N SER A 154 8.59 -4.18 -37.95
CA SER A 154 9.91 -3.57 -38.00
C SER A 154 10.79 -4.25 -39.07
N LEU A 155 10.84 -5.60 -39.04
CA LEU A 155 11.50 -6.47 -39.99
C LEU A 155 12.96 -6.09 -40.24
N TRP A 156 13.68 -5.73 -39.17
CA TRP A 156 15.08 -5.34 -39.27
C TRP A 156 15.90 -5.99 -38.15
N LYS A 157 15.24 -6.78 -37.29
CA LYS A 157 15.81 -7.32 -36.06
C LYS A 157 16.94 -8.30 -36.34
N ASN A 158 16.95 -8.94 -37.53
CA ASN A 158 17.95 -9.95 -37.89
C ASN A 158 19.35 -9.37 -37.78
N LYS A 159 20.25 -10.21 -37.26
CA LYS A 159 21.64 -9.88 -36.98
C LYS A 159 22.34 -9.41 -38.26
N ASP A 160 22.10 -10.20 -39.33
CA ASP A 160 22.64 -9.97 -40.66
C ASP A 160 22.25 -8.58 -41.15
N ILE A 161 20.97 -8.24 -40.99
CA ILE A 161 20.43 -6.96 -41.40
C ILE A 161 21.14 -5.85 -40.62
N GLN A 162 21.37 -6.06 -39.31
CA GLN A 162 21.98 -5.09 -38.42
C GLN A 162 23.44 -4.81 -38.79
N ARG A 163 24.17 -5.83 -39.26
CA ARG A 163 25.60 -5.70 -39.55
C ARG A 163 25.84 -4.72 -40.71
N LEU A 164 24.99 -4.79 -41.74
CA LEU A 164 25.11 -4.04 -42.97
C LEU A 164 24.57 -2.62 -42.82
N LEU A 165 23.43 -2.45 -42.11
CA LEU A 165 22.74 -1.17 -42.03
C LEU A 165 23.62 -0.13 -41.32
N PRO A 166 23.29 1.18 -41.32
CA PRO A 166 24.22 2.21 -40.83
C PRO A 166 24.20 2.38 -39.31
N SER A 167 24.90 3.41 -38.82
CA SER A 167 25.23 3.59 -37.41
C SER A 167 24.01 3.74 -36.49
N PRO A 168 22.95 4.54 -36.81
CA PRO A 168 21.94 4.89 -35.79
C PRO A 168 21.23 3.65 -35.24
N LEU A 169 20.85 2.73 -36.13
CA LEU A 169 20.20 1.49 -35.76
C LEU A 169 21.21 0.50 -35.17
N LYS A 170 22.40 0.39 -35.77
CA LYS A 170 23.43 -0.58 -35.43
C LYS A 170 23.56 -0.77 -33.92
N ASP A 171 23.64 0.35 -33.18
CA ASP A 171 23.83 0.35 -31.74
C ASP A 171 22.47 0.22 -31.05
N ALA A 172 21.92 -0.99 -31.08
CA ALA A 172 20.83 -1.44 -30.23
C ALA A 172 21.40 -2.64 -29.48
N VAL A 173 21.41 -2.52 -28.15
CA VAL A 173 21.98 -3.50 -27.21
C VAL A 173 21.20 -4.82 -27.21
N GLU A 174 19.88 -4.72 -27.42
CA GLU A 174 18.98 -5.81 -27.72
C GLU A 174 18.05 -5.30 -28.81
N VAL A 175 17.73 -6.19 -29.74
CA VAL A 175 16.85 -5.89 -30.88
C VAL A 175 15.58 -6.73 -30.82
N SER A 176 15.68 -7.92 -30.21
CA SER A 176 14.74 -9.01 -30.32
C SER A 176 13.68 -8.96 -29.23
N THR A 177 13.90 -8.11 -28.22
CA THR A 177 13.06 -8.07 -27.03
C THR A 177 12.03 -6.94 -27.13
N TRP A 178 12.03 -6.20 -28.24
CA TRP A 178 11.17 -5.04 -28.44
C TRP A 178 9.74 -5.50 -28.68
N ARG A 179 8.78 -4.80 -28.06
CA ARG A 179 7.37 -5.16 -28.07
C ARG A 179 6.52 -3.90 -28.24
N ARG A 180 5.34 -4.08 -28.84
CA ARG A 180 4.41 -2.98 -29.00
C ARG A 180 3.74 -2.76 -27.65
N CYS A 181 3.20 -1.56 -27.47
CA CYS A 181 2.76 -1.13 -26.15
C CYS A 181 1.55 -1.90 -25.62
N TYR A 182 1.48 -2.09 -24.30
CA TYR A 182 0.39 -2.80 -23.63
C TYR A 182 -0.91 -1.98 -23.69
N THR A 183 -2.05 -2.68 -23.51
CA THR A 183 -3.38 -2.09 -23.53
C THR A 183 -3.74 -1.57 -22.13
N MET A 184 -4.86 -0.84 -22.02
CA MET A 184 -5.29 -0.19 -20.78
C MET A 184 -5.72 -1.20 -19.72
N GLN A 185 -5.97 -2.44 -20.14
CA GLN A 185 -6.38 -3.54 -19.26
C GLN A 185 -5.21 -3.98 -18.41
N GLU A 186 -4.07 -4.12 -19.08
CA GLU A 186 -2.85 -4.51 -18.40
C GLU A 186 -2.41 -3.42 -17.42
N VAL A 187 -2.52 -2.17 -17.86
CA VAL A 187 -2.26 -1.05 -16.98
C VAL A 187 -3.08 -1.22 -15.69
N ASN A 188 -4.38 -1.54 -15.84
CA ASN A 188 -5.32 -1.66 -14.74
C ASN A 188 -4.90 -2.80 -13.81
N SER A 189 -4.55 -3.95 -14.39
CA SER A 189 -4.13 -5.08 -13.59
C SER A 189 -2.93 -4.70 -12.73
N ALA A 190 -1.94 -4.06 -13.37
CA ALA A 190 -0.75 -3.64 -12.67
C ALA A 190 -1.08 -2.74 -11.48
N LEU A 191 -1.90 -1.71 -11.72
CA LEU A 191 -2.17 -0.77 -10.65
C LEU A 191 -2.98 -1.44 -9.52
N SER A 192 -3.82 -2.41 -9.89
CA SER A 192 -4.63 -3.16 -8.93
C SER A 192 -3.74 -3.93 -7.96
N LYS A 193 -2.65 -4.51 -8.47
CA LYS A 193 -1.85 -5.40 -7.64
C LYS A 193 -0.97 -4.63 -6.65
N ILE A 194 -0.72 -3.35 -6.97
CA ILE A 194 0.04 -2.48 -6.10
C ILE A 194 -0.79 -2.32 -4.83
N GLN A 195 -0.15 -2.57 -3.68
CA GLN A 195 -0.70 -2.20 -2.38
C GLN A 195 -0.08 -0.90 -1.91
N LEU A 196 -0.88 0.07 -1.49
CA LEU A 196 -0.35 1.40 -1.27
C LEU A 196 0.19 1.48 0.15
N VAL A 197 1.52 1.69 0.29
CA VAL A 197 2.22 1.64 1.57
C VAL A 197 2.89 2.98 1.86
N GLY A 198 2.55 3.56 3.01
CA GLY A 198 3.13 4.85 3.33
C GLY A 198 4.62 4.74 3.67
N TYR A 199 5.24 5.92 3.88
CA TYR A 199 6.64 6.06 4.23
C TYR A 199 6.91 5.56 5.63
N SER A 200 8.15 5.06 5.84
CA SER A 200 8.66 4.55 7.08
C SER A 200 7.80 3.40 7.65
N GLN A 201 6.96 2.80 6.79
CA GLN A 201 6.05 1.74 7.19
C GLN A 201 6.76 0.38 7.10
N LYS A 202 6.79 -0.37 8.20
CA LYS A 202 7.58 -1.60 8.21
C LYS A 202 6.75 -2.77 7.67
N ILE A 203 6.57 -2.85 6.34
CA ILE A 203 5.84 -3.92 5.65
C ILE A 203 6.74 -5.15 5.51
N GLU A 204 6.39 -6.24 6.22
CA GLU A 204 7.21 -7.45 6.26
C GLU A 204 6.60 -8.56 5.42
N LEU A 205 7.46 -9.21 4.65
CA LEU A 205 7.05 -10.20 3.67
C LEU A 205 7.37 -11.58 4.22
N PHE A 206 6.32 -12.35 4.48
CA PHE A 206 6.40 -13.79 4.74
C PHE A 206 7.25 -14.06 5.97
N GLY A 207 7.24 -13.13 6.91
CA GLY A 207 7.95 -13.27 8.17
C GLY A 207 9.41 -13.62 7.94
N ALA A 208 10.03 -13.02 6.92
CA ALA A 208 11.41 -13.28 6.57
C ALA A 208 12.27 -12.03 6.70
N VAL A 209 12.05 -11.05 5.78
CA VAL A 209 12.74 -9.77 5.76
C VAL A 209 11.71 -8.65 5.97
N GLN A 210 12.19 -7.45 6.39
CA GLN A 210 11.34 -6.27 6.59
C GLN A 210 11.78 -5.20 5.60
N VAL A 211 10.88 -4.79 4.70
CA VAL A 211 11.13 -3.74 3.72
C VAL A 211 10.35 -2.49 4.10
N THR A 212 10.89 -1.29 3.85
CA THR A 212 10.22 -0.05 4.24
C THR A 212 10.57 1.08 3.29
N PRO A 213 9.62 1.81 2.69
CA PRO A 213 9.97 2.91 1.81
C PRO A 213 10.36 4.21 2.50
N LEU A 214 11.67 4.46 2.58
CA LEU A 214 12.22 5.73 3.05
C LEU A 214 12.02 6.84 2.02
N SER A 215 12.07 8.08 2.51
CA SER A 215 11.96 9.28 1.70
C SER A 215 13.31 9.50 1.04
N SER A 216 13.26 9.95 -0.22
CA SER A 216 14.43 9.99 -1.08
C SER A 216 14.88 11.42 -1.34
N GLY A 217 13.94 12.36 -1.16
CA GLY A 217 14.21 13.77 -1.45
C GLY A 217 13.73 14.18 -2.85
N TYR A 218 13.58 13.24 -3.80
CA TYR A 218 13.20 13.55 -5.19
C TYR A 218 11.69 13.73 -5.30
N ALA A 219 11.15 13.88 -6.52
CA ALA A 219 9.75 14.23 -6.74
C ALA A 219 8.79 13.26 -6.07
N LEU A 220 7.58 13.78 -5.80
CA LEU A 220 6.58 13.21 -4.89
C LEU A 220 6.37 11.73 -5.15
N GLY A 221 6.48 10.85 -4.13
CA GLY A 221 6.38 9.42 -4.39
C GLY A 221 7.75 8.71 -4.53
N SER A 222 8.83 9.50 -4.51
CA SER A 222 10.17 8.97 -4.63
C SER A 222 10.54 8.29 -3.32
N SER A 223 10.78 6.99 -3.42
CA SER A 223 10.83 6.12 -2.28
C SER A 223 12.00 5.20 -2.49
N ASN A 224 13.15 5.55 -1.91
CA ASN A 224 14.23 4.58 -1.88
C ASN A 224 13.89 3.50 -0.83
N TRP A 225 14.40 2.26 -0.93
CA TRP A 225 13.94 1.21 -0.03
C TRP A 225 15.12 0.63 0.77
N ILE A 226 14.83 0.23 2.02
CA ILE A 226 15.78 -0.54 2.81
C ILE A 226 15.23 -1.95 3.09
N ILE A 227 16.00 -3.02 2.76
CA ILE A 227 15.63 -4.41 3.00
C ILE A 227 16.56 -5.01 4.06
N GLN A 228 16.07 -5.07 5.31
CA GLN A 228 16.83 -5.59 6.44
C GLN A 228 16.18 -6.85 7.01
N SER A 229 17.00 -7.63 7.75
CA SER A 229 16.64 -8.94 8.31
C SER A 229 17.13 -9.14 9.73
N HIS A 230 17.40 -8.04 10.45
CA HIS A 230 17.88 -8.07 11.84
C HIS A 230 19.40 -8.25 11.97
N TYR A 231 20.06 -8.48 10.83
CA TYR A 231 21.48 -8.77 10.77
C TYR A 231 22.10 -8.07 9.56
N GLU A 232 21.53 -8.28 8.36
CA GLU A 232 22.05 -7.62 7.16
C GLU A 232 21.05 -6.58 6.68
N LYS A 233 21.48 -5.32 6.55
CA LYS A 233 20.63 -4.28 5.98
C LYS A 233 21.08 -3.98 4.55
N VAL A 234 20.24 -4.30 3.57
CA VAL A 234 20.50 -3.97 2.18
C VAL A 234 19.64 -2.77 1.80
N SER A 235 20.25 -1.69 1.29
CA SER A 235 19.57 -0.45 0.99
C SER A 235 19.65 -0.09 -0.49
N TYR A 236 18.53 0.35 -1.06
CA TYR A 236 18.40 0.51 -2.50
C TYR A 236 18.14 1.99 -2.79
N VAL A 237 18.92 2.64 -3.65
CA VAL A 237 19.03 4.10 -3.60
C VAL A 237 18.76 4.70 -4.99
N SER A 238 17.48 4.78 -5.38
CA SER A 238 17.12 5.27 -6.71
C SER A 238 16.28 6.53 -6.64
N GLY A 239 16.36 7.43 -7.64
CA GLY A 239 15.65 8.72 -7.63
C GLY A 239 15.77 9.48 -6.30
N SER A 240 17.01 9.68 -5.84
CA SER A 240 17.15 10.11 -4.45
C SER A 240 17.86 11.46 -4.38
N SER A 241 17.37 12.40 -5.19
CA SER A 241 17.76 13.80 -5.14
C SER A 241 17.78 14.32 -3.72
N LEU A 242 18.82 15.10 -3.41
CA LEU A 242 19.04 15.53 -2.04
C LEU A 242 18.04 16.62 -1.71
N LEU A 243 18.31 17.78 -2.34
CA LEU A 243 17.45 18.94 -2.25
C LEU A 243 16.69 19.18 -3.54
N THR A 244 15.36 19.04 -3.44
CA THR A 244 14.35 19.46 -4.40
C THR A 244 13.19 20.07 -3.64
N THR A 245 13.45 21.08 -2.80
CA THR A 245 12.39 21.92 -2.24
C THR A 245 11.27 21.09 -1.60
N HIS A 246 10.07 21.13 -2.18
CA HIS A 246 8.82 20.70 -1.57
C HIS A 246 8.84 19.25 -1.06
N PRO A 247 9.14 18.20 -1.88
CA PRO A 247 9.13 16.80 -1.40
C PRO A 247 10.01 16.60 -0.15
N GLN A 248 9.58 15.72 0.77
CA GLN A 248 10.28 15.49 2.02
C GLN A 248 11.71 15.06 1.71
N PRO A 249 12.74 15.60 2.43
CA PRO A 249 14.14 15.39 2.05
C PRO A 249 14.67 13.96 2.20
N MET A 250 15.89 13.73 1.72
CA MET A 250 16.53 12.43 1.73
C MET A 250 16.87 11.96 3.16
N ASP A 251 16.50 10.72 3.51
CA ASP A 251 16.72 10.15 4.86
C ASP A 251 18.05 9.39 4.91
N GLN A 252 19.13 10.18 4.93
CA GLN A 252 20.47 9.65 5.00
C GLN A 252 20.68 8.80 6.27
N ALA A 253 20.16 9.29 7.41
CA ALA A 253 20.32 8.65 8.72
C ALA A 253 19.64 7.28 8.72
N SER A 254 18.47 7.17 8.07
CA SER A 254 17.76 5.90 7.96
C SER A 254 18.46 4.94 7.01
N LEU A 255 19.26 5.48 6.09
CA LEU A 255 20.03 4.69 5.14
C LEU A 255 21.42 4.37 5.69
N LYS A 256 21.73 4.79 6.93
CA LYS A 256 23.05 4.65 7.53
C LYS A 256 23.23 3.21 7.98
N ASN A 257 24.51 2.81 8.11
CA ASN A 257 24.93 1.52 8.61
C ASN A 257 24.20 0.39 7.91
N SER A 258 24.25 0.42 6.57
CA SER A 258 23.70 -0.60 5.69
C SER A 258 24.81 -1.51 5.21
N ASP A 259 24.63 -2.83 5.42
CA ASP A 259 25.62 -3.82 5.01
C ASP A 259 25.93 -3.69 3.53
N VAL A 260 24.88 -3.60 2.68
CA VAL A 260 25.08 -3.61 1.24
C VAL A 260 24.17 -2.58 0.58
N LEU A 261 24.77 -1.51 0.05
CA LEU A 261 24.06 -0.41 -0.59
C LEU A 261 24.04 -0.57 -2.10
N VAL A 262 22.86 -0.56 -2.68
CA VAL A 262 22.71 -0.53 -4.12
C VAL A 262 22.29 0.89 -4.49
N LEU A 263 23.12 1.56 -5.30
CA LEU A 263 22.81 2.90 -5.77
C LEU A 263 22.63 2.85 -7.27
N THR A 264 21.51 3.34 -7.78
CA THR A 264 21.26 3.18 -9.19
C THR A 264 20.78 4.47 -9.83
N GLY A 265 19.82 5.12 -9.21
CA GLY A 265 19.40 6.41 -9.70
C GLY A 265 20.52 7.42 -9.43
N LEU A 266 20.85 8.21 -10.47
CA LEU A 266 21.93 9.18 -10.36
C LEU A 266 21.78 10.13 -11.55
N THR A 267 22.46 11.30 -11.54
CA THR A 267 22.30 12.34 -12.59
C THR A 267 22.54 11.79 -14.00
N GLN A 268 21.60 12.03 -14.90
CA GLN A 268 21.75 11.64 -16.29
C GLN A 268 22.84 12.50 -16.92
N ILE A 269 22.85 13.79 -16.56
CA ILE A 269 23.88 14.77 -16.92
C ILE A 269 24.70 15.16 -15.69
N PRO A 270 26.00 14.83 -15.60
CA PRO A 270 26.83 15.17 -14.43
C PRO A 270 27.11 16.67 -14.24
N THR A 271 27.10 17.42 -15.36
CA THR A 271 27.29 18.86 -15.42
C THR A 271 25.91 19.57 -15.48
N ALA A 272 24.99 19.10 -14.64
CA ALA A 272 23.59 19.52 -14.61
C ALA A 272 23.46 21.01 -14.33
N ASN A 273 24.21 21.50 -13.36
CA ASN A 273 24.06 22.85 -12.82
C ASN A 273 22.58 23.23 -12.80
N PRO A 274 21.72 22.54 -12.01
CA PRO A 274 20.27 22.75 -12.06
C PRO A 274 19.76 24.19 -12.13
N ASP A 275 20.13 25.00 -11.13
CA ASP A 275 19.61 26.34 -10.92
C ASP A 275 19.87 27.24 -12.13
N GLY A 276 21.13 27.25 -12.58
CA GLY A 276 21.56 28.02 -13.73
C GLY A 276 20.72 27.73 -14.98
N MET A 277 20.49 26.43 -15.21
CA MET A 277 19.72 25.98 -16.35
C MET A 277 18.29 26.45 -16.25
N VAL A 278 17.69 26.43 -15.05
CA VAL A 278 16.33 26.94 -14.89
C VAL A 278 16.27 28.41 -15.34
N GLY A 279 17.22 29.21 -14.84
CA GLY A 279 17.34 30.61 -15.18
C GLY A 279 17.44 30.85 -16.69
N GLU A 280 18.34 30.09 -17.34
CA GLU A 280 18.59 30.21 -18.77
C GLU A 280 17.34 29.87 -19.52
N PHE A 281 16.71 28.78 -19.10
CA PHE A 281 15.46 28.36 -19.69
C PHE A 281 14.54 29.57 -19.84
N CYS A 282 14.43 30.35 -18.76
CA CYS A 282 13.31 31.29 -18.68
C CYS A 282 13.62 32.53 -19.50
N SER A 283 14.87 33.00 -19.39
CA SER A 283 15.47 33.95 -20.36
C SER A 283 15.07 33.58 -21.80
N ASN A 284 15.43 32.38 -22.24
CA ASN A 284 15.27 32.02 -23.65
C ASN A 284 13.82 32.13 -24.08
N LEU A 285 12.95 31.57 -23.23
CA LEU A 285 11.51 31.60 -23.45
C LEU A 285 11.10 33.06 -23.65
N ALA A 286 11.53 33.93 -22.71
CA ALA A 286 11.17 35.33 -22.68
C ALA A 286 11.59 36.00 -23.99
N LEU A 287 12.85 35.79 -24.37
CA LEU A 287 13.43 36.39 -25.56
C LEU A 287 12.56 36.12 -26.78
N THR A 288 12.22 34.84 -26.93
CA THR A 288 11.47 34.43 -28.10
C THR A 288 10.04 34.96 -28.08
N VAL A 289 9.36 34.97 -26.92
CA VAL A 289 8.01 35.52 -26.89
C VAL A 289 8.01 37.01 -27.19
N ARG A 290 9.11 37.71 -26.83
CA ARG A 290 9.29 39.13 -27.08
C ARG A 290 9.40 39.43 -28.57
N ASN A 291 10.18 38.63 -29.31
CA ASN A 291 10.33 38.80 -30.75
C ASN A 291 9.05 38.39 -31.47
N GLY A 292 8.15 37.70 -30.78
CA GLY A 292 6.85 37.35 -31.33
C GLY A 292 6.75 35.92 -31.87
N GLY A 293 7.88 35.21 -31.95
CA GLY A 293 7.88 33.79 -32.26
C GLY A 293 7.31 32.95 -31.11
N ASN A 294 6.87 31.74 -31.44
CA ASN A 294 6.22 30.86 -30.48
C ASN A 294 7.29 30.06 -29.74
N VAL A 295 6.88 29.39 -28.65
CA VAL A 295 7.75 28.56 -27.82
C VAL A 295 7.12 27.18 -27.65
N LEU A 296 7.91 26.13 -27.85
CA LEU A 296 7.46 24.77 -27.63
C LEU A 296 8.31 24.07 -26.56
N VAL A 297 7.63 23.51 -25.55
CA VAL A 297 8.34 22.77 -24.52
C VAL A 297 7.84 21.32 -24.48
N PRO A 298 8.69 20.34 -24.81
CA PRO A 298 8.39 18.92 -24.61
C PRO A 298 8.72 18.34 -23.22
N CYS A 299 7.66 18.12 -22.43
CA CYS A 299 7.84 17.72 -21.04
C CYS A 299 6.83 16.64 -20.66
N TYR A 300 7.03 16.04 -19.48
CA TYR A 300 6.18 14.99 -18.94
C TYR A 300 5.08 15.64 -18.09
N PRO A 301 4.11 14.86 -17.59
CA PRO A 301 3.04 15.40 -16.74
C PRO A 301 3.32 15.48 -15.24
N SER A 302 4.58 15.33 -14.77
CA SER A 302 4.89 15.53 -13.37
C SER A 302 6.38 15.79 -13.20
N GLY A 303 6.73 16.34 -12.03
CA GLY A 303 8.11 16.54 -11.64
C GLY A 303 8.67 17.85 -12.19
N VAL A 304 9.33 17.76 -13.34
CA VAL A 304 10.02 18.88 -13.95
C VAL A 304 9.01 19.95 -14.35
N ILE A 305 7.82 19.54 -14.82
CA ILE A 305 6.79 20.45 -15.33
C ILE A 305 6.46 21.52 -14.29
N TYR A 306 6.21 21.15 -13.03
CA TYR A 306 5.74 22.05 -12.00
C TYR A 306 6.84 23.00 -11.51
N ASP A 307 8.10 22.54 -11.46
CA ASP A 307 9.24 23.36 -11.09
C ASP A 307 9.48 24.47 -12.11
N LEU A 308 9.27 24.16 -13.40
CA LEU A 308 9.47 25.11 -14.48
C LEU A 308 8.32 26.10 -14.55
N LEU A 309 7.14 25.75 -14.04
CA LEU A 309 5.95 26.58 -14.12
C LEU A 309 6.04 27.72 -13.13
N GLU A 310 6.59 27.44 -11.92
CA GLU A 310 6.71 28.37 -10.79
C GLU A 310 7.72 29.47 -11.06
N CYS A 311 8.73 29.14 -11.87
CA CYS A 311 9.79 30.05 -12.27
C CYS A 311 9.30 30.98 -13.39
N LEU A 312 8.54 30.41 -14.34
CA LEU A 312 7.95 31.14 -15.45
C LEU A 312 7.03 32.25 -14.94
N TYR A 313 6.13 31.91 -13.99
CA TYR A 313 5.23 32.87 -13.36
C TYR A 313 6.02 34.02 -12.72
N GLN A 314 7.07 33.66 -11.96
CA GLN A 314 7.92 34.63 -11.29
C GLN A 314 8.58 35.59 -12.29
N TYR A 315 9.09 35.05 -13.41
CA TYR A 315 9.72 35.86 -14.46
C TYR A 315 8.72 36.80 -15.11
N ILE A 316 7.51 36.30 -15.36
CA ILE A 316 6.45 37.12 -15.92
C ILE A 316 6.11 38.28 -14.98
N ASP A 317 6.01 37.99 -13.68
CA ASP A 317 5.78 38.99 -12.62
C ASP A 317 6.89 40.06 -12.66
N SER A 318 8.12 39.60 -12.88
CA SER A 318 9.32 40.43 -12.88
C SER A 318 9.57 41.11 -14.24
N ALA A 319 9.09 40.51 -15.34
CA ALA A 319 9.32 41.00 -16.70
C ALA A 319 8.09 41.69 -17.27
N GLY A 320 6.93 41.51 -16.59
CA GLY A 320 5.61 41.94 -17.04
C GLY A 320 5.35 41.49 -18.49
N LEU A 321 5.60 40.19 -18.75
CA LEU A 321 5.39 39.58 -20.05
C LEU A 321 4.09 38.79 -20.02
N SER A 322 2.99 39.49 -19.75
CA SER A 322 1.69 38.84 -19.63
C SER A 322 1.04 38.78 -21.01
N SER A 323 -0.17 38.20 -21.04
CA SER A 323 -0.99 38.02 -22.24
C SER A 323 -0.34 37.08 -23.25
N VAL A 324 0.66 36.31 -22.80
CA VAL A 324 1.27 35.22 -23.55
C VAL A 324 0.69 33.93 -22.97
N PRO A 325 -0.29 33.31 -23.67
CA PRO A 325 -0.97 32.16 -23.09
C PRO A 325 -0.01 31.00 -22.86
N LEU A 326 0.08 30.55 -21.61
CA LEU A 326 0.80 29.35 -21.27
C LEU A 326 -0.14 28.17 -21.45
N TYR A 327 -0.26 27.63 -22.68
CA TYR A 327 -1.20 26.56 -23.01
C TYR A 327 -0.58 25.17 -22.82
N PHE A 328 -0.90 24.45 -21.75
CA PHE A 328 -0.46 23.07 -21.52
C PHE A 328 -1.42 22.09 -22.21
N ILE A 329 -0.95 21.30 -23.16
CA ILE A 329 -1.79 20.44 -23.95
C ILE A 329 -1.39 19.00 -23.66
N SER A 330 -2.26 18.24 -22.98
CA SER A 330 -2.07 16.82 -22.65
C SER A 330 -3.36 16.29 -22.05
N PRO A 331 -3.76 15.01 -22.31
CA PRO A 331 -5.01 14.45 -21.76
C PRO A 331 -5.18 14.49 -20.24
N VAL A 332 -4.08 14.20 -19.52
CA VAL A 332 -4.10 14.01 -18.09
C VAL A 332 -3.69 15.28 -17.33
N ALA A 333 -3.71 16.39 -18.08
CA ALA A 333 -3.40 17.70 -17.54
C ALA A 333 -4.36 17.98 -16.41
N ASN A 334 -5.62 17.60 -16.65
CA ASN A 334 -6.68 17.74 -15.66
C ASN A 334 -6.21 17.16 -14.33
N SER A 335 -5.90 15.86 -14.39
CA SER A 335 -5.40 15.05 -13.30
C SER A 335 -4.12 15.62 -12.71
N SER A 336 -3.18 16.05 -13.57
CA SER A 336 -1.89 16.53 -13.15
C SER A 336 -2.04 17.68 -12.14
N LEU A 337 -2.86 18.68 -12.50
CA LEU A 337 -3.10 19.85 -11.69
C LEU A 337 -3.83 19.45 -10.40
N GLU A 338 -4.74 18.45 -10.53
CA GLU A 338 -5.53 17.97 -9.41
C GLU A 338 -4.60 17.48 -8.29
N PHE A 339 -3.58 16.69 -8.66
CA PHE A 339 -2.60 16.13 -7.72
C PHE A 339 -1.77 17.22 -7.05
N SER A 340 -1.40 18.23 -7.83
CA SER A 340 -0.67 19.37 -7.32
C SER A 340 -1.48 20.04 -6.21
N GLN A 341 -2.81 20.20 -6.46
CA GLN A 341 -3.74 20.75 -5.47
C GLN A 341 -3.81 19.83 -4.24
N ILE A 342 -3.95 18.52 -4.46
CA ILE A 342 -4.10 17.51 -3.41
C ILE A 342 -2.87 17.47 -2.52
N PHE A 343 -1.68 17.54 -3.13
CA PHE A 343 -0.41 17.49 -2.42
C PHE A 343 0.28 18.86 -2.46
N LYS A 372 -1.41 31.91 -14.70
CA LYS A 372 -2.24 32.13 -15.92
C LYS A 372 -1.95 30.99 -16.89
N LEU A 373 -2.13 29.74 -16.40
CA LEU A 373 -1.89 28.54 -17.19
C LEU A 373 -3.23 27.85 -17.50
N LYS A 374 -3.48 27.62 -18.79
CA LYS A 374 -4.73 27.06 -19.28
C LYS A 374 -4.46 25.70 -19.93
N HIS A 375 -5.05 24.64 -19.38
CA HIS A 375 -4.78 23.26 -19.77
C HIS A 375 -5.98 22.70 -20.50
N TYR A 376 -5.72 22.02 -21.62
CA TYR A 376 -6.74 21.50 -22.53
C TYR A 376 -6.43 20.03 -22.82
N PRO A 377 -7.19 19.08 -22.24
CA PRO A 377 -7.05 17.64 -22.55
C PRO A 377 -7.10 17.24 -24.00
N SER A 378 -7.87 17.98 -24.79
CA SER A 378 -8.08 17.67 -26.18
C SER A 378 -7.48 18.77 -27.05
N ILE A 379 -6.59 18.38 -27.98
CA ILE A 379 -6.18 19.31 -29.08
C ILE A 379 -7.30 19.35 -30.10
N HIS A 380 -7.32 20.37 -30.96
CA HIS A 380 -8.41 20.52 -31.96
C HIS A 380 -9.76 20.58 -31.24
N GLY A 381 -9.81 21.27 -30.09
CA GLY A 381 -11.08 21.40 -29.32
C GLY A 381 -11.18 22.76 -28.66
N ASP A 382 -11.30 22.79 -27.33
CA ASP A 382 -11.18 24.03 -26.58
C ASP A 382 -9.94 24.80 -27.05
N PHE A 383 -8.88 24.04 -27.31
CA PHE A 383 -7.60 24.61 -27.69
C PHE A 383 -7.73 25.39 -29.01
N SER A 384 -8.39 24.77 -30.01
CA SER A 384 -8.48 25.31 -31.35
C SER A 384 -9.27 26.62 -31.34
N ASN A 385 -10.38 26.62 -30.59
CA ASN A 385 -11.25 27.78 -30.42
C ASN A 385 -10.50 28.93 -29.74
N ASP A 386 -9.67 28.61 -28.74
CA ASP A 386 -8.99 29.60 -27.90
C ASP A 386 -7.58 29.96 -28.41
N PHE A 387 -7.06 29.25 -29.42
CA PHE A 387 -5.68 29.43 -29.88
C PHE A 387 -5.38 30.90 -30.22
N ARG A 388 -4.25 31.44 -29.71
CA ARG A 388 -3.75 32.79 -29.95
C ARG A 388 -2.40 32.76 -30.66
N GLN A 389 -2.06 33.86 -31.34
CA GLN A 389 -0.97 33.90 -32.30
C GLN A 389 0.41 33.63 -31.67
N PRO A 390 0.78 34.18 -30.47
CA PRO A 390 1.97 33.78 -29.69
C PRO A 390 1.49 33.05 -28.42
N CYS A 391 2.35 32.16 -27.87
CA CYS A 391 2.00 31.24 -26.78
C CYS A 391 3.18 30.35 -26.44
N VAL A 392 3.11 29.66 -25.28
CA VAL A 392 4.13 28.74 -24.77
C VAL A 392 3.41 27.41 -24.53
N VAL A 393 3.61 26.41 -25.40
CA VAL A 393 2.83 25.19 -25.37
C VAL A 393 3.61 24.01 -24.80
N PHE A 394 3.21 23.49 -23.63
CA PHE A 394 3.87 22.35 -23.01
C PHE A 394 3.21 21.02 -23.41
N THR A 395 3.88 20.22 -24.23
CA THR A 395 3.22 19.21 -25.06
C THR A 395 3.41 17.78 -24.54
N GLY A 396 2.75 16.85 -25.25
CA GLY A 396 2.55 15.43 -24.96
C GLY A 396 3.77 14.64 -24.50
N HIS A 397 4.80 14.48 -25.37
CA HIS A 397 5.91 13.57 -25.01
C HIS A 397 7.28 14.10 -25.35
N PRO A 398 8.35 13.90 -24.52
CA PRO A 398 9.69 14.37 -24.87
C PRO A 398 10.41 13.54 -25.94
N SER A 399 9.92 12.34 -26.16
CA SER A 399 10.54 11.46 -27.13
C SER A 399 10.40 11.96 -28.56
N LEU A 400 9.30 12.62 -28.85
CA LEU A 400 8.99 13.27 -30.12
C LEU A 400 8.49 12.29 -31.17
N ARG A 401 8.27 11.04 -30.73
CA ARG A 401 7.77 9.99 -31.59
C ARG A 401 6.26 9.84 -31.44
N PHE A 402 5.77 9.74 -30.21
CA PHE A 402 4.38 9.44 -29.95
C PHE A 402 3.88 10.56 -29.05
N GLY A 403 2.78 11.20 -29.45
CA GLY A 403 2.21 12.31 -28.70
C GLY A 403 1.77 13.46 -29.60
N ASP A 404 1.61 14.66 -29.01
CA ASP A 404 1.04 15.85 -29.64
C ASP A 404 2.14 16.83 -30.04
N VAL A 405 3.29 16.70 -29.37
CA VAL A 405 4.52 17.42 -29.64
C VAL A 405 4.82 17.29 -31.13
N VAL A 406 4.66 16.09 -31.68
CA VAL A 406 5.02 15.80 -33.04
C VAL A 406 4.39 16.83 -33.98
N HIS A 407 3.07 16.98 -33.85
CA HIS A 407 2.25 17.80 -34.72
C HIS A 407 2.58 19.28 -34.57
N PHE A 408 2.74 19.75 -33.33
CA PHE A 408 3.08 21.15 -33.17
C PHE A 408 4.49 21.38 -33.70
N MET A 409 5.38 20.38 -33.55
CA MET A 409 6.75 20.50 -34.00
C MET A 409 6.77 20.79 -35.50
N GLU A 410 5.99 20.03 -36.26
CA GLU A 410 5.79 20.16 -37.69
C GLU A 410 5.32 21.56 -38.12
N LEU A 411 4.31 22.13 -37.42
CA LEU A 411 3.72 23.43 -37.70
C LEU A 411 4.73 24.55 -37.48
N TRP A 412 5.42 24.47 -36.35
CA TRP A 412 6.34 25.52 -36.02
C TRP A 412 7.74 25.28 -36.59
N GLY A 413 7.98 24.12 -37.19
CA GLY A 413 9.33 23.79 -37.67
C GLY A 413 9.88 24.81 -38.67
N LYS A 414 8.99 25.24 -39.57
CA LYS A 414 9.30 25.96 -40.79
C LYS A 414 9.51 27.46 -40.54
N SER A 415 9.38 27.89 -39.27
CA SER A 415 9.55 29.28 -38.86
C SER A 415 10.78 29.39 -37.97
N SER A 416 11.71 30.25 -38.39
CA SER A 416 12.93 30.49 -37.62
C SER A 416 12.61 31.07 -36.24
N LEU A 417 11.61 31.96 -36.23
CA LEU A 417 11.11 32.67 -35.07
C LEU A 417 10.86 31.72 -33.90
N ASN A 418 10.11 30.65 -34.20
CA ASN A 418 9.64 29.70 -33.19
C ASN A 418 10.81 28.89 -32.64
N THR A 419 10.85 28.67 -31.32
CA THR A 419 11.90 27.90 -30.65
C THR A 419 11.32 26.62 -30.05
N VAL A 420 12.19 25.66 -29.72
CA VAL A 420 11.88 24.44 -28.97
C VAL A 420 12.89 24.31 -27.85
N ILE A 421 12.43 24.15 -26.61
CA ILE A 421 13.35 23.96 -25.52
C ILE A 421 13.18 22.55 -24.97
N PHE A 422 14.28 21.78 -24.91
CA PHE A 422 14.28 20.44 -24.33
C PHE A 422 14.72 20.51 -22.87
N THR A 423 13.74 20.37 -21.99
CA THR A 423 13.95 20.45 -20.55
C THR A 423 14.30 19.08 -20.00
N GLU A 424 14.07 18.02 -20.81
CA GLU A 424 14.07 16.63 -20.36
C GLU A 424 15.42 15.93 -20.61
N PRO A 425 16.02 15.31 -19.57
CA PRO A 425 17.31 14.64 -19.75
C PRO A 425 17.24 13.25 -20.37
N ASP A 426 16.08 12.58 -20.20
CA ASP A 426 15.83 11.21 -20.58
C ASP A 426 16.33 10.95 -22.00
N PHE A 427 15.96 11.84 -22.91
CA PHE A 427 16.24 11.70 -24.33
C PHE A 427 17.35 12.67 -24.73
N SER A 428 18.36 12.16 -25.42
CA SER A 428 19.45 12.99 -25.90
C SER A 428 18.92 14.05 -26.87
N TYR A 429 19.51 15.26 -26.77
CA TYR A 429 19.23 16.42 -27.61
C TYR A 429 19.07 15.97 -29.06
N LEU A 430 20.01 15.12 -29.53
CA LEU A 430 20.33 14.94 -30.94
C LEU A 430 19.41 13.94 -31.60
N GLU A 431 18.73 13.08 -30.86
CA GLU A 431 17.88 12.09 -31.51
C GLU A 431 16.64 12.78 -32.06
N ALA A 432 16.01 13.61 -31.24
CA ALA A 432 14.87 14.37 -31.69
C ALA A 432 15.24 15.20 -32.92
N LEU A 433 16.36 15.91 -32.82
CA LEU A 433 16.83 16.69 -33.96
C LEU A 433 16.96 15.81 -35.21
N ALA A 434 17.40 14.55 -35.06
CA ALA A 434 17.74 13.67 -36.18
C ALA A 434 16.65 13.60 -37.28
N PRO A 435 15.40 13.09 -37.08
CA PRO A 435 14.43 12.97 -38.17
C PRO A 435 13.98 14.34 -38.66
N TYR A 436 13.92 15.32 -37.75
CA TYR A 436 13.47 16.66 -38.07
C TYR A 436 14.65 17.61 -38.28
N GLN A 437 15.80 17.10 -38.78
CA GLN A 437 17.05 17.84 -38.93
C GLN A 437 16.87 19.10 -39.77
N PRO A 438 16.13 19.10 -40.91
CA PRO A 438 15.91 20.33 -41.66
C PRO A 438 14.76 21.16 -41.05
N LEU A 439 14.99 21.73 -39.85
CA LEU A 439 14.03 22.54 -39.12
C LEU A 439 14.59 23.96 -38.95
N ALA A 440 13.71 24.95 -39.14
CA ALA A 440 14.12 26.35 -39.04
C ALA A 440 14.27 26.76 -37.57
N MET A 441 13.46 26.14 -36.69
CA MET A 441 13.30 26.53 -35.28
C MET A 441 14.67 26.66 -34.60
N LYS A 442 14.83 27.72 -33.81
CA LYS A 442 16.03 27.81 -32.99
C LYS A 442 15.94 26.71 -31.94
N CYS A 443 16.99 25.89 -31.83
CA CYS A 443 17.01 24.77 -30.89
C CYS A 443 17.85 25.12 -29.68
N ILE A 444 17.24 24.94 -28.50
CA ILE A 444 17.86 25.24 -27.23
C ILE A 444 17.78 23.99 -26.37
N TYR A 445 18.86 23.68 -25.62
CA TYR A 445 18.87 22.59 -24.65
C TYR A 445 19.01 23.19 -23.25
N CYS A 446 18.05 22.86 -22.36
CA CYS A 446 18.03 23.32 -20.97
C CYS A 446 17.69 22.18 -20.02
N PRO A 447 18.52 21.11 -19.95
CA PRO A 447 18.14 19.93 -19.19
C PRO A 447 18.41 20.14 -17.72
N ILE A 448 17.43 19.78 -16.88
CA ILE A 448 17.49 19.96 -15.45
C ILE A 448 17.21 18.63 -14.73
N ASP A 449 18.22 18.14 -13.99
CA ASP A 449 18.08 16.91 -13.22
C ASP A 449 18.40 17.24 -11.77
N THR A 450 17.42 16.99 -10.91
CA THR A 450 17.53 17.29 -9.50
C THR A 450 18.24 16.14 -8.78
N ARG A 451 18.33 14.94 -9.44
CA ARG A 451 18.91 13.72 -8.87
C ARG A 451 20.35 13.96 -8.39
N LEU A 452 20.75 13.29 -7.29
CA LEU A 452 22.06 13.46 -6.67
C LEU A 452 23.11 13.57 -7.75
N ASN A 453 24.05 14.52 -7.62
CA ASN A 453 25.22 14.66 -8.47
C ASN A 453 26.28 13.67 -8.02
N PHE A 454 27.40 13.52 -8.77
CA PHE A 454 28.38 12.54 -8.34
C PHE A 454 29.09 13.01 -7.09
N ILE A 455 29.33 14.31 -6.97
CA ILE A 455 29.87 14.86 -5.73
C ILE A 455 28.91 14.59 -4.56
N GLN A 456 27.61 14.78 -4.80
CA GLN A 456 26.59 14.54 -3.80
C GLN A 456 26.60 13.09 -3.36
N VAL A 457 26.69 12.15 -4.30
CA VAL A 457 26.73 10.71 -4.07
C VAL A 457 27.99 10.33 -3.30
N SER A 458 29.10 11.01 -3.59
CA SER A 458 30.36 10.79 -2.91
C SER A 458 30.33 11.21 -1.45
N LYS A 459 29.65 12.32 -1.18
CA LYS A 459 29.56 12.83 0.17
C LYS A 459 28.55 12.02 0.99
N LEU A 460 27.47 11.59 0.34
CA LEU A 460 26.45 10.72 0.91
C LEU A 460 27.08 9.45 1.47
N LEU A 461 27.97 8.84 0.68
CA LEU A 461 28.46 7.48 0.87
C LEU A 461 29.61 7.39 1.85
N LYS A 462 30.29 8.53 2.11
CA LYS A 462 31.29 8.59 3.16
C LYS A 462 30.62 8.38 4.51
N GLU A 463 29.52 9.11 4.72
CA GLU A 463 28.78 9.10 5.96
C GLU A 463 27.96 7.83 6.12
N VAL A 464 27.14 7.50 5.12
CA VAL A 464 26.28 6.32 5.21
C VAL A 464 27.12 5.09 5.56
N GLN A 465 28.35 5.05 4.99
CA GLN A 465 29.44 4.16 5.35
C GLN A 465 29.11 2.68 5.09
N PRO A 466 28.62 2.30 3.87
CA PRO A 466 28.30 0.89 3.56
C PRO A 466 29.47 0.07 3.00
N LEU A 467 29.52 -1.23 3.35
CA LEU A 467 30.70 -2.09 3.16
C LEU A 467 30.93 -2.50 1.72
N HIS A 468 29.83 -2.84 1.04
CA HIS A 468 29.93 -3.10 -0.38
C HIS A 468 28.80 -2.34 -1.05
N VAL A 469 29.07 -1.83 -2.25
CA VAL A 469 28.10 -1.07 -3.01
C VAL A 469 28.08 -1.62 -4.40
N VAL A 470 26.90 -1.75 -4.98
CA VAL A 470 26.75 -2.27 -6.34
C VAL A 470 26.10 -1.19 -7.16
N CYS A 471 26.66 -0.86 -8.32
CA CYS A 471 26.21 0.26 -9.13
C CYS A 471 26.70 -0.06 -10.52
N PRO A 472 25.97 0.39 -11.55
CA PRO A 472 26.31 0.04 -12.93
C PRO A 472 27.70 0.47 -13.40
N GLU A 473 28.17 -0.15 -14.49
CA GLU A 473 29.45 0.11 -15.12
C GLU A 473 29.56 1.58 -15.46
N GLN A 474 28.42 2.15 -15.86
CA GLN A 474 28.35 3.51 -16.32
C GLN A 474 28.97 4.44 -15.27
N TYR A 475 28.61 4.22 -14.01
CA TYR A 475 29.12 5.01 -12.92
C TYR A 475 30.58 4.69 -12.66
N THR A 476 30.97 3.42 -12.82
CA THR A 476 32.32 2.96 -12.51
C THR A 476 33.38 3.69 -13.32
N GLN A 477 33.11 3.86 -14.63
CA GLN A 477 34.05 4.50 -15.56
C GLN A 477 33.65 5.98 -15.69
N PRO A 478 34.55 6.91 -16.11
CA PRO A 478 34.14 8.29 -16.40
C PRO A 478 33.26 8.33 -17.66
N PRO A 479 32.36 9.33 -17.80
CA PRO A 479 31.37 9.32 -18.89
C PRO A 479 32.07 9.45 -20.25
N PRO A 480 31.52 8.83 -21.33
CA PRO A 480 32.19 8.78 -22.62
C PRO A 480 32.63 10.15 -23.13
N ALA A 481 31.73 11.14 -23.00
CA ALA A 481 31.86 12.53 -23.40
C ALA A 481 33.11 13.19 -22.81
N GLN A 482 33.25 13.08 -21.48
CA GLN A 482 34.28 13.84 -20.80
C GLN A 482 35.33 12.91 -20.19
N SER A 483 36.60 13.20 -20.51
CA SER A 483 37.86 12.66 -20.00
C SER A 483 38.00 12.70 -18.46
N HIS A 484 37.44 13.75 -17.85
CA HIS A 484 37.58 14.10 -16.43
C HIS A 484 37.04 13.05 -15.46
N ARG A 485 37.68 12.97 -14.29
CA ARG A 485 37.47 11.92 -13.30
C ARG A 485 36.35 12.24 -12.30
N MET A 486 35.13 12.44 -12.81
CA MET A 486 33.94 12.73 -12.02
C MET A 486 33.25 11.44 -11.55
N ASP A 487 33.75 10.29 -12.00
CA ASP A 487 33.13 8.97 -11.82
C ASP A 487 32.94 8.63 -10.34
N LEU A 488 31.98 7.75 -10.07
CA LEU A 488 31.60 7.33 -8.72
C LEU A 488 32.59 6.29 -8.22
N MET A 489 33.26 6.66 -7.12
CA MET A 489 34.29 5.84 -6.49
C MET A 489 34.03 5.71 -5.00
N ILE A 490 34.21 4.49 -4.46
CA ILE A 490 34.16 4.22 -3.03
C ILE A 490 35.43 3.46 -2.63
N ASP A 491 35.74 3.51 -1.34
CA ASP A 491 36.96 2.92 -0.78
C ASP A 491 37.02 1.41 -1.05
N CYS A 492 35.86 0.75 -1.08
CA CYS A 492 35.78 -0.69 -1.19
C CYS A 492 35.88 -1.18 -2.66
N GLN A 493 36.01 -0.25 -3.62
CA GLN A 493 36.12 -0.58 -5.04
C GLN A 493 34.89 -1.37 -5.51
N PRO A 494 33.73 -0.70 -5.70
CA PRO A 494 32.43 -1.39 -5.79
C PRO A 494 32.19 -2.17 -7.08
N PRO A 495 31.67 -3.42 -7.01
CA PRO A 495 31.28 -4.22 -8.20
C PRO A 495 30.36 -3.49 -9.15
N ALA A 496 30.73 -3.49 -10.44
CA ALA A 496 29.93 -2.83 -11.44
C ALA A 496 28.88 -3.81 -11.95
N MET A 497 27.60 -3.39 -12.04
CA MET A 497 26.54 -4.20 -12.63
C MET A 497 26.74 -4.19 -14.12
N SER A 498 25.87 -4.89 -14.84
CA SER A 498 25.79 -4.86 -16.30
C SER A 498 24.49 -5.58 -16.69
N TYR A 499 24.07 -5.50 -17.95
CA TYR A 499 22.95 -6.32 -18.38
C TYR A 499 23.34 -7.79 -18.28
N ARG A 500 22.36 -8.67 -18.03
CA ARG A 500 22.51 -10.13 -18.00
C ARG A 500 23.74 -10.53 -17.20
N ARG A 501 23.90 -9.92 -16.03
CA ARG A 501 25.05 -10.21 -15.19
C ARG A 501 24.58 -10.58 -13.79
N ALA A 502 24.74 -11.86 -13.41
CA ALA A 502 24.33 -12.30 -12.07
C ALA A 502 25.55 -12.27 -11.17
N GLU A 503 25.54 -11.30 -10.26
CA GLU A 503 26.71 -11.00 -9.48
C GLU A 503 26.40 -11.32 -8.02
N VAL A 504 27.31 -12.09 -7.39
CA VAL A 504 27.13 -12.57 -6.02
C VAL A 504 28.09 -11.81 -5.12
N LEU A 505 27.54 -11.06 -4.17
CA LEU A 505 28.36 -10.31 -3.24
C LEU A 505 28.76 -11.22 -2.08
N ALA A 506 29.81 -10.83 -1.34
CA ALA A 506 30.44 -11.68 -0.33
C ALA A 506 29.83 -11.54 1.07
N LEU A 507 28.59 -12.04 1.24
CA LEU A 507 27.94 -12.15 2.55
C LEU A 507 27.35 -13.54 2.74
N PRO A 508 27.81 -14.38 3.70
CA PRO A 508 26.99 -15.46 4.26
C PRO A 508 26.34 -15.04 5.58
N PHE A 509 25.07 -15.39 5.72
CA PHE A 509 24.33 -15.31 6.96
C PHE A 509 25.08 -16.14 8.02
N LYS A 510 25.35 -15.57 9.21
CA LYS A 510 26.08 -16.26 10.27
C LYS A 510 25.27 -16.54 11.54
N ARG A 511 24.35 -15.64 11.89
CA ARG A 511 23.51 -15.78 13.08
C ARG A 511 22.15 -15.19 12.76
N ARG A 512 21.07 -15.89 13.19
CA ARG A 512 19.66 -15.52 13.05
C ARG A 512 18.96 -15.56 14.40
N TYR A 513 17.97 -14.68 14.59
CA TYR A 513 17.23 -14.53 15.83
C TYR A 513 16.38 -15.77 16.13
N GLU A 514 16.08 -15.92 17.44
CA GLU A 514 15.16 -16.91 18.00
C GLU A 514 14.80 -16.48 19.43
N LYS A 515 13.52 -16.13 19.63
CA LYS A 515 12.99 -15.68 20.91
C LYS A 515 12.81 -16.88 21.83
N ILE A 516 12.77 -16.63 23.15
CA ILE A 516 12.63 -17.63 24.20
C ILE A 516 11.25 -17.47 24.85
N GLU A 517 10.68 -18.60 25.26
CA GLU A 517 9.33 -18.69 25.82
C GLU A 517 9.29 -18.02 27.19
N ILE A 518 8.09 -17.67 27.63
CA ILE A 518 7.85 -16.91 28.85
C ILE A 518 7.60 -17.88 30.01
N MET A 519 6.48 -18.60 29.99
CA MET A 519 5.99 -19.36 31.15
C MET A 519 6.83 -20.62 31.37
N PRO A 520 7.09 -21.44 30.31
CA PRO A 520 7.89 -22.65 30.46
C PRO A 520 9.42 -22.59 30.37
N GLU A 521 9.96 -21.82 29.41
CA GLU A 521 11.35 -21.98 28.98
C GLU A 521 12.30 -21.09 29.76
N LEU A 522 11.98 -19.80 29.87
CA LEU A 522 12.86 -18.79 30.42
C LEU A 522 13.54 -19.37 31.64
N ALA A 523 12.73 -19.87 32.59
CA ALA A 523 13.20 -20.43 33.85
C ALA A 523 14.33 -21.44 33.61
N ASP A 524 14.03 -22.53 32.88
CA ASP A 524 14.98 -23.62 32.73
C ASP A 524 16.24 -23.14 32.01
N SER A 525 16.09 -22.16 31.09
CA SER A 525 17.16 -21.60 30.27
C SER A 525 17.84 -20.39 30.90
N LEU A 526 17.46 -20.08 32.15
CA LEU A 526 18.11 -19.12 33.03
C LEU A 526 18.90 -19.89 34.09
N VAL A 527 19.91 -20.65 33.63
CA VAL A 527 20.78 -21.45 34.48
C VAL A 527 22.26 -21.15 34.17
N PRO A 528 22.75 -19.89 34.27
CA PRO A 528 24.12 -19.57 33.84
C PRO A 528 25.18 -20.04 34.83
N MET A 529 26.34 -20.48 34.31
CA MET A 529 27.47 -20.92 35.11
C MET A 529 28.71 -20.15 34.64
N GLU A 530 29.28 -19.37 35.55
CA GLU A 530 30.24 -18.34 35.18
C GLU A 530 31.64 -18.93 34.97
N ILE A 531 32.21 -18.65 33.79
CA ILE A 531 33.55 -19.09 33.41
C ILE A 531 34.50 -17.92 33.57
N LYS A 532 34.07 -16.76 33.02
CA LYS A 532 34.80 -15.51 32.99
C LYS A 532 33.95 -14.44 33.66
N PRO A 533 34.55 -13.27 34.02
CA PRO A 533 33.79 -12.13 34.56
C PRO A 533 32.67 -11.66 33.63
N GLY A 534 32.95 -11.64 32.32
CA GLY A 534 32.03 -11.08 31.35
C GLY A 534 31.39 -12.11 30.43
N ILE A 535 31.61 -13.40 30.72
CA ILE A 535 31.04 -14.49 29.94
C ILE A 535 30.35 -15.47 30.90
N SER A 536 29.16 -15.93 30.50
CA SER A 536 28.42 -16.95 31.22
C SER A 536 27.96 -18.02 30.25
N LEU A 537 27.55 -19.18 30.78
CA LEU A 537 27.15 -20.30 29.95
C LEU A 537 25.98 -21.05 30.57
N ALA A 538 24.94 -21.29 29.78
CA ALA A 538 23.75 -21.95 30.26
C ALA A 538 23.39 -23.09 29.33
N THR A 539 23.15 -24.29 29.86
CA THR A 539 22.70 -25.41 29.03
C THR A 539 21.22 -25.26 28.68
N VAL A 540 20.97 -25.09 27.38
CA VAL A 540 19.61 -24.87 26.93
C VAL A 540 19.14 -26.13 26.21
N SER A 541 18.07 -26.72 26.74
CA SER A 541 17.34 -27.81 26.11
C SER A 541 15.90 -27.38 25.95
N ALA A 542 15.37 -27.46 24.72
CA ALA A 542 13.97 -27.15 24.47
C ALA A 542 13.54 -27.81 23.18
N VAL A 543 12.36 -27.44 22.66
CA VAL A 543 11.91 -27.89 21.35
C VAL A 543 11.38 -26.70 20.58
N LEU A 544 11.63 -26.70 19.25
CA LEU A 544 11.37 -25.53 18.43
C LEU A 544 10.15 -25.74 17.52
N HIS A 545 9.18 -24.82 17.61
CA HIS A 545 8.10 -24.68 16.66
C HIS A 545 8.45 -23.57 15.68
N THR A 546 8.49 -23.92 14.39
CA THR A 546 8.83 -23.01 13.32
C THR A 546 7.54 -22.42 12.74
N LYS A 547 6.84 -21.55 13.48
CA LYS A 547 5.55 -21.04 13.03
C LYS A 547 5.69 -19.76 12.23
N ASP A 548 5.20 -19.79 10.98
CA ASP A 548 5.20 -18.68 10.02
C ASP A 548 6.57 -18.03 9.93
N ASN A 549 7.57 -18.92 9.83
CA ASN A 549 8.98 -18.62 9.61
C ASN A 549 9.57 -17.84 10.80
N LYS A 550 9.11 -18.10 12.01
CA LYS A 550 9.67 -17.51 13.21
C LYS A 550 9.99 -18.61 14.21
N HIS A 551 10.98 -18.34 15.09
CA HIS A 551 11.59 -19.40 15.89
C HIS A 551 11.35 -19.15 17.37
N LEU A 552 10.87 -20.19 18.07
CA LEU A 552 10.51 -20.16 19.49
C LEU A 552 10.84 -21.50 20.14
N LEU A 553 11.77 -21.49 21.11
CA LEU A 553 12.23 -22.69 21.79
C LEU A 553 11.58 -22.70 23.19
N GLN A 554 10.94 -23.83 23.55
CA GLN A 554 10.19 -24.01 24.80
C GLN A 554 10.24 -25.46 25.28
N PRO A 555 10.43 -25.79 26.59
CA PRO A 555 10.76 -27.17 27.00
C PRO A 555 9.57 -28.10 26.74
N PRO A 556 9.79 -29.35 26.26
CA PRO A 556 8.68 -30.30 26.07
C PRO A 556 8.21 -31.03 27.34
N LYS B 51 23.54 -27.54 -37.59
CA LYS B 51 24.24 -26.50 -36.78
C LYS B 51 24.52 -27.02 -35.36
N SER B 52 24.07 -28.24 -35.06
CA SER B 52 23.99 -28.80 -33.71
C SER B 52 25.37 -28.89 -33.04
N ALA B 53 26.38 -29.27 -33.83
CA ALA B 53 27.73 -29.53 -33.35
C ALA B 53 28.56 -28.25 -33.20
N ALA B 54 28.15 -27.18 -33.88
CA ALA B 54 28.77 -25.86 -33.77
C ALA B 54 28.44 -25.28 -32.41
N LEU B 55 27.18 -25.46 -32.01
CA LEU B 55 26.61 -24.96 -30.77
C LEU B 55 27.37 -25.55 -29.59
N HIS B 56 27.66 -26.86 -29.73
CA HIS B 56 28.45 -27.66 -28.81
C HIS B 56 29.75 -26.94 -28.48
N ILE B 57 30.50 -26.62 -29.53
CA ILE B 57 31.81 -25.98 -29.49
C ILE B 57 31.73 -24.59 -28.84
N ASP B 58 30.71 -23.80 -29.19
CA ASP B 58 30.56 -22.43 -28.69
C ASP B 58 30.42 -22.41 -27.17
N LEU B 59 29.70 -23.39 -26.62
CA LEU B 59 29.34 -23.46 -25.20
C LEU B 59 30.56 -23.58 -24.29
N CYS B 60 31.56 -24.41 -24.67
CA CYS B 60 32.79 -24.66 -23.92
C CYS B 60 33.82 -23.55 -24.09
N LYS B 61 33.87 -22.93 -25.28
CA LYS B 61 34.80 -21.88 -25.65
C LYS B 61 34.60 -20.58 -24.86
N ALA B 62 33.56 -20.52 -24.00
CA ALA B 62 33.29 -19.37 -23.16
C ALA B 62 34.52 -19.04 -22.32
N THR B 63 34.89 -17.75 -22.33
CA THR B 63 36.08 -17.26 -21.66
C THR B 63 35.91 -17.28 -20.15
N SER B 64 34.75 -16.81 -19.67
CA SER B 64 34.43 -16.61 -18.26
C SER B 64 33.07 -17.23 -17.94
N PRO B 65 32.71 -17.45 -16.65
CA PRO B 65 31.39 -17.95 -16.26
C PRO B 65 30.20 -17.18 -16.80
N ALA B 66 30.34 -15.86 -16.88
CA ALA B 66 29.24 -14.97 -17.24
C ALA B 66 29.14 -14.76 -18.75
N ASP B 67 30.20 -15.16 -19.47
CA ASP B 67 30.19 -15.25 -20.93
C ASP B 67 29.29 -16.39 -21.34
N ALA B 68 29.46 -17.53 -20.68
CA ALA B 68 28.65 -18.71 -20.92
C ALA B 68 27.18 -18.38 -20.72
N LEU B 69 26.91 -17.63 -19.65
CA LEU B 69 25.56 -17.28 -19.25
C LEU B 69 24.81 -16.58 -20.38
N GLN B 70 25.44 -15.55 -20.98
CA GLN B 70 24.87 -14.70 -22.01
C GLN B 70 24.59 -15.47 -23.28
N TYR B 71 25.53 -16.35 -23.66
CA TYR B 71 25.37 -17.12 -24.87
C TYR B 71 24.12 -17.99 -24.79
N LEU B 72 23.95 -18.63 -23.62
CA LEU B 72 22.79 -19.48 -23.38
C LEU B 72 21.55 -18.61 -23.52
N LEU B 73 21.63 -17.40 -22.94
CA LEU B 73 20.50 -16.49 -22.95
C LEU B 73 20.12 -16.16 -24.39
N GLN B 74 21.13 -15.87 -25.22
CA GLN B 74 20.92 -15.50 -26.60
C GLN B 74 20.30 -16.66 -27.38
N PHE B 75 20.77 -17.88 -27.12
CA PHE B 75 20.25 -19.06 -27.77
C PHE B 75 18.76 -19.26 -27.42
N ALA B 76 18.40 -18.94 -26.19
CA ALA B 76 17.01 -19.01 -25.73
C ALA B 76 16.07 -18.30 -26.71
N ARG B 77 16.57 -17.22 -27.33
CA ARG B 77 15.73 -16.31 -28.10
C ARG B 77 15.61 -16.74 -29.56
N LYS B 78 16.32 -17.79 -29.97
CA LYS B 78 16.18 -18.40 -31.30
C LYS B 78 15.44 -19.73 -31.16
N PRO B 79 14.33 -19.97 -31.88
CA PRO B 79 13.55 -21.20 -31.70
C PRO B 79 14.23 -22.40 -32.36
N VAL B 80 13.89 -23.60 -31.86
CA VAL B 80 14.54 -24.85 -32.21
C VAL B 80 13.44 -25.84 -32.63
N GLU B 81 13.67 -26.54 -33.75
CA GLU B 81 12.79 -27.52 -34.38
C GLU B 81 12.94 -28.89 -33.71
N ALA B 82 12.14 -29.88 -34.12
CA ALA B 82 12.00 -31.17 -33.44
C ALA B 82 13.34 -31.89 -33.20
N GLU B 83 14.21 -31.93 -34.22
CA GLU B 83 15.39 -32.80 -34.25
C GLU B 83 16.62 -32.09 -33.71
N SER B 84 16.62 -30.76 -33.82
CA SER B 84 17.66 -29.92 -33.25
C SER B 84 17.46 -29.76 -31.73
N VAL B 85 16.22 -29.82 -31.25
CA VAL B 85 15.87 -29.80 -29.82
C VAL B 85 16.44 -31.06 -29.16
N GLU B 86 16.38 -32.21 -29.84
CA GLU B 86 17.04 -33.41 -29.33
C GLU B 86 18.55 -33.18 -29.26
N GLY B 87 19.12 -32.53 -30.27
CA GLY B 87 20.54 -32.25 -30.35
C GLY B 87 21.05 -31.48 -29.14
N VAL B 88 20.39 -30.35 -28.88
CA VAL B 88 20.82 -29.33 -27.94
C VAL B 88 20.58 -29.80 -26.51
N VAL B 89 19.44 -30.47 -26.25
CA VAL B 89 19.20 -31.05 -24.94
C VAL B 89 20.44 -31.82 -24.48
N ARG B 90 20.90 -32.77 -25.30
CA ARG B 90 22.02 -33.60 -24.92
C ARG B 90 23.24 -32.75 -24.58
N ILE B 91 23.58 -31.86 -25.50
CA ILE B 91 24.74 -31.00 -25.35
C ILE B 91 24.68 -30.19 -24.05
N LEU B 92 23.48 -29.67 -23.75
CA LEU B 92 23.27 -28.78 -22.63
C LEU B 92 23.33 -29.52 -21.31
N LEU B 93 22.98 -30.82 -21.33
CA LEU B 93 23.14 -31.71 -20.19
C LEU B 93 24.62 -31.95 -19.92
N GLU B 94 25.37 -32.20 -21.01
CA GLU B 94 26.79 -32.47 -20.91
C GLU B 94 27.48 -31.29 -20.23
N HIS B 95 27.16 -30.06 -20.69
CA HIS B 95 27.77 -28.85 -20.16
C HIS B 95 27.44 -28.69 -18.69
N TYR B 96 26.18 -28.99 -18.32
CA TYR B 96 25.66 -28.90 -16.96
C TYR B 96 26.50 -29.73 -15.99
N TYR B 97 26.89 -30.93 -16.43
CA TYR B 97 27.71 -31.80 -15.60
C TYR B 97 29.01 -31.10 -15.17
N LYS B 98 29.70 -30.47 -16.12
CA LYS B 98 31.08 -30.00 -16.06
C LYS B 98 31.22 -28.54 -15.56
N GLU B 99 30.10 -27.86 -15.31
CA GLU B 99 30.12 -26.44 -15.00
C GLU B 99 29.87 -26.22 -13.51
N ASN B 100 30.71 -25.39 -12.89
CA ASN B 100 30.78 -25.29 -11.44
C ASN B 100 30.05 -24.08 -10.89
N ASP B 101 29.54 -23.21 -11.78
CA ASP B 101 28.79 -22.04 -11.34
C ASP B 101 27.29 -22.24 -11.45
N PRO B 102 26.54 -21.88 -10.39
CA PRO B 102 25.10 -22.17 -10.34
C PRO B 102 24.33 -21.35 -11.36
N SER B 103 24.68 -20.07 -11.46
CA SER B 103 24.06 -19.13 -12.37
C SER B 103 23.78 -19.83 -13.70
N VAL B 104 24.84 -20.38 -14.30
CA VAL B 104 24.78 -21.04 -15.59
C VAL B 104 23.99 -22.33 -15.53
N ARG B 105 24.08 -23.05 -14.41
CA ARG B 105 23.36 -24.31 -14.28
C ARG B 105 21.87 -24.00 -14.38
N LEU B 106 21.44 -22.90 -13.75
CA LEU B 106 20.05 -22.51 -13.61
C LEU B 106 19.41 -22.28 -14.98
N LYS B 107 20.08 -21.53 -15.85
CA LYS B 107 19.62 -21.21 -17.19
C LYS B 107 19.62 -22.43 -18.10
N ILE B 108 20.64 -23.27 -17.89
CA ILE B 108 20.71 -24.54 -18.60
C ILE B 108 19.40 -25.26 -18.34
N ALA B 109 18.95 -25.22 -17.08
CA ALA B 109 17.69 -25.85 -16.69
C ALA B 109 16.50 -25.16 -17.36
N SER B 110 16.51 -23.83 -17.40
CA SER B 110 15.43 -23.11 -18.05
C SER B 110 15.33 -23.49 -19.54
N LEU B 111 16.50 -23.52 -20.20
CA LEU B 111 16.62 -23.91 -21.60
C LEU B 111 16.03 -25.29 -21.81
N LEU B 112 16.35 -26.18 -20.87
CA LEU B 112 15.88 -27.56 -20.91
C LEU B 112 14.37 -27.62 -20.92
N GLY B 113 13.77 -26.83 -20.02
CA GLY B 113 12.31 -26.72 -19.97
C GLY B 113 11.69 -26.23 -21.28
N LEU B 114 12.31 -25.19 -21.84
CA LEU B 114 11.84 -24.59 -23.08
C LEU B 114 11.87 -25.66 -24.18
N LEU B 115 12.95 -26.45 -24.21
CA LEU B 115 13.13 -27.49 -25.23
C LEU B 115 12.11 -28.61 -25.04
N SER B 116 11.79 -28.91 -23.77
CA SER B 116 10.74 -29.88 -23.44
C SER B 116 9.39 -29.48 -24.04
N LYS B 117 9.11 -28.16 -24.05
CA LYS B 117 7.81 -27.62 -24.42
C LYS B 117 7.59 -27.54 -25.94
N THR B 118 8.56 -28.00 -26.75
CA THR B 118 8.56 -27.87 -28.21
C THR B 118 7.51 -28.82 -28.78
N ALA B 119 6.64 -28.30 -29.67
CA ALA B 119 5.50 -29.00 -30.27
C ALA B 119 5.92 -30.34 -30.89
N GLY B 120 6.94 -30.28 -31.75
CA GLY B 120 7.46 -31.44 -32.46
C GLY B 120 8.11 -32.44 -31.52
N PHE B 121 8.93 -31.94 -30.59
CA PHE B 121 9.67 -32.74 -29.60
C PHE B 121 8.73 -33.58 -28.75
N SER B 122 9.16 -34.84 -28.52
CA SER B 122 8.67 -35.81 -27.55
C SER B 122 9.76 -36.06 -26.49
N PRO B 123 9.50 -35.75 -25.19
CA PRO B 123 10.53 -35.83 -24.16
C PRO B 123 10.72 -37.24 -23.61
N ASP B 124 11.37 -38.07 -24.44
CA ASP B 124 11.71 -39.45 -24.13
C ASP B 124 13.21 -39.61 -24.30
N CYS B 125 13.79 -40.48 -23.46
CA CYS B 125 15.20 -40.86 -23.46
C CYS B 125 16.04 -39.84 -22.69
N ILE B 126 15.38 -38.81 -22.13
CA ILE B 126 16.04 -37.73 -21.41
C ILE B 126 15.26 -37.32 -20.16
N MET B 127 14.23 -38.09 -19.82
CA MET B 127 13.58 -37.91 -18.52
C MET B 127 14.43 -38.60 -17.46
N ASP B 128 14.97 -39.78 -17.81
CA ASP B 128 15.85 -40.55 -16.96
C ASP B 128 17.08 -39.73 -16.58
N ASP B 129 17.67 -39.04 -17.57
CA ASP B 129 18.82 -38.17 -17.38
C ASP B 129 18.49 -37.06 -16.37
N ALA B 130 17.33 -36.43 -16.57
CA ALA B 130 16.85 -35.39 -15.69
C ALA B 130 16.76 -35.91 -14.23
N ILE B 131 16.14 -37.08 -14.07
CA ILE B 131 15.96 -37.68 -12.75
C ILE B 131 17.33 -37.94 -12.11
N ASN B 132 18.28 -38.44 -12.91
CA ASN B 132 19.62 -38.75 -12.46
C ASN B 132 20.31 -37.50 -11.93
N ILE B 133 20.22 -36.40 -12.68
CA ILE B 133 20.82 -35.14 -12.25
C ILE B 133 20.18 -34.57 -10.99
N LEU B 134 18.88 -34.82 -10.81
CA LEU B 134 18.16 -34.37 -9.63
C LEU B 134 18.80 -34.92 -8.36
N GLN B 135 19.06 -36.24 -8.34
CA GLN B 135 19.60 -36.99 -7.23
C GLN B 135 20.93 -36.42 -6.74
N ASN B 136 21.77 -35.98 -7.67
CA ASN B 136 23.12 -35.48 -7.46
C ASN B 136 23.21 -34.01 -7.84
N GLU B 137 22.31 -33.18 -7.27
CA GLU B 137 22.36 -31.73 -7.33
C GLU B 137 22.14 -31.18 -5.94
N LYS B 138 22.57 -29.92 -5.73
CA LYS B 138 23.22 -29.46 -4.52
C LYS B 138 22.80 -28.05 -4.11
N SER B 139 22.24 -27.24 -5.04
CA SER B 139 21.70 -25.91 -4.73
C SER B 139 20.20 -25.90 -4.98
N HIS B 140 19.42 -25.33 -4.04
CA HIS B 140 17.99 -25.53 -4.03
C HIS B 140 17.31 -24.85 -5.22
N GLN B 141 17.83 -23.69 -5.66
CA GLN B 141 17.23 -22.93 -6.73
C GLN B 141 17.24 -23.76 -8.00
N VAL B 142 18.40 -24.30 -8.34
CA VAL B 142 18.59 -25.07 -9.56
C VAL B 142 17.67 -26.28 -9.55
N LEU B 143 17.57 -26.96 -8.40
CA LEU B 143 16.74 -28.14 -8.25
C LEU B 143 15.29 -27.78 -8.50
N ALA B 144 14.84 -26.64 -7.95
CA ALA B 144 13.48 -26.19 -8.14
C ALA B 144 13.17 -25.93 -9.61
N GLN B 145 14.12 -25.30 -10.30
CA GLN B 145 13.98 -25.04 -11.72
C GLN B 145 13.88 -26.36 -12.50
N LEU B 146 14.69 -27.34 -12.13
CA LEU B 146 14.68 -28.63 -12.79
C LEU B 146 13.35 -29.32 -12.54
N LEU B 147 12.79 -29.20 -11.32
CA LEU B 147 11.49 -29.76 -10.96
C LEU B 147 10.40 -29.13 -11.84
N ASP B 148 10.54 -27.82 -12.09
CA ASP B 148 9.62 -27.10 -12.95
C ASP B 148 9.67 -27.67 -14.37
N THR B 149 10.89 -27.92 -14.86
CA THR B 149 11.11 -28.54 -16.15
C THR B 149 10.43 -29.91 -16.20
N LEU B 150 10.57 -30.67 -15.11
CA LEU B 150 10.01 -31.99 -14.98
C LEU B 150 8.49 -31.91 -15.07
N LEU B 151 7.88 -30.91 -14.42
CA LEU B 151 6.43 -30.69 -14.49
C LEU B 151 5.99 -30.39 -15.91
N ALA B 152 6.78 -29.56 -16.59
CA ALA B 152 6.51 -29.25 -17.97
C ALA B 152 6.51 -30.51 -18.82
N ILE B 153 7.50 -31.38 -18.57
CA ILE B 153 7.68 -32.63 -19.30
C ILE B 153 6.48 -33.55 -19.06
N GLY B 154 6.04 -33.63 -17.79
CA GLY B 154 4.93 -34.44 -17.36
C GLY B 154 3.64 -34.12 -18.11
N THR B 155 3.33 -32.82 -18.21
CA THR B 155 2.12 -32.37 -18.89
C THR B 155 2.20 -32.50 -20.41
N LYS B 156 3.43 -32.50 -20.95
CA LYS B 156 3.68 -32.51 -22.38
C LYS B 156 3.15 -33.80 -23.00
N LEU B 157 3.41 -34.95 -22.34
CA LEU B 157 2.94 -36.25 -22.77
C LEU B 157 2.03 -36.86 -21.69
N PRO B 158 0.72 -37.13 -21.98
CA PRO B 158 -0.17 -37.81 -21.03
C PRO B 158 -0.14 -39.33 -21.15
N GLU B 159 0.94 -39.95 -20.65
CA GLU B 159 1.11 -41.39 -20.53
C GLU B 159 1.18 -41.73 -19.03
N ASN B 160 0.47 -42.79 -18.62
CA ASN B 160 0.26 -43.06 -17.21
C ASN B 160 1.57 -43.39 -16.48
N GLN B 161 2.48 -44.14 -17.10
CA GLN B 161 3.64 -44.73 -16.43
C GLN B 161 4.67 -43.68 -16.00
N ALA B 162 5.11 -42.91 -16.99
CA ALA B 162 6.16 -41.90 -16.82
C ALA B 162 5.73 -40.84 -15.82
N ILE B 163 4.45 -40.46 -15.88
CA ILE B 163 3.84 -39.47 -14.99
C ILE B 163 4.02 -39.93 -13.54
N GLN B 164 3.70 -41.20 -13.28
CA GLN B 164 3.78 -41.79 -11.96
C GLN B 164 5.21 -41.79 -11.46
N MET B 165 6.15 -42.13 -12.36
CA MET B 165 7.57 -42.11 -12.02
C MET B 165 7.94 -40.72 -11.52
N ARG B 166 7.55 -39.71 -12.32
CA ARG B 166 7.85 -38.31 -12.05
C ARG B 166 7.30 -37.91 -10.70
N LEU B 167 6.06 -38.33 -10.41
CA LEU B 167 5.37 -38.03 -9.16
C LEU B 167 6.16 -38.57 -7.97
N VAL B 168 6.63 -39.82 -8.06
CA VAL B 168 7.42 -40.44 -7.00
C VAL B 168 8.70 -39.64 -6.77
N ASP B 169 9.37 -39.28 -7.87
CA ASP B 169 10.60 -38.49 -7.84
C ASP B 169 10.37 -37.22 -7.05
N VAL B 170 9.21 -36.59 -7.30
CA VAL B 170 8.91 -35.31 -6.68
C VAL B 170 8.44 -35.47 -5.23
N ALA B 171 7.87 -36.61 -4.86
CA ALA B 171 7.62 -36.89 -3.44
C ALA B 171 8.96 -36.93 -2.69
N CYS B 172 9.96 -37.57 -3.32
CA CYS B 172 11.29 -37.58 -2.78
C CYS B 172 11.78 -36.14 -2.61
N LYS B 173 11.61 -35.31 -3.66
CA LYS B 173 12.13 -33.96 -3.59
C LYS B 173 11.26 -33.08 -2.69
N HIS B 174 10.05 -33.54 -2.32
CA HIS B 174 9.12 -32.83 -1.45
C HIS B 174 9.61 -32.72 0.00
N LEU B 175 10.50 -33.61 0.39
CA LEU B 175 10.88 -33.69 1.79
C LEU B 175 12.02 -32.73 2.10
N THR B 176 12.51 -32.00 1.08
CA THR B 176 13.61 -31.04 1.13
C THR B 176 13.33 -30.00 2.20
N ASP B 177 14.43 -29.56 2.81
CA ASP B 177 14.45 -28.88 4.10
C ASP B 177 15.02 -27.48 3.91
N THR B 178 14.49 -26.56 4.70
CA THR B 178 14.81 -25.14 4.71
C THR B 178 14.96 -24.61 3.28
N SER B 179 14.22 -25.24 2.36
CA SER B 179 14.06 -24.81 0.97
C SER B 179 12.57 -24.56 0.76
N HIS B 180 12.14 -23.29 0.88
CA HIS B 180 10.75 -22.91 0.71
C HIS B 180 10.37 -23.28 -0.70
N GLY B 181 11.31 -23.22 -1.67
CA GLY B 181 10.98 -23.31 -3.08
C GLY B 181 10.93 -24.73 -3.67
N VAL B 182 11.79 -25.62 -3.17
CA VAL B 182 11.68 -26.98 -3.66
C VAL B 182 10.31 -27.46 -3.17
N ARG B 183 9.96 -27.11 -1.94
CA ARG B 183 8.73 -27.61 -1.36
C ARG B 183 7.60 -27.17 -2.25
N ASN B 184 7.48 -25.87 -2.58
CA ASN B 184 6.38 -25.34 -3.37
C ASN B 184 6.28 -26.02 -4.73
N LYS B 185 7.43 -26.17 -5.43
CA LYS B 185 7.48 -26.78 -6.75
C LYS B 185 6.94 -28.21 -6.69
N CYS B 186 7.35 -28.92 -5.65
CA CYS B 186 6.95 -30.30 -5.43
C CYS B 186 5.44 -30.36 -5.25
N LEU B 187 4.88 -29.49 -4.40
CA LEU B 187 3.45 -29.51 -4.20
C LEU B 187 2.80 -29.35 -5.55
N GLN B 188 3.26 -28.35 -6.33
CA GLN B 188 2.65 -28.03 -7.62
C GLN B 188 2.65 -29.30 -8.47
N LEU B 189 3.81 -29.96 -8.60
CA LEU B 189 3.94 -31.10 -9.50
C LEU B 189 3.06 -32.26 -9.05
N LEU B 190 3.03 -32.55 -7.74
CA LEU B 190 2.18 -33.62 -7.20
C LEU B 190 0.77 -33.37 -7.69
N GLY B 191 0.30 -32.16 -7.38
CA GLY B 191 -1.03 -31.70 -7.79
C GLY B 191 -1.30 -31.91 -9.27
N ASN B 192 -0.32 -31.56 -10.12
CA ASN B 192 -0.46 -31.56 -11.56
C ASN B 192 -0.47 -32.99 -12.11
N LEU B 193 0.38 -33.90 -11.64
CA LEU B 193 0.54 -35.19 -12.30
C LEU B 193 -0.30 -36.27 -11.60
N GLY B 194 -1.08 -35.85 -10.60
CA GLY B 194 -1.69 -36.77 -9.64
C GLY B 194 -2.73 -37.73 -10.20
N SER B 195 -3.02 -38.78 -9.41
CA SER B 195 -3.97 -39.86 -9.70
C SER B 195 -5.45 -39.46 -9.77
N LEU B 196 -6.15 -40.11 -10.75
CA LEU B 196 -7.58 -40.12 -11.02
C LEU B 196 -8.07 -38.69 -11.28
N ARG B 210 -5.36 -40.84 -3.64
CA ARG B 210 -5.57 -40.99 -2.17
C ARG B 210 -4.29 -40.68 -1.41
N ASP B 211 -3.19 -41.36 -1.79
CA ASP B 211 -1.89 -41.18 -1.17
C ASP B 211 -1.46 -39.73 -1.36
N VAL B 212 -1.65 -39.22 -2.58
CA VAL B 212 -1.33 -37.85 -2.95
C VAL B 212 -2.03 -36.88 -2.00
N GLN B 213 -3.34 -37.09 -1.80
CA GLN B 213 -4.20 -36.23 -0.98
C GLN B 213 -3.71 -36.22 0.45
N LYS B 214 -3.39 -37.42 0.95
CA LYS B 214 -2.90 -37.60 2.30
C LYS B 214 -1.58 -36.84 2.48
N ILE B 215 -0.69 -36.93 1.48
CA ILE B 215 0.61 -36.28 1.51
C ILE B 215 0.42 -34.76 1.70
N ILE B 216 -0.52 -34.20 0.94
CA ILE B 216 -0.62 -32.75 0.85
C ILE B 216 -0.96 -32.10 2.21
N GLY B 217 -1.69 -32.80 3.08
CA GLY B 217 -1.98 -32.30 4.40
C GLY B 217 -0.75 -32.07 5.28
N ASP B 218 0.27 -32.92 5.11
CA ASP B 218 1.52 -32.74 5.84
C ASP B 218 2.00 -31.30 5.68
N TYR B 219 2.03 -30.84 4.41
CA TYR B 219 2.55 -29.53 4.06
C TYR B 219 1.51 -28.44 4.23
N PHE B 220 0.22 -28.81 4.42
CA PHE B 220 -0.77 -27.87 4.96
C PHE B 220 -0.23 -27.17 6.21
N SER B 221 0.25 -27.97 7.14
CA SER B 221 0.87 -27.39 8.32
C SER B 221 2.37 -27.30 8.09
N ASP B 222 2.83 -26.23 7.40
CA ASP B 222 4.24 -26.03 7.16
C ASP B 222 4.69 -24.68 7.71
N GLN B 223 6.00 -24.50 7.95
CA GLN B 223 6.53 -23.26 8.50
C GLN B 223 6.10 -22.03 7.70
N ASP B 224 6.32 -22.05 6.37
CA ASP B 224 6.09 -20.88 5.53
C ASP B 224 4.65 -20.85 5.08
N PRO B 225 4.03 -19.65 5.04
CA PRO B 225 2.67 -19.52 4.56
C PRO B 225 2.66 -19.82 3.06
N ARG B 226 3.85 -19.72 2.45
CA ARG B 226 4.04 -19.77 1.02
C ARG B 226 3.84 -21.22 0.52
N VAL B 227 4.20 -22.18 1.38
CA VAL B 227 3.99 -23.60 1.18
C VAL B 227 2.55 -23.95 1.49
N ARG B 228 1.99 -23.34 2.54
CA ARG B 228 0.61 -23.56 2.94
C ARG B 228 -0.31 -23.32 1.73
N THR B 229 -0.14 -22.16 1.10
CA THR B 229 -0.95 -21.75 -0.02
C THR B 229 -0.83 -22.75 -1.13
N ALA B 230 0.41 -23.16 -1.41
CA ALA B 230 0.65 -24.04 -2.53
C ALA B 230 -0.12 -25.35 -2.36
N ALA B 231 -0.11 -25.88 -1.12
CA ALA B 231 -0.81 -27.09 -0.77
C ALA B 231 -2.30 -26.96 -1.06
N ILE B 232 -2.90 -25.86 -0.61
CA ILE B 232 -4.32 -25.62 -0.84
C ILE B 232 -4.64 -25.60 -2.33
N LYS B 233 -3.81 -24.88 -3.10
CA LYS B 233 -4.06 -24.76 -4.52
C LYS B 233 -3.92 -26.12 -5.19
N ALA B 234 -2.95 -26.92 -4.72
CA ALA B 234 -2.71 -28.25 -5.28
C ALA B 234 -3.94 -29.13 -5.14
N MET B 235 -4.53 -29.14 -3.94
CA MET B 235 -5.76 -29.87 -3.69
C MET B 235 -6.86 -29.32 -4.59
N LEU B 236 -6.86 -28.00 -4.70
CA LEU B 236 -7.90 -27.35 -5.46
C LEU B 236 -7.79 -27.85 -6.89
N GLN B 237 -6.57 -27.96 -7.41
CA GLN B 237 -6.24 -28.42 -8.76
C GLN B 237 -6.72 -29.85 -8.95
N LEU B 238 -6.42 -30.72 -7.98
CA LEU B 238 -6.81 -32.11 -8.04
C LEU B 238 -8.32 -32.21 -8.25
N HIS B 239 -9.09 -31.29 -7.64
CA HIS B 239 -10.53 -31.32 -7.81
C HIS B 239 -10.90 -31.12 -9.27
N GLU B 240 -10.24 -30.13 -9.89
CA GLU B 240 -10.57 -29.59 -11.20
C GLU B 240 -10.13 -30.48 -12.34
N ARG B 241 -9.51 -31.62 -12.03
CA ARG B 241 -9.16 -32.66 -12.99
C ARG B 241 -10.02 -33.90 -12.74
N GLY B 242 -11.14 -33.69 -12.04
CA GLY B 242 -12.17 -34.69 -11.90
C GLY B 242 -12.02 -35.60 -10.66
N LEU B 243 -11.12 -35.27 -9.73
CA LEU B 243 -11.00 -36.06 -8.51
C LEU B 243 -12.04 -35.62 -7.44
N LYS B 244 -12.26 -36.50 -6.44
CA LYS B 244 -13.10 -36.27 -5.28
C LYS B 244 -12.31 -36.24 -3.96
N LEU B 245 -12.26 -35.05 -3.37
CA LEU B 245 -11.58 -34.81 -2.10
C LEU B 245 -12.40 -35.42 -0.97
N HIS B 246 -11.70 -35.67 0.15
CA HIS B 246 -12.31 -36.23 1.36
C HIS B 246 -12.70 -35.20 2.43
N GLN B 247 -13.48 -35.69 3.40
CA GLN B 247 -13.97 -34.84 4.46
C GLN B 247 -12.83 -34.54 5.46
N THR B 248 -11.79 -35.38 5.44
CA THR B 248 -10.55 -35.08 6.14
C THR B 248 -10.01 -33.72 5.68
N ILE B 249 -10.00 -33.54 4.34
CA ILE B 249 -9.57 -32.32 3.68
C ILE B 249 -10.46 -31.19 4.13
N TYR B 250 -11.76 -31.44 4.25
CA TYR B 250 -12.67 -30.43 4.76
C TYR B 250 -12.23 -29.93 6.14
N ASN B 251 -11.93 -30.85 7.04
CA ASN B 251 -11.59 -30.45 8.38
C ASN B 251 -10.30 -29.64 8.37
N GLN B 252 -9.34 -30.10 7.53
CA GLN B 252 -8.06 -29.43 7.40
C GLN B 252 -8.26 -27.99 6.90
N ALA B 253 -9.17 -27.81 5.95
CA ALA B 253 -9.47 -26.50 5.40
C ALA B 253 -10.10 -25.61 6.46
N CYS B 254 -10.97 -26.14 7.32
CA CYS B 254 -11.60 -25.35 8.37
C CYS B 254 -10.56 -24.93 9.42
N LYS B 255 -9.45 -25.69 9.53
CA LYS B 255 -8.44 -25.48 10.56
C LYS B 255 -7.53 -24.27 10.25
N LEU B 256 -7.46 -23.88 8.97
CA LEU B 256 -6.55 -22.87 8.42
C LEU B 256 -7.27 -21.70 7.78
N LEU B 257 -8.56 -21.56 8.08
CA LEU B 257 -9.34 -20.45 7.60
C LEU B 257 -8.94 -19.16 8.31
N SER B 258 -8.29 -19.27 9.48
CA SER B 258 -7.96 -18.13 10.33
C SER B 258 -6.45 -18.02 10.62
N ASP B 259 -5.64 -18.20 9.56
CA ASP B 259 -4.20 -18.03 9.60
C ASP B 259 -3.89 -16.55 9.48
N ASP B 260 -2.70 -16.19 9.95
CA ASP B 260 -2.26 -14.82 9.92
C ASP B 260 -2.18 -14.25 8.49
N TYR B 261 -1.60 -14.99 7.53
CA TYR B 261 -1.28 -14.47 6.20
C TYR B 261 -2.53 -14.38 5.33
N GLU B 262 -2.55 -13.40 4.43
CA GLU B 262 -3.74 -13.07 3.67
C GLU B 262 -3.93 -14.11 2.57
N GLN B 263 -2.84 -14.51 1.91
CA GLN B 263 -2.82 -15.53 0.87
C GLN B 263 -3.53 -16.80 1.33
N VAL B 264 -3.07 -17.27 2.49
CA VAL B 264 -3.51 -18.53 3.05
C VAL B 264 -5.02 -18.49 3.18
N ARG B 265 -5.57 -17.46 3.86
CA ARG B 265 -7.01 -17.29 4.07
C ARG B 265 -7.72 -17.30 2.73
N SER B 266 -7.18 -16.62 1.72
CA SER B 266 -7.85 -16.56 0.45
C SER B 266 -8.11 -17.98 -0.04
N ALA B 267 -7.04 -18.76 -0.06
CA ALA B 267 -7.06 -20.11 -0.58
C ALA B 267 -8.01 -21.00 0.23
N ALA B 268 -7.97 -20.82 1.55
CA ALA B 268 -8.66 -21.67 2.50
C ALA B 268 -10.16 -21.69 2.28
N VAL B 269 -10.79 -20.52 2.12
CA VAL B 269 -12.22 -20.40 1.86
C VAL B 269 -12.53 -20.99 0.49
N GLN B 270 -11.62 -20.73 -0.45
CA GLN B 270 -11.79 -21.28 -1.77
C GLN B 270 -12.10 -22.78 -1.61
N LEU B 271 -11.27 -23.48 -0.84
CA LEU B 271 -11.33 -24.93 -0.61
C LEU B 271 -12.55 -25.31 0.22
N ILE B 272 -12.86 -24.50 1.24
CA ILE B 272 -14.00 -24.78 2.09
C ILE B 272 -15.25 -24.80 1.24
N TRP B 273 -15.37 -23.79 0.37
CA TRP B 273 -16.46 -23.80 -0.59
C TRP B 273 -16.44 -25.06 -1.45
N VAL B 274 -15.25 -25.51 -1.88
CA VAL B 274 -15.09 -26.64 -2.78
C VAL B 274 -15.69 -27.88 -2.14
N VAL B 275 -15.29 -28.14 -0.89
CA VAL B 275 -15.66 -29.37 -0.21
C VAL B 275 -17.11 -29.28 0.27
N SER B 276 -17.54 -28.04 0.53
CA SER B 276 -18.92 -27.78 0.90
C SER B 276 -19.88 -28.23 -0.22
N GLN B 277 -19.58 -27.87 -1.46
CA GLN B 277 -20.35 -28.25 -2.64
C GLN B 277 -20.25 -29.76 -2.89
N LEU B 278 -19.12 -30.36 -2.46
CA LEU B 278 -18.87 -31.79 -2.59
C LEU B 278 -19.74 -32.62 -1.64
N TYR B 279 -19.93 -32.14 -0.39
CA TYR B 279 -20.67 -32.87 0.64
C TYR B 279 -21.71 -32.02 1.36
N PRO B 280 -22.68 -31.37 0.68
CA PRO B 280 -23.70 -30.59 1.39
C PRO B 280 -24.61 -31.49 2.23
N GLU B 281 -24.93 -32.67 1.69
CA GLU B 281 -25.87 -33.58 2.33
C GLU B 281 -25.27 -34.10 3.64
N SER B 282 -23.96 -34.38 3.65
CA SER B 282 -23.25 -34.86 4.82
C SER B 282 -23.40 -33.83 5.94
N ILE B 283 -23.29 -34.29 7.20
CA ILE B 283 -23.45 -33.46 8.38
C ILE B 283 -22.21 -33.57 9.26
N VAL B 284 -21.99 -32.51 10.06
CA VAL B 284 -20.95 -32.43 11.07
C VAL B 284 -21.54 -32.84 12.41
N PRO B 285 -21.14 -33.99 12.98
CA PRO B 285 -21.74 -34.45 14.24
C PRO B 285 -21.42 -33.54 15.42
N ILE B 286 -20.20 -32.99 15.45
CA ILE B 286 -19.69 -32.15 16.52
C ILE B 286 -20.71 -31.04 16.82
N PRO B 287 -21.19 -30.89 18.07
CA PRO B 287 -22.17 -29.85 18.40
C PRO B 287 -21.57 -28.45 18.24
N SER B 288 -20.34 -28.26 18.73
CA SER B 288 -19.63 -26.98 18.74
C SER B 288 -20.49 -25.90 19.40
N SER B 289 -21.10 -26.25 20.54
CA SER B 289 -21.89 -25.39 21.42
C SER B 289 -23.33 -25.19 20.95
N ASN B 290 -23.74 -25.92 19.91
CA ASN B 290 -25.10 -25.91 19.37
C ASN B 290 -25.51 -27.33 18.98
N GLU B 291 -26.76 -27.55 18.55
CA GLU B 291 -27.17 -28.86 18.07
C GLU B 291 -26.55 -29.10 16.69
N GLU B 292 -26.46 -30.39 16.30
CA GLU B 292 -25.86 -30.82 15.04
C GLU B 292 -26.64 -30.24 13.86
N ILE B 293 -25.90 -29.66 12.91
CA ILE B 293 -26.43 -28.97 11.73
C ILE B 293 -25.69 -29.50 10.50
N ARG B 294 -26.07 -29.06 9.29
CA ARG B 294 -25.48 -29.59 8.07
C ARG B 294 -24.07 -29.04 7.82
N LEU B 295 -23.25 -29.86 7.14
CA LEU B 295 -21.94 -29.42 6.67
C LEU B 295 -22.08 -28.10 5.92
N VAL B 296 -22.98 -28.05 4.94
CA VAL B 296 -23.15 -26.87 4.09
C VAL B 296 -23.51 -25.68 4.97
N ASP B 297 -24.33 -25.92 6.00
CA ASP B 297 -24.82 -24.87 6.89
C ASP B 297 -23.62 -24.15 7.50
N ASP B 298 -22.71 -24.96 8.06
CA ASP B 298 -21.49 -24.50 8.71
C ASP B 298 -20.56 -23.82 7.71
N ALA B 299 -20.43 -24.38 6.52
CA ALA B 299 -19.61 -23.81 5.45
C ALA B 299 -20.08 -22.41 5.09
N PHE B 300 -21.41 -22.27 4.94
CA PHE B 300 -22.03 -20.99 4.65
C PHE B 300 -21.67 -19.99 5.74
N GLY B 301 -21.84 -20.40 6.99
CA GLY B 301 -21.47 -19.60 8.15
C GLY B 301 -20.02 -19.11 8.14
N LYS B 302 -19.09 -20.04 7.87
CA LYS B 302 -17.67 -19.75 7.89
C LYS B 302 -17.35 -18.75 6.78
N ILE B 303 -17.98 -18.92 5.61
CA ILE B 303 -17.78 -18.00 4.50
C ILE B 303 -18.34 -16.62 4.83
N CYS B 304 -19.45 -16.52 5.57
CA CYS B 304 -20.00 -15.24 6.04
C CYS B 304 -18.95 -14.50 6.89
N HIS B 305 -18.47 -15.18 7.92
CA HIS B 305 -17.47 -14.61 8.81
C HIS B 305 -16.39 -13.88 8.00
N MET B 306 -15.99 -14.50 6.90
CA MET B 306 -14.92 -13.98 6.05
C MET B 306 -15.33 -12.67 5.37
N VAL B 307 -16.64 -12.49 5.12
CA VAL B 307 -17.13 -11.27 4.53
C VAL B 307 -16.77 -10.15 5.50
N SER B 308 -16.83 -10.48 6.79
CA SER B 308 -16.55 -9.54 7.87
C SER B 308 -15.10 -9.61 8.36
N ASP B 309 -14.19 -10.23 7.59
CA ASP B 309 -12.79 -10.36 7.93
C ASP B 309 -12.03 -9.08 7.61
N GLY B 310 -10.84 -8.93 8.22
CA GLY B 310 -10.04 -7.72 8.15
C GLY B 310 -9.06 -7.76 6.99
N SER B 311 -9.61 -7.71 5.76
CA SER B 311 -8.90 -7.56 4.52
C SER B 311 -9.93 -7.18 3.46
N TRP B 312 -9.47 -6.59 2.35
CA TRP B 312 -10.40 -6.15 1.33
C TRP B 312 -10.50 -7.19 0.21
N VAL B 313 -9.51 -8.09 0.12
CA VAL B 313 -9.39 -9.13 -0.90
C VAL B 313 -9.87 -10.49 -0.41
N VAL B 314 -9.83 -10.70 0.92
CA VAL B 314 -10.38 -11.88 1.58
C VAL B 314 -11.89 -11.89 1.40
N ARG B 315 -12.51 -10.71 1.47
CA ARG B 315 -13.95 -10.51 1.32
C ARG B 315 -14.40 -10.84 -0.09
N VAL B 316 -13.57 -10.47 -1.07
CA VAL B 316 -13.86 -10.75 -2.45
C VAL B 316 -13.97 -12.26 -2.62
N GLN B 317 -12.98 -13.02 -2.09
CA GLN B 317 -13.00 -14.47 -2.10
C GLN B 317 -14.37 -14.97 -1.62
N ALA B 318 -14.82 -14.47 -0.44
CA ALA B 318 -16.02 -14.92 0.27
C ALA B 318 -17.26 -14.65 -0.57
N ALA B 319 -17.33 -13.45 -1.14
CA ALA B 319 -18.55 -12.92 -1.71
C ALA B 319 -19.03 -13.81 -2.85
N LYS B 320 -18.15 -14.11 -3.80
CA LYS B 320 -18.47 -14.98 -4.92
C LYS B 320 -18.93 -16.35 -4.46
N LEU B 321 -18.22 -16.93 -3.48
CA LEU B 321 -18.49 -18.26 -2.98
C LEU B 321 -19.81 -18.26 -2.20
N LEU B 322 -20.06 -17.21 -1.39
CA LEU B 322 -21.27 -17.10 -0.59
C LEU B 322 -22.49 -17.09 -1.51
N GLY B 323 -22.40 -16.30 -2.56
CA GLY B 323 -23.46 -16.24 -3.56
C GLY B 323 -23.67 -17.58 -4.26
N SER B 324 -22.58 -18.28 -4.57
CA SER B 324 -22.63 -19.53 -5.33
C SER B 324 -23.14 -20.72 -4.50
N MET B 325 -23.24 -20.55 -3.18
CA MET B 325 -23.66 -21.62 -2.28
C MET B 325 -25.11 -22.02 -2.58
N GLU B 326 -25.40 -23.34 -2.52
CA GLU B 326 -26.73 -23.88 -2.81
C GLU B 326 -27.20 -24.85 -1.72
N GLN B 327 -28.52 -24.93 -1.56
CA GLN B 327 -29.15 -25.83 -0.61
C GLN B 327 -28.71 -25.50 0.82
N VAL B 328 -28.24 -24.27 1.05
CA VAL B 328 -28.23 -23.63 2.36
C VAL B 328 -29.66 -23.75 2.89
N SER B 329 -29.80 -24.02 4.19
CA SER B 329 -31.14 -24.07 4.77
C SER B 329 -31.80 -22.70 4.67
N SER B 330 -33.11 -22.67 4.38
CA SER B 330 -33.91 -21.46 4.22
C SER B 330 -33.75 -20.52 5.42
N HIS B 331 -33.73 -21.10 6.63
CA HIS B 331 -33.44 -20.32 7.86
C HIS B 331 -32.15 -19.52 7.69
N PHE B 332 -31.02 -20.20 7.49
CA PHE B 332 -29.70 -19.59 7.48
C PHE B 332 -29.55 -18.63 6.31
N LEU B 333 -30.09 -19.01 5.15
CA LEU B 333 -30.03 -18.19 3.96
C LEU B 333 -30.76 -16.87 4.15
N GLU B 334 -31.92 -16.90 4.83
CA GLU B 334 -32.71 -15.72 5.13
C GLU B 334 -31.94 -14.78 6.06
N GLN B 335 -31.21 -15.37 7.02
CA GLN B 335 -30.62 -14.66 8.14
C GLN B 335 -29.42 -13.79 7.74
N THR B 336 -29.04 -13.80 6.45
CA THR B 336 -27.67 -13.50 5.99
C THR B 336 -27.28 -12.03 6.24
N LEU B 337 -25.99 -11.84 6.61
CA LEU B 337 -25.39 -10.54 6.90
C LEU B 337 -24.61 -10.06 5.67
N ASP B 338 -25.13 -10.41 4.48
CA ASP B 338 -24.58 -10.04 3.17
C ASP B 338 -24.90 -8.57 2.87
N LYS B 339 -25.62 -7.92 3.79
CA LYS B 339 -26.02 -6.52 3.76
C LYS B 339 -25.03 -5.67 4.55
N LYS B 340 -23.86 -6.26 4.86
CA LYS B 340 -22.73 -5.60 5.48
C LYS B 340 -21.77 -5.01 4.42
N LEU B 341 -22.24 -4.86 3.16
CA LEU B 341 -21.57 -4.21 2.04
C LEU B 341 -21.19 -2.77 2.43
N MET B 342 -19.89 -2.43 2.38
CA MET B 342 -19.31 -1.19 2.89
C MET B 342 -17.96 -0.91 2.22
N SER B 343 -17.28 0.15 2.70
CA SER B 343 -15.93 0.59 2.39
C SER B 343 -15.63 0.55 0.90
N ASP B 344 -14.66 -0.29 0.53
CA ASP B 344 -14.30 -0.51 -0.86
C ASP B 344 -15.54 -0.90 -1.67
N LEU B 345 -15.74 -0.17 -2.77
CA LEU B 345 -16.97 -0.24 -3.54
C LEU B 345 -16.93 -1.34 -4.61
N ARG B 346 -15.75 -1.97 -4.77
CA ARG B 346 -15.58 -3.11 -5.66
C ARG B 346 -16.32 -4.33 -5.10
N ARG B 347 -16.02 -4.63 -3.83
CA ARG B 347 -16.69 -5.69 -3.08
C ARG B 347 -18.21 -5.47 -3.12
N LYS B 348 -18.63 -4.23 -2.84
CA LYS B 348 -20.03 -3.89 -2.78
C LYS B 348 -20.71 -4.34 -4.06
N ARG B 349 -20.18 -3.89 -5.21
CA ARG B 349 -20.77 -4.13 -6.52
C ARG B 349 -20.84 -5.62 -6.81
N THR B 350 -19.78 -6.35 -6.43
CA THR B 350 -19.61 -7.76 -6.71
C THR B 350 -20.67 -8.62 -6.01
N ALA B 351 -21.11 -8.20 -4.82
CA ALA B 351 -21.90 -9.03 -3.93
C ALA B 351 -23.39 -9.03 -4.27
N HIS B 352 -23.81 -8.07 -5.12
CA HIS B 352 -25.17 -7.93 -5.59
C HIS B 352 -25.39 -8.79 -6.83
N GLU B 353 -24.32 -8.92 -7.64
CA GLU B 353 -24.31 -9.66 -8.89
C GLU B 353 -24.89 -11.05 -8.67
N ARG B 354 -24.31 -11.80 -7.73
CA ARG B 354 -24.69 -13.20 -7.49
C ARG B 354 -25.96 -13.28 -6.65
N ALA B 355 -26.19 -12.25 -5.82
CA ALA B 355 -27.43 -12.12 -5.07
C ALA B 355 -28.59 -12.39 -6.04
N LYS B 356 -28.60 -11.66 -7.17
CA LYS B 356 -29.67 -11.73 -8.16
C LYS B 356 -29.68 -13.07 -8.90
N GLU B 357 -28.50 -13.64 -9.14
CA GLU B 357 -28.38 -14.93 -9.79
C GLU B 357 -29.13 -15.98 -8.97
N LEU B 358 -29.06 -15.87 -7.63
CA LEU B 358 -29.54 -16.87 -6.70
C LEU B 358 -30.79 -16.45 -5.91
N TYR B 359 -31.35 -15.27 -6.22
CA TYR B 359 -32.67 -14.88 -5.74
C TYR B 359 -33.73 -15.62 -6.56
N SER B 360 -33.35 -15.94 -7.81
CA SER B 360 -34.06 -16.92 -8.61
C SER B 360 -34.32 -18.13 -7.72
N SER B 361 -33.23 -18.72 -7.22
CA SER B 361 -33.26 -19.85 -6.30
C SER B 361 -33.89 -19.47 -4.96
N PRO C 47 8.18 -6.49 34.51
CA PRO C 47 7.36 -6.64 33.29
C PRO C 47 5.88 -6.36 33.52
N GLU C 48 5.58 -5.32 34.30
CA GLU C 48 4.20 -4.95 34.65
C GLU C 48 3.90 -3.60 34.01
N ILE C 49 2.77 -3.53 33.30
CA ILE C 49 2.29 -2.35 32.61
C ILE C 49 1.10 -1.75 33.35
N ARG C 50 1.27 -0.55 33.95
CA ARG C 50 0.28 0.06 34.83
C ARG C 50 -0.49 1.15 34.11
N VAL C 51 -1.82 0.99 33.98
CA VAL C 51 -2.72 1.89 33.26
C VAL C 51 -3.73 2.48 34.23
N THR C 52 -3.72 3.82 34.40
CA THR C 52 -4.58 4.54 35.34
C THR C 52 -5.25 5.73 34.67
N PRO C 53 -6.55 5.66 34.34
CA PRO C 53 -7.23 6.77 33.67
C PRO C 53 -7.55 7.85 34.70
N LEU C 54 -6.89 9.01 34.53
CA LEU C 54 -7.05 10.15 35.42
C LEU C 54 -8.33 10.90 35.09
N GLY C 55 -8.75 10.80 33.84
CA GLY C 55 -9.98 11.44 33.43
C GLY C 55 -10.92 10.53 32.65
N ALA C 56 -10.37 9.47 32.06
CA ALA C 56 -11.22 8.49 31.40
C ALA C 56 -11.58 7.40 32.41
N GLY C 57 -12.10 6.27 31.93
CA GLY C 57 -12.49 5.18 32.78
C GLY C 57 -14.00 5.06 32.84
N GLN C 58 -14.58 5.29 34.02
CA GLN C 58 -16.02 5.26 34.20
C GLN C 58 -16.70 6.54 33.69
N ASP C 59 -15.94 7.64 33.55
CA ASP C 59 -16.45 8.95 33.14
C ASP C 59 -16.20 9.18 31.65
N VAL C 60 -17.20 9.71 30.95
CA VAL C 60 -17.10 10.03 29.52
C VAL C 60 -16.74 11.51 29.34
N GLY C 61 -15.78 11.80 28.44
CA GLY C 61 -15.09 13.08 28.32
C GLY C 61 -13.96 13.23 29.35
N ARG C 62 -13.09 14.24 29.20
CA ARG C 62 -11.80 14.37 29.89
C ARG C 62 -10.95 13.11 29.72
N SER C 63 -10.97 12.50 28.53
CA SER C 63 -10.23 11.27 28.28
C SER C 63 -8.76 11.51 28.55
N CYS C 64 -8.25 10.94 29.63
CA CYS C 64 -6.82 10.97 29.94
C CYS C 64 -6.44 9.61 30.53
N ILE C 65 -5.43 8.94 29.95
CA ILE C 65 -5.03 7.61 30.37
C ILE C 65 -3.51 7.53 30.38
N LEU C 66 -2.92 7.49 31.59
CA LEU C 66 -1.49 7.24 31.76
C LEU C 66 -1.16 5.75 31.64
N VAL C 67 -0.04 5.38 30.96
CA VAL C 67 0.26 3.99 30.61
C VAL C 67 1.74 3.74 30.80
N SER C 68 2.12 2.86 31.71
CA SER C 68 3.50 2.63 32.07
C SER C 68 4.04 1.30 31.55
N ILE C 69 4.14 1.15 30.22
CA ILE C 69 4.77 -0.04 29.62
C ILE C 69 6.26 0.00 29.94
N ALA C 70 6.78 -1.03 30.61
CA ALA C 70 8.15 -1.06 31.11
C ALA C 70 8.50 0.17 31.94
N GLY C 71 9.64 0.82 31.61
CA GLY C 71 10.13 1.97 32.35
C GLY C 71 9.62 3.30 31.83
N LYS C 72 8.67 3.24 30.87
CA LYS C 72 8.22 4.39 30.10
C LYS C 72 6.78 4.79 30.43
N ASN C 73 6.56 6.06 30.79
CA ASN C 73 5.21 6.58 31.03
C ASN C 73 4.73 7.37 29.81
N VAL C 74 3.48 7.12 29.36
CA VAL C 74 2.92 7.79 28.20
C VAL C 74 1.47 8.18 28.44
N MET C 75 1.16 9.50 28.47
CA MET C 75 -0.20 9.98 28.62
C MET C 75 -0.92 9.93 27.28
N LEU C 76 -2.14 9.34 27.24
CA LEU C 76 -2.86 9.04 26.00
C LEU C 76 -3.85 10.12 25.55
N ASP C 77 -4.22 11.04 26.45
CA ASP C 77 -5.03 12.21 26.11
C ASP C 77 -5.05 13.15 27.33
N CYS C 78 -5.63 14.35 27.16
CA CYS C 78 -5.70 15.35 28.22
C CYS C 78 -6.82 16.35 27.94
N GLY C 79 -7.91 16.32 28.72
CA GLY C 79 -9.20 16.81 28.24
C GLY C 79 -9.87 17.92 29.07
N MET C 80 -10.91 18.51 28.47
CA MET C 80 -11.74 19.56 29.03
C MET C 80 -13.17 19.04 29.16
N HIS C 81 -13.43 18.31 30.25
CA HIS C 81 -14.80 17.89 30.57
C HIS C 81 -15.62 19.17 30.66
N MET C 82 -16.77 19.14 29.96
CA MET C 82 -17.67 20.27 29.73
C MET C 82 -18.86 20.16 30.68
N GLY C 83 -19.60 21.28 30.84
CA GLY C 83 -20.81 21.31 31.65
C GLY C 83 -20.56 21.72 33.10
N PHE C 84 -19.29 21.96 33.42
CA PHE C 84 -18.82 22.35 34.74
C PHE C 84 -18.04 23.65 34.59
N ASN C 85 -18.42 24.64 35.39
CA ASN C 85 -17.79 25.95 35.40
C ASN C 85 -16.33 25.82 35.84
N ASP C 86 -16.09 24.97 36.85
CA ASP C 86 -14.74 24.69 37.34
C ASP C 86 -14.66 23.23 37.79
N ASP C 87 -13.46 22.80 38.23
CA ASP C 87 -13.17 21.48 38.81
C ASP C 87 -12.99 20.41 37.74
N ARG C 88 -13.01 20.81 36.46
CA ARG C 88 -12.98 19.86 35.35
C ARG C 88 -12.34 20.47 34.10
N ARG C 89 -11.71 21.64 34.26
CA ARG C 89 -10.95 22.25 33.16
C ARG C 89 -9.89 21.28 32.68
N PHE C 90 -9.15 20.72 33.63
CA PHE C 90 -8.14 19.70 33.39
C PHE C 90 -8.38 18.59 34.41
N PRO C 91 -8.39 17.30 34.00
CA PRO C 91 -8.50 16.20 34.97
C PRO C 91 -7.25 16.29 35.84
N ASP C 92 -7.43 16.30 37.17
CA ASP C 92 -6.33 16.48 38.12
C ASP C 92 -5.22 15.45 37.87
N PHE C 93 -3.98 15.96 38.03
CA PHE C 93 -2.75 15.26 37.70
C PHE C 93 -1.92 14.82 38.93
N SER C 94 -2.22 13.61 39.43
CA SER C 94 -1.48 12.91 40.49
C SER C 94 0.01 12.85 40.19
N TYR C 95 0.35 12.43 38.96
CA TYR C 95 1.74 12.26 38.52
C TYR C 95 2.50 13.59 38.51
N ILE C 96 1.81 14.69 38.17
CA ILE C 96 2.35 16.04 38.17
C ILE C 96 2.75 16.45 39.59
N THR C 97 1.92 16.10 40.57
CA THR C 97 2.11 16.51 41.96
C THR C 97 3.35 15.89 42.60
N GLN C 98 3.91 14.86 41.95
CA GLN C 98 4.96 13.97 42.46
C GLN C 98 6.35 14.43 41.99
N ASN C 99 6.51 14.61 40.66
CA ASN C 99 7.72 15.14 40.06
C ASN C 99 7.40 16.53 39.50
N GLY C 100 8.17 17.55 39.94
CA GLY C 100 7.91 18.94 39.63
C GLY C 100 7.86 19.20 38.12
N ARG C 101 8.86 18.68 37.41
CA ARG C 101 8.93 18.78 35.96
C ARG C 101 8.34 17.51 35.35
N LEU C 102 7.39 17.69 34.43
CA LEU C 102 6.68 16.61 33.77
C LEU C 102 7.62 15.85 32.83
N THR C 103 8.52 16.57 32.16
CA THR C 103 9.45 16.03 31.17
C THR C 103 10.21 14.83 31.73
N ASP C 104 10.64 14.95 32.99
CA ASP C 104 11.43 13.93 33.68
C ASP C 104 10.60 12.65 33.82
N PHE C 105 9.37 12.80 34.34
CA PHE C 105 8.49 11.68 34.63
C PHE C 105 7.90 11.06 33.36
N LEU C 106 7.46 11.92 32.42
CA LEU C 106 6.73 11.50 31.23
C LEU C 106 7.64 11.57 30.02
N ASP C 107 7.75 10.45 29.31
CA ASP C 107 8.58 10.32 28.14
C ASP C 107 7.88 10.96 26.93
N CYS C 108 6.55 10.85 26.86
CA CYS C 108 5.82 11.12 25.62
C CYS C 108 4.30 11.25 25.85
N VAL C 109 3.59 11.91 24.89
CA VAL C 109 2.16 12.17 24.92
C VAL C 109 1.58 12.04 23.53
N ILE C 110 0.66 11.11 23.37
CA ILE C 110 -0.05 10.95 22.11
C ILE C 110 -1.47 11.44 22.31
N ILE C 111 -1.92 12.32 21.41
CA ILE C 111 -3.26 12.87 21.41
C ILE C 111 -4.05 12.33 20.22
N SER C 112 -5.29 11.92 20.48
CA SER C 112 -6.01 11.12 19.51
C SER C 112 -6.49 11.98 18.34
N HIS C 113 -7.18 13.11 18.60
CA HIS C 113 -7.78 13.96 17.57
C HIS C 113 -8.29 15.26 18.19
N PHE C 114 -9.00 16.08 17.39
CA PHE C 114 -9.20 17.48 17.72
C PHE C 114 -10.28 17.74 18.78
N HIS C 115 -11.14 16.77 19.07
CA HIS C 115 -12.26 17.03 19.97
C HIS C 115 -11.85 17.68 21.29
N LEU C 116 -12.69 18.58 21.82
CA LEU C 116 -12.33 19.23 23.07
C LEU C 116 -12.21 18.19 24.19
N ASP C 117 -12.97 17.07 24.09
CA ASP C 117 -12.92 15.92 24.99
C ASP C 117 -11.47 15.51 25.25
N HIS C 118 -10.79 15.16 24.15
CA HIS C 118 -9.48 14.54 24.09
C HIS C 118 -8.37 15.60 24.19
N CYS C 119 -8.26 16.49 23.19
CA CYS C 119 -7.15 17.43 23.06
C CYS C 119 -7.45 18.82 23.63
N GLY C 120 -8.66 19.01 24.18
CA GLY C 120 -9.14 20.30 24.66
C GLY C 120 -8.24 20.99 25.67
N ALA C 121 -7.70 20.21 26.62
CA ALA C 121 -6.88 20.76 27.70
C ALA C 121 -5.40 20.52 27.47
N LEU C 122 -5.05 20.30 26.19
CA LEU C 122 -3.66 20.17 25.75
C LEU C 122 -2.89 21.48 25.97
N PRO C 123 -3.49 22.68 25.77
CA PRO C 123 -2.83 23.92 26.12
C PRO C 123 -2.75 24.22 27.62
N TYR C 124 -3.50 23.49 28.43
CA TYR C 124 -3.31 23.69 29.85
C TYR C 124 -1.81 23.64 30.15
N PHE C 125 -1.14 22.68 29.49
CA PHE C 125 0.21 22.17 29.72
C PHE C 125 1.36 23.01 29.15
N SER C 126 1.08 24.26 28.75
CA SER C 126 2.07 25.08 28.07
C SER C 126 3.07 25.67 29.05
N GLU C 127 2.55 26.14 30.19
CA GLU C 127 3.30 27.01 31.10
C GLU C 127 3.08 26.64 32.56
N MET C 128 1.83 26.35 32.95
CA MET C 128 1.38 26.21 34.33
C MET C 128 1.93 24.95 35.01
N VAL C 129 1.82 23.79 34.33
CA VAL C 129 2.42 22.53 34.78
C VAL C 129 3.67 22.19 33.97
N GLY C 130 3.93 22.98 32.93
CA GLY C 130 5.25 23.14 32.35
C GLY C 130 5.83 21.90 31.69
N TYR C 131 5.05 21.33 30.75
CA TYR C 131 5.45 20.13 30.04
C TYR C 131 6.26 20.47 28.80
N ASP C 132 7.35 19.71 28.62
CA ASP C 132 8.11 19.72 27.38
C ASP C 132 8.47 18.30 26.92
N GLY C 133 8.41 18.09 25.59
CA GLY C 133 8.55 16.76 24.99
C GLY C 133 7.76 16.66 23.69
N PRO C 134 7.88 15.54 22.94
CA PRO C 134 7.13 15.35 21.69
C PRO C 134 5.66 14.98 21.90
N ILE C 135 4.78 15.95 21.68
CA ILE C 135 3.36 15.69 21.63
C ILE C 135 3.05 15.21 20.22
N TYR C 136 2.47 14.01 20.11
CA TYR C 136 2.34 13.32 18.83
C TYR C 136 0.89 13.21 18.41
N MET C 137 0.49 13.97 17.39
CA MET C 137 -0.82 13.86 16.77
C MET C 137 -0.68 13.58 15.29
N THR C 138 -1.73 13.08 14.63
CA THR C 138 -1.66 12.94 13.18
C THR C 138 -1.75 14.33 12.53
N HIS C 139 -1.27 14.47 11.28
CA HIS C 139 -1.18 15.75 10.58
C HIS C 139 -2.52 16.48 10.46
N PRO C 140 -3.66 15.82 10.13
CA PRO C 140 -4.99 16.45 10.10
C PRO C 140 -5.40 16.96 11.48
N THR C 141 -5.12 16.20 12.53
CA THR C 141 -5.40 16.58 13.90
C THR C 141 -4.78 17.93 14.25
N GLN C 142 -3.46 18.07 14.07
CA GLN C 142 -2.72 19.22 14.55
C GLN C 142 -3.12 20.51 13.87
N ALA C 143 -3.59 20.41 12.62
CA ALA C 143 -4.08 21.56 11.88
C ALA C 143 -5.38 22.08 12.52
N ILE C 144 -6.32 21.16 12.82
CA ILE C 144 -7.64 21.51 13.32
C ILE C 144 -7.62 21.73 14.84
N CYS C 145 -6.60 21.18 15.51
CA CYS C 145 -6.55 21.19 16.96
C CYS C 145 -6.57 22.63 17.47
N PRO C 146 -5.76 23.59 16.94
CA PRO C 146 -5.73 24.95 17.47
C PRO C 146 -7.04 25.69 17.17
N ILE C 147 -7.70 25.27 16.08
CA ILE C 147 -8.93 25.90 15.61
C ILE C 147 -10.01 25.79 16.68
N LEU C 148 -10.22 24.59 17.24
CA LEU C 148 -11.18 24.30 18.29
C LEU C 148 -10.71 24.79 19.66
N LEU C 149 -9.38 24.77 19.86
CA LEU C 149 -8.81 25.26 21.10
C LEU C 149 -9.17 26.73 21.22
N GLU C 150 -8.82 27.54 20.20
CA GLU C 150 -9.04 28.97 20.21
C GLU C 150 -10.53 29.32 20.28
N ASP C 151 -11.39 28.57 19.56
CA ASP C 151 -12.83 28.86 19.55
C ASP C 151 -13.44 28.70 20.95
N TYR C 152 -13.03 27.63 21.64
CA TYR C 152 -13.43 27.46 23.03
C TYR C 152 -12.81 28.57 23.88
N ARG C 153 -11.56 28.93 23.58
CA ARG C 153 -10.88 30.04 24.25
C ARG C 153 -11.73 31.30 24.16
N LYS C 154 -12.29 31.55 22.98
CA LYS C 154 -13.19 32.67 22.72
C LYS C 154 -14.43 32.60 23.63
N ILE C 155 -15.11 31.45 23.68
CA ILE C 155 -16.37 31.33 24.41
C ILE C 155 -16.13 31.49 25.91
N ALA C 156 -14.97 31.05 26.40
CA ALA C 156 -14.60 31.07 27.80
C ALA C 156 -14.39 32.49 28.33
N VAL C 157 -13.82 33.40 27.53
CA VAL C 157 -13.46 34.77 27.96
C VAL C 157 -14.66 35.72 27.97
N ASP C 158 -15.66 35.47 27.09
CA ASP C 158 -16.94 36.19 27.09
C ASP C 158 -17.78 35.82 28.31
N LYS C 159 -17.65 34.58 28.80
CA LYS C 159 -18.16 34.19 30.11
C LYS C 159 -17.43 35.01 31.19
N GLU C 162 -13.58 36.37 36.97
CA GLU C 162 -12.96 35.98 35.68
C GLU C 162 -12.24 34.63 35.83
N ALA C 163 -11.76 34.12 34.69
CA ALA C 163 -11.22 32.77 34.57
C ALA C 163 -9.75 32.84 34.11
N ASN C 164 -8.87 32.12 34.82
CA ASN C 164 -7.44 32.06 34.56
C ASN C 164 -7.17 31.01 33.46
N PHE C 165 -7.67 31.29 32.27
CA PHE C 165 -7.61 30.40 31.12
C PHE C 165 -6.32 30.63 30.36
N PHE C 166 -5.91 29.63 29.58
CA PHE C 166 -4.80 29.79 28.66
C PHE C 166 -5.20 30.85 27.63
N THR C 167 -4.35 31.87 27.43
CA THR C 167 -4.52 32.83 26.35
C THR C 167 -4.15 32.17 25.03
N SER C 168 -4.42 32.82 23.88
CA SER C 168 -3.90 32.30 22.62
C SER C 168 -2.38 32.18 22.71
N GLN C 169 -1.77 33.03 23.54
CA GLN C 169 -0.32 33.10 23.62
C GLN C 169 0.21 31.72 23.99
N MET C 170 -0.32 31.17 25.07
CA MET C 170 0.19 29.94 25.65
C MET C 170 -0.35 28.73 24.88
N ILE C 171 -1.52 28.85 24.21
CA ILE C 171 -1.98 27.76 23.36
C ILE C 171 -0.98 27.57 22.22
N LYS C 172 -0.51 28.68 21.65
CA LYS C 172 0.45 28.65 20.56
C LYS C 172 1.77 28.07 21.06
N ASP C 173 2.17 28.46 22.28
CA ASP C 173 3.37 27.93 22.92
C ASP C 173 3.29 26.40 22.93
N CYS C 174 2.17 25.85 23.44
CA CYS C 174 1.96 24.41 23.53
C CYS C 174 1.96 23.74 22.16
N MET C 175 1.39 24.42 21.16
CA MET C 175 1.31 23.88 19.81
C MET C 175 2.69 23.81 19.13
N LYS C 176 3.60 24.71 19.49
CA LYS C 176 4.98 24.75 18.96
C LYS C 176 5.82 23.54 19.39
N LYS C 177 5.30 22.73 20.32
CA LYS C 177 5.95 21.55 20.88
C LYS C 177 5.25 20.28 20.38
N VAL C 178 4.98 20.20 19.06
CA VAL C 178 4.17 19.15 18.49
C VAL C 178 4.89 18.53 17.30
N VAL C 179 4.87 17.20 17.20
CA VAL C 179 5.43 16.45 16.07
C VAL C 179 4.29 15.72 15.37
N ALA C 180 4.22 15.85 14.05
CA ALA C 180 3.18 15.19 13.25
C ALA C 180 3.67 13.82 12.79
N VAL C 181 2.86 12.78 13.04
CA VAL C 181 3.15 11.40 12.69
C VAL C 181 2.12 10.92 11.66
N HIS C 182 2.62 10.60 10.46
CA HIS C 182 1.83 10.09 9.36
C HIS C 182 1.22 8.73 9.70
N LEU C 183 0.31 8.31 8.83
CA LEU C 183 -0.40 7.06 9.02
C LEU C 183 0.53 5.87 8.83
N HIS C 184 0.43 4.89 9.75
CA HIS C 184 1.18 3.65 9.70
C HIS C 184 2.68 3.95 9.59
N GLN C 185 3.13 5.00 10.29
CA GLN C 185 4.54 5.37 10.32
C GLN C 185 5.11 5.07 11.70
N THR C 186 6.15 4.21 11.72
CA THR C 186 6.78 3.79 12.95
C THR C 186 7.88 4.79 13.26
N VAL C 187 7.67 5.54 14.34
CA VAL C 187 8.61 6.56 14.76
C VAL C 187 9.09 6.26 16.17
N GLN C 188 10.41 6.14 16.32
CA GLN C 188 10.98 5.93 17.64
C GLN C 188 11.00 7.27 18.36
N VAL C 189 10.18 7.40 19.40
CA VAL C 189 10.11 8.60 20.20
C VAL C 189 11.33 8.63 21.13
N ASP C 190 11.70 7.44 21.64
CA ASP C 190 12.87 7.24 22.48
C ASP C 190 13.72 6.16 21.83
N ASP C 191 14.92 5.96 22.37
CA ASP C 191 15.82 4.88 21.99
C ASP C 191 15.04 3.57 21.88
N GLU C 192 14.20 3.28 22.87
CA GLU C 192 13.53 2.00 22.98
C GLU C 192 12.08 2.05 22.46
N LEU C 193 11.24 2.97 23.00
CA LEU C 193 9.82 3.01 22.68
C LEU C 193 9.60 3.59 21.29
N GLU C 194 8.53 3.15 20.63
CA GLU C 194 8.11 3.70 19.34
C GLU C 194 6.58 3.68 19.28
N ILE C 195 5.98 4.47 18.38
CA ILE C 195 4.53 4.64 18.32
C ILE C 195 4.12 4.62 16.86
N LYS C 196 3.02 3.92 16.54
CA LYS C 196 2.59 3.83 15.16
C LYS C 196 1.12 4.21 15.08
N ALA C 197 0.77 5.16 14.22
CA ALA C 197 -0.61 5.53 13.93
C ALA C 197 -1.36 4.46 13.14
N TYR C 198 -2.69 4.51 13.24
CA TYR C 198 -3.57 3.65 12.46
C TYR C 198 -4.77 4.47 12.05
N TYR C 199 -5.65 3.87 11.23
CA TYR C 199 -6.82 4.59 10.79
C TYR C 199 -7.95 4.28 11.76
N ALA C 200 -8.47 5.33 12.42
CA ALA C 200 -9.54 5.20 13.38
C ALA C 200 -10.89 5.66 12.86
N GLY C 201 -10.94 6.21 11.63
CA GLY C 201 -12.21 6.72 11.11
C GLY C 201 -12.74 7.87 11.97
N HIS C 202 -14.03 7.88 12.27
CA HIS C 202 -14.62 8.83 13.26
C HIS C 202 -14.61 10.26 12.72
N VAL C 203 -13.41 10.85 12.56
CA VAL C 203 -13.20 12.13 11.88
C VAL C 203 -11.90 12.06 11.08
N LEU C 204 -11.69 12.99 10.13
CA LEU C 204 -10.37 13.15 9.53
C LEU C 204 -9.37 13.35 10.65
N GLY C 205 -8.29 12.56 10.70
CA GLY C 205 -7.29 12.73 11.74
C GLY C 205 -7.45 11.85 12.97
N ALA C 206 -8.41 10.90 12.95
CA ALA C 206 -8.56 10.00 14.08
C ALA C 206 -7.51 8.90 13.98
N ALA C 207 -6.49 8.99 14.87
CA ALA C 207 -5.34 8.11 14.83
C ALA C 207 -5.37 7.10 15.97
N MET C 208 -5.47 5.79 15.65
CA MET C 208 -5.32 4.73 16.64
C MET C 208 -3.85 4.41 16.89
N PHE C 209 -3.36 4.62 18.12
CA PHE C 209 -1.92 4.57 18.40
C PHE C 209 -1.51 3.36 19.22
N GLN C 210 -0.44 2.68 18.80
CA GLN C 210 0.10 1.51 19.48
C GLN C 210 1.49 1.83 20.02
N ILE C 211 1.62 1.98 21.35
CA ILE C 211 2.90 2.25 21.93
C ILE C 211 3.51 0.91 22.27
N LYS C 212 4.65 0.56 21.64
CA LYS C 212 5.35 -0.69 21.87
C LYS C 212 6.81 -0.44 22.27
N VAL C 213 7.20 -0.89 23.48
CA VAL C 213 8.57 -0.85 23.97
C VAL C 213 9.04 -2.27 24.27
N GLY C 214 9.66 -2.90 23.26
CA GLY C 214 9.94 -4.33 23.28
C GLY C 214 8.91 -5.12 22.48
N SER C 215 8.41 -6.21 23.09
CA SER C 215 7.42 -7.11 22.50
C SER C 215 6.01 -6.87 23.05
N GLU C 216 5.86 -6.02 24.08
CA GLU C 216 4.58 -5.78 24.72
C GLU C 216 4.00 -4.45 24.25
N SER C 217 2.80 -4.49 23.68
CA SER C 217 2.25 -3.38 22.96
C SER C 217 0.96 -2.99 23.66
N VAL C 218 0.81 -1.74 24.07
CA VAL C 218 -0.48 -1.24 24.49
C VAL C 218 -1.07 -0.42 23.36
N VAL C 219 -2.22 -0.85 22.79
CA VAL C 219 -2.82 -0.13 21.68
C VAL C 219 -4.12 0.52 22.13
N TYR C 220 -4.11 1.85 22.36
CA TYR C 220 -5.27 2.70 22.60
C TYR C 220 -6.05 2.85 21.31
N THR C 221 -7.38 2.84 21.40
CA THR C 221 -8.25 2.94 20.23
C THR C 221 -9.45 3.76 20.65
N GLY C 222 -9.30 5.09 20.51
CA GLY C 222 -10.25 6.01 21.13
C GLY C 222 -11.02 6.69 20.04
N ASP C 223 -12.35 6.76 20.19
CA ASP C 223 -13.16 7.31 19.15
C ASP C 223 -12.87 6.64 17.81
N TYR C 224 -13.05 5.32 17.73
CA TYR C 224 -12.95 4.65 16.44
C TYR C 224 -14.32 4.14 15.96
N ASN C 225 -14.65 4.39 14.69
CA ASN C 225 -15.91 3.99 14.13
C ASN C 225 -15.64 2.84 13.16
N MET C 226 -16.37 1.72 13.31
CA MET C 226 -16.11 0.50 12.57
C MET C 226 -16.97 0.36 11.29
N THR C 227 -17.59 1.46 10.89
CA THR C 227 -18.43 1.53 9.70
C THR C 227 -17.88 2.64 8.78
N PRO C 228 -18.18 2.57 7.46
CA PRO C 228 -17.74 3.60 6.50
C PRO C 228 -18.72 4.78 6.45
N ASP C 229 -18.75 5.55 7.55
CA ASP C 229 -19.46 6.83 7.60
C ASP C 229 -18.84 7.78 6.56
N ARG C 230 -19.55 8.86 6.20
CA ARG C 230 -19.01 9.79 5.20
C ARG C 230 -17.74 10.44 5.74
N HIS C 231 -16.80 10.69 4.82
CA HIS C 231 -15.44 11.17 5.10
C HIS C 231 -14.53 10.09 5.69
N LEU C 232 -15.05 8.89 5.98
CA LEU C 232 -14.25 7.88 6.67
C LEU C 232 -14.73 6.44 6.40
N GLY C 233 -13.85 5.58 5.87
CA GLY C 233 -14.10 4.14 5.86
C GLY C 233 -13.97 3.52 7.25
N ALA C 234 -13.94 2.18 7.32
CA ALA C 234 -13.83 1.45 8.57
C ALA C 234 -12.39 1.42 9.07
N ALA C 235 -12.22 1.58 10.40
CA ALA C 235 -10.94 1.58 11.09
C ALA C 235 -10.26 0.20 11.06
N TRP C 236 -9.04 0.12 10.48
CA TRP C 236 -8.26 -1.12 10.45
C TRP C 236 -7.03 -1.01 11.32
N ILE C 237 -6.91 -2.04 12.15
CA ILE C 237 -5.73 -2.38 12.91
C ILE C 237 -5.32 -3.77 12.41
N ASP C 238 -4.01 -3.99 12.21
CA ASP C 238 -3.48 -5.29 11.84
C ASP C 238 -3.41 -6.22 13.07
N LYS C 239 -2.90 -7.45 12.90
CA LYS C 239 -2.89 -8.47 13.94
C LYS C 239 -1.66 -8.39 14.83
N CYS C 240 -1.62 -7.38 15.71
CA CYS C 240 -0.40 -7.10 16.47
C CYS C 240 -0.16 -8.09 17.59
N ARG C 241 -1.28 -8.61 18.10
CA ARG C 241 -1.37 -9.37 19.35
C ARG C 241 -0.81 -8.49 20.46
N PRO C 242 -1.46 -7.35 20.80
CA PRO C 242 -0.86 -6.49 21.82
C PRO C 242 -1.32 -7.16 23.11
N ASN C 243 -0.61 -6.86 24.19
CA ASN C 243 -0.90 -7.37 25.52
C ASN C 243 -2.17 -6.74 26.10
N LEU C 244 -2.25 -5.42 26.01
CA LEU C 244 -3.40 -4.68 26.49
C LEU C 244 -4.01 -3.89 25.34
N LEU C 245 -5.32 -4.03 25.17
CA LEU C 245 -6.09 -3.19 24.26
C LEU C 245 -6.97 -2.24 25.06
N ILE C 246 -6.87 -0.93 24.85
CA ILE C 246 -7.72 0.07 25.49
C ILE C 246 -8.74 0.63 24.49
N THR C 247 -10.05 0.56 24.81
CA THR C 247 -11.11 0.89 23.86
C THR C 247 -12.09 1.94 24.41
N GLU C 248 -12.73 2.67 23.50
CA GLU C 248 -13.89 3.49 23.80
C GLU C 248 -15.09 2.56 24.00
N SER C 249 -15.88 2.81 25.06
CA SER C 249 -17.09 2.02 25.34
C SER C 249 -18.34 2.91 25.39
N THR C 250 -18.34 3.95 24.57
CA THR C 250 -19.40 4.93 24.56
C THR C 250 -20.72 4.24 24.20
N TYR C 251 -20.68 3.35 23.20
CA TYR C 251 -21.84 2.53 22.86
C TYR C 251 -21.55 1.09 23.25
N ALA C 252 -22.22 0.66 24.31
CA ALA C 252 -22.13 -0.70 24.83
C ALA C 252 -23.38 -1.48 24.44
N THR C 253 -24.25 -0.88 23.61
CA THR C 253 -25.44 -1.53 23.05
C THR C 253 -25.29 -1.61 21.54
N THR C 254 -25.54 -2.80 20.97
CA THR C 254 -25.38 -3.06 19.54
C THR C 254 -26.43 -2.26 18.77
N ILE C 255 -25.98 -1.60 17.68
CA ILE C 255 -26.80 -0.67 16.90
C ILE C 255 -26.99 -1.23 15.49
N ARG C 256 -27.89 -0.60 14.74
CA ARG C 256 -28.19 -0.96 13.36
C ARG C 256 -27.13 -0.36 12.45
N ASP C 257 -27.33 -0.49 11.12
CA ASP C 257 -26.43 0.03 10.10
C ASP C 257 -26.21 1.52 10.36
N SER C 258 -24.95 1.98 10.30
CA SER C 258 -24.58 3.32 10.71
C SER C 258 -25.20 4.38 9.79
N LYS C 259 -25.20 4.11 8.48
CA LYS C 259 -25.60 5.10 7.48
C LYS C 259 -27.09 5.02 7.14
N ARG C 260 -27.61 3.80 6.87
CA ARG C 260 -28.99 3.60 6.41
C ARG C 260 -30.00 3.95 7.51
N CYS C 261 -29.75 3.43 8.72
CA CYS C 261 -30.59 3.69 9.88
C CYS C 261 -30.66 5.19 10.15
N ARG C 262 -29.51 5.88 10.14
CA ARG C 262 -29.42 7.30 10.44
C ARG C 262 -30.10 8.15 9.37
N GLU C 263 -30.16 7.65 8.12
CA GLU C 263 -30.87 8.33 7.03
C GLU C 263 -32.37 8.20 7.27
N ARG C 264 -32.83 6.97 7.53
CA ARG C 264 -34.24 6.69 7.76
C ARG C 264 -34.76 7.58 8.89
N ASP C 265 -34.05 7.56 10.03
CA ASP C 265 -34.47 8.29 11.21
C ASP C 265 -34.58 9.78 10.90
N PHE C 266 -33.52 10.32 10.26
CA PHE C 266 -33.44 11.73 9.93
C PHE C 266 -34.64 12.14 9.08
N LEU C 267 -34.90 11.37 8.01
CA LEU C 267 -35.96 11.69 7.07
C LEU C 267 -37.32 11.71 7.79
N LYS C 268 -37.57 10.66 8.58
CA LYS C 268 -38.82 10.55 9.32
C LYS C 268 -39.01 11.78 10.21
N LYS C 269 -37.98 12.12 10.99
CA LYS C 269 -38.02 13.24 11.93
C LYS C 269 -38.32 14.53 11.18
N VAL C 270 -37.62 14.76 10.06
CA VAL C 270 -37.79 15.97 9.26
C VAL C 270 -39.24 16.09 8.80
N HIS C 271 -39.79 14.99 8.23
CA HIS C 271 -41.16 14.96 7.73
C HIS C 271 -42.15 15.30 8.83
N GLU C 272 -41.95 14.70 10.02
CA GLU C 272 -42.78 14.91 11.19
C GLU C 272 -42.81 16.39 11.59
N THR C 273 -41.62 17.03 11.64
CA THR C 273 -41.49 18.45 11.94
C THR C 273 -42.28 19.29 10.92
N VAL C 274 -42.11 18.99 9.62
CA VAL C 274 -42.44 19.82 8.47
C VAL C 274 -43.93 20.21 8.43
N GLU C 275 -44.79 19.53 9.20
CA GLU C 275 -46.23 19.68 9.12
C GLU C 275 -46.67 21.14 9.31
N ARG C 276 -46.13 21.79 10.36
CA ARG C 276 -46.48 23.15 10.76
C ARG C 276 -45.23 23.97 11.07
N GLY C 277 -44.52 24.36 9.99
CA GLY C 277 -43.33 25.19 10.04
C GLY C 277 -42.20 24.56 10.85
N GLY C 278 -41.89 23.29 10.54
CA GLY C 278 -41.01 22.44 11.32
C GLY C 278 -39.59 22.99 11.37
N LYS C 279 -39.16 23.42 12.56
CA LYS C 279 -37.85 23.99 12.82
C LYS C 279 -36.82 22.87 12.99
N VAL C 280 -35.54 23.22 12.80
CA VAL C 280 -34.40 22.35 13.09
C VAL C 280 -33.41 23.10 13.97
N LEU C 281 -33.08 22.56 15.15
CA LEU C 281 -32.05 23.09 16.05
C LEU C 281 -31.12 21.95 16.46
N ILE C 282 -29.96 21.85 15.78
CA ILE C 282 -29.06 20.71 15.90
C ILE C 282 -27.68 21.18 16.36
N PRO C 283 -27.16 20.68 17.51
CA PRO C 283 -25.81 21.06 17.94
C PRO C 283 -24.78 20.31 17.10
N VAL C 284 -23.66 20.99 16.78
CA VAL C 284 -22.53 20.42 16.05
C VAL C 284 -21.23 21.02 16.61
N PHE C 285 -20.34 20.14 17.11
CA PHE C 285 -19.20 20.52 17.93
C PHE C 285 -17.87 20.45 17.14
N ALA C 286 -17.92 19.98 15.89
CA ALA C 286 -16.75 19.69 15.09
C ALA C 286 -16.91 20.26 13.68
N LEU C 287 -15.76 20.43 12.99
CA LEU C 287 -15.65 20.86 11.61
C LEU C 287 -16.27 19.83 10.65
N GLY C 288 -15.98 18.54 10.88
CA GLY C 288 -16.39 17.43 10.03
C GLY C 288 -17.78 16.89 10.37
N ARG C 289 -18.30 17.33 11.52
CA ARG C 289 -19.67 17.13 11.95
C ARG C 289 -20.59 18.08 11.16
N ALA C 290 -20.14 19.33 10.95
CA ALA C 290 -20.88 20.32 10.18
C ALA C 290 -21.12 19.80 8.76
N GLN C 291 -20.08 19.21 8.16
CA GLN C 291 -20.14 18.65 6.82
C GLN C 291 -21.17 17.53 6.77
N GLU C 292 -21.20 16.66 7.80
CA GLU C 292 -22.14 15.56 7.91
C GLU C 292 -23.57 16.09 7.91
N LEU C 293 -23.80 17.14 8.71
CA LEU C 293 -25.10 17.79 8.80
C LEU C 293 -25.53 18.35 7.45
N CYS C 294 -24.59 18.99 6.73
CA CYS C 294 -24.82 19.55 5.41
C CYS C 294 -25.25 18.45 4.43
N ILE C 295 -24.55 17.30 4.47
CA ILE C 295 -24.85 16.15 3.61
C ILE C 295 -26.25 15.62 3.92
N LEU C 296 -26.61 15.56 5.21
CA LEU C 296 -27.93 15.12 5.65
C LEU C 296 -29.03 16.06 5.11
N LEU C 297 -28.78 17.37 5.16
CA LEU C 297 -29.69 18.38 4.63
C LEU C 297 -29.86 18.20 3.12
N GLU C 298 -28.74 17.94 2.43
CA GLU C 298 -28.73 17.67 0.99
C GLU C 298 -29.63 16.48 0.67
N THR C 299 -29.49 15.41 1.47
CA THR C 299 -30.28 14.20 1.33
C THR C 299 -31.76 14.49 1.51
N PHE C 300 -32.10 15.28 2.55
CA PHE C 300 -33.46 15.73 2.80
C PHE C 300 -34.04 16.40 1.56
N TRP C 301 -33.30 17.35 0.99
CA TRP C 301 -33.70 18.11 -0.19
C TRP C 301 -33.93 17.18 -1.37
N GLU C 302 -33.02 16.21 -1.55
CA GLU C 302 -33.08 15.23 -2.63
C GLU C 302 -34.37 14.39 -2.56
N ARG C 303 -34.74 13.96 -1.34
CA ARG C 303 -35.85 13.04 -1.13
C ARG C 303 -37.20 13.76 -1.24
N MET C 304 -37.22 15.04 -0.84
CA MET C 304 -38.44 15.80 -0.54
C MET C 304 -38.57 17.03 -1.45
N ASN C 305 -37.83 18.10 -1.12
CA ASN C 305 -37.60 19.30 -1.92
C ASN C 305 -38.78 20.28 -1.89
N LEU C 306 -39.74 20.02 -0.98
CA LEU C 306 -40.99 20.76 -0.88
C LEU C 306 -40.73 22.19 -0.39
N LYS C 307 -39.84 22.33 0.60
CA LYS C 307 -39.41 23.61 1.14
C LYS C 307 -37.97 23.87 0.71
N VAL C 308 -37.75 25.06 0.12
CA VAL C 308 -36.45 25.46 -0.39
C VAL C 308 -35.48 25.71 0.77
N PRO C 309 -36.00 26.10 1.96
CA PRO C 309 -35.18 26.63 3.06
C PRO C 309 -34.08 25.72 3.62
N ILE C 310 -32.83 26.20 3.54
CA ILE C 310 -31.62 25.51 4.00
C ILE C 310 -30.77 26.51 4.77
N TYR C 311 -30.20 26.02 5.88
CA TYR C 311 -29.25 26.77 6.69
C TYR C 311 -27.97 25.96 6.88
N PHE C 312 -26.87 26.67 7.20
CA PHE C 312 -25.55 26.09 7.39
C PHE C 312 -25.06 26.33 8.82
N SER C 313 -23.87 25.78 9.12
CA SER C 313 -23.31 25.70 10.47
C SER C 313 -23.17 27.10 11.08
N THR C 314 -22.32 27.92 10.46
CA THR C 314 -21.96 29.22 10.98
C THR C 314 -21.31 30.03 9.87
N GLY C 315 -20.98 31.29 10.19
CA GLY C 315 -20.36 32.25 9.28
C GLY C 315 -19.14 31.68 8.56
N LEU C 316 -18.25 31.01 9.31
CA LEU C 316 -16.99 30.51 8.81
C LEU C 316 -17.09 29.04 8.39
N THR C 317 -18.18 28.66 7.69
CA THR C 317 -18.27 27.35 7.05
C THR C 317 -17.35 27.28 5.82
N GLU C 318 -16.91 28.45 5.33
CA GLU C 318 -15.88 28.47 4.30
C GLU C 318 -14.73 27.57 4.77
N LYS C 319 -14.25 27.79 5.99
CA LYS C 319 -13.10 27.12 6.58
C LYS C 319 -13.22 25.59 6.56
N ALA C 320 -14.35 25.05 7.05
CA ALA C 320 -14.58 23.61 7.09
C ALA C 320 -14.50 23.04 5.68
N ASN C 321 -15.21 23.72 4.76
CA ASN C 321 -15.16 23.40 3.34
C ASN C 321 -13.68 23.26 2.94
N HIS C 322 -12.87 24.30 3.21
CA HIS C 322 -11.45 24.34 2.92
C HIS C 322 -10.69 23.11 3.44
N TYR C 323 -10.80 22.82 4.76
CA TYR C 323 -10.00 21.81 5.44
C TYR C 323 -10.24 20.39 4.91
N TYR C 324 -11.52 20.06 4.70
CA TYR C 324 -11.93 18.77 4.16
C TYR C 324 -11.32 18.56 2.77
N LYS C 325 -11.41 19.58 1.91
CA LYS C 325 -10.87 19.54 0.55
C LYS C 325 -9.36 19.32 0.60
N LEU C 326 -8.68 19.99 1.56
CA LEU C 326 -7.23 19.93 1.70
C LEU C 326 -6.76 18.48 1.89
N PHE C 327 -7.34 17.77 2.87
CA PHE C 327 -6.88 16.43 3.24
C PHE C 327 -7.62 15.33 2.49
N ILE C 328 -7.33 15.21 1.19
CA ILE C 328 -7.89 14.16 0.35
C ILE C 328 -7.32 12.79 0.72
N PRO C 329 -6.01 12.64 1.08
CA PRO C 329 -5.43 11.33 1.44
C PRO C 329 -6.15 10.58 2.54
N TRP C 330 -6.46 11.29 3.64
CA TRP C 330 -7.00 10.74 4.86
C TRP C 330 -8.45 10.29 4.69
N THR C 331 -9.23 11.00 3.87
CA THR C 331 -10.66 10.73 3.69
C THR C 331 -10.88 9.32 3.17
N ASN C 332 -12.14 8.84 3.26
CA ASN C 332 -12.53 7.52 2.81
C ASN C 332 -12.07 7.35 1.37
N GLN C 333 -11.50 6.18 1.04
CA GLN C 333 -10.89 5.91 -0.25
C GLN C 333 -11.82 6.31 -1.40
N LYS C 334 -13.06 5.77 -1.36
CA LYS C 334 -14.12 5.94 -2.35
C LYS C 334 -14.48 7.42 -2.50
N ILE C 335 -14.68 8.09 -1.35
CA ILE C 335 -15.06 9.49 -1.28
C ILE C 335 -14.02 10.38 -1.96
N ARG C 336 -12.72 10.09 -1.72
CA ARG C 336 -11.60 10.81 -2.32
C ARG C 336 -11.62 10.70 -3.84
N LYS C 337 -11.86 9.47 -4.33
CA LYS C 337 -11.96 9.18 -5.76
C LYS C 337 -13.11 10.00 -6.36
N THR C 338 -14.26 10.01 -5.66
CA THR C 338 -15.45 10.73 -6.07
C THR C 338 -15.20 12.24 -6.12
N PHE C 339 -14.37 12.75 -5.20
CA PHE C 339 -13.97 14.16 -5.09
C PHE C 339 -13.05 14.56 -6.24
N VAL C 340 -12.16 13.66 -6.67
CA VAL C 340 -11.20 13.94 -7.73
C VAL C 340 -11.90 14.07 -9.08
N GLN C 341 -13.17 13.60 -9.16
CA GLN C 341 -14.00 13.56 -10.36
C GLN C 341 -15.29 14.36 -10.21
N ARG C 342 -15.63 14.81 -8.98
CA ARG C 342 -16.88 15.51 -8.70
C ARG C 342 -16.66 16.65 -7.70
N ASN C 343 -17.57 17.63 -7.68
CA ASN C 343 -17.50 18.76 -6.75
C ASN C 343 -17.89 18.30 -5.35
N MET C 344 -17.22 18.89 -4.34
CA MET C 344 -17.39 18.53 -2.94
C MET C 344 -17.93 19.71 -2.14
N PHE C 345 -19.04 19.46 -1.40
CA PHE C 345 -19.49 20.21 -0.24
C PHE C 345 -19.87 21.67 -0.55
N GLU C 346 -20.65 21.87 -1.63
CA GLU C 346 -21.18 23.18 -2.00
C GLU C 346 -22.10 23.72 -0.91
N PHE C 347 -21.86 24.98 -0.52
CA PHE C 347 -22.62 25.70 0.51
C PHE C 347 -22.46 27.21 0.36
N LYS C 348 -23.61 27.91 0.32
CA LYS C 348 -23.72 29.36 0.14
C LYS C 348 -24.97 29.89 0.85
N HIS C 349 -25.51 29.10 1.80
CA HIS C 349 -26.86 29.31 2.33
C HIS C 349 -26.88 29.93 3.73
N ILE C 350 -25.75 29.84 4.46
CA ILE C 350 -25.62 30.25 5.86
C ILE C 350 -26.06 31.70 6.04
N LYS C 351 -25.55 32.59 5.19
CA LYS C 351 -25.78 34.02 5.24
C LYS C 351 -27.28 34.32 5.11
N ALA C 352 -27.92 33.68 4.11
CA ALA C 352 -29.35 33.81 3.86
C ALA C 352 -30.16 33.40 5.09
N PHE C 353 -29.75 32.27 5.71
CA PHE C 353 -30.39 31.74 6.90
C PHE C 353 -30.36 32.75 8.05
N ASP C 354 -29.15 33.19 8.45
CA ASP C 354 -28.97 34.04 9.63
C ASP C 354 -30.09 35.09 9.72
N ARG C 355 -30.21 35.91 8.66
CA ARG C 355 -31.16 37.01 8.61
C ARG C 355 -32.58 36.48 8.67
N ALA C 356 -32.87 35.42 7.91
CA ALA C 356 -34.19 34.81 7.88
C ALA C 356 -34.56 34.24 9.24
N PHE C 357 -33.57 33.64 9.94
CA PHE C 357 -33.78 32.85 11.14
C PHE C 357 -33.39 33.63 12.40
N ALA C 358 -33.66 34.94 12.38
CA ALA C 358 -33.41 35.83 13.50
C ALA C 358 -34.68 35.96 14.36
N ASP C 359 -35.02 34.86 15.06
CA ASP C 359 -36.15 34.77 15.97
C ASP C 359 -37.51 34.72 15.25
N ASN C 360 -37.50 34.48 13.92
CA ASN C 360 -38.73 34.36 13.13
C ASN C 360 -39.24 32.93 13.12
N PRO C 361 -40.53 32.71 12.75
CA PRO C 361 -41.23 31.44 13.01
C PRO C 361 -41.38 30.53 11.79
N GLY C 362 -40.28 30.36 11.05
CA GLY C 362 -40.28 29.63 9.77
C GLY C 362 -39.63 28.25 9.79
N PRO C 363 -39.31 27.71 8.59
CA PRO C 363 -38.89 26.31 8.43
C PRO C 363 -37.39 26.07 8.41
N MET C 364 -36.60 27.16 8.53
CA MET C 364 -35.15 27.14 8.33
C MET C 364 -34.46 26.03 9.12
N VAL C 365 -33.53 25.35 8.43
CA VAL C 365 -32.86 24.15 8.91
C VAL C 365 -31.52 24.46 9.59
N VAL C 366 -31.57 25.07 10.79
CA VAL C 366 -30.36 25.62 11.39
C VAL C 366 -29.65 24.62 12.30
N PHE C 367 -28.49 24.14 11.83
CA PHE C 367 -27.50 23.48 12.67
C PHE C 367 -26.62 24.55 13.32
N ALA C 368 -26.90 24.89 14.57
CA ALA C 368 -26.18 25.92 15.29
C ALA C 368 -24.84 25.37 15.81
N THR C 369 -24.01 26.24 16.41
CA THR C 369 -22.60 26.02 16.76
C THR C 369 -22.46 25.11 17.98
N PRO C 370 -21.90 25.57 19.13
CA PRO C 370 -21.68 24.72 20.31
C PRO C 370 -22.92 24.60 21.22
N GLY C 371 -23.68 23.51 21.03
CA GLY C 371 -24.97 23.29 21.67
C GLY C 371 -24.86 23.11 23.19
N MET C 372 -23.88 22.29 23.60
CA MET C 372 -23.69 21.89 24.99
C MET C 372 -22.52 22.69 25.58
N LEU C 373 -22.73 24.00 25.68
CA LEU C 373 -21.79 24.96 26.27
C LEU C 373 -22.58 25.94 27.12
N HIS C 374 -21.86 26.67 28.01
CA HIS C 374 -22.45 27.63 28.93
C HIS C 374 -23.20 28.72 28.19
N ALA C 375 -22.58 29.24 27.10
CA ALA C 375 -23.18 30.19 26.18
C ALA C 375 -22.68 29.90 24.77
N GLY C 376 -23.34 30.51 23.79
CA GLY C 376 -22.96 30.41 22.40
C GLY C 376 -24.11 30.73 21.46
N GLN C 377 -23.78 30.69 20.15
CA GLN C 377 -24.74 30.83 19.07
C GLN C 377 -25.88 29.84 19.22
N SER C 378 -25.52 28.59 19.54
CA SER C 378 -26.44 27.49 19.74
C SER C 378 -27.41 27.77 20.89
N LEU C 379 -26.90 28.25 22.03
CA LEU C 379 -27.76 28.61 23.15
C LEU C 379 -28.77 29.66 22.72
N GLN C 380 -28.30 30.69 22.00
CA GLN C 380 -29.16 31.75 21.46
C GLN C 380 -30.28 31.14 20.60
N ILE C 381 -29.90 30.22 19.69
CA ILE C 381 -30.82 29.56 18.77
C ILE C 381 -31.89 28.76 19.54
N PHE C 382 -31.45 28.03 20.58
CA PHE C 382 -32.32 27.23 21.41
C PHE C 382 -33.33 28.12 22.13
N ARG C 383 -32.85 29.26 22.66
CA ARG C 383 -33.70 30.24 23.33
C ARG C 383 -34.76 30.78 22.35
N LYS C 384 -34.36 31.01 21.08
CA LYS C 384 -35.24 31.47 20.01
C LYS C 384 -36.35 30.44 19.73
N TRP C 385 -35.98 29.15 19.71
CA TRP C 385 -36.89 28.09 19.33
C TRP C 385 -37.77 27.63 20.48
N ALA C 386 -37.56 28.19 21.68
CA ALA C 386 -38.06 27.62 22.92
C ALA C 386 -39.52 28.02 23.10
N GLY C 387 -40.38 27.03 23.29
CA GLY C 387 -41.78 27.25 23.65
C GLY C 387 -42.75 27.32 22.48
N ASN C 388 -42.30 26.93 21.27
CA ASN C 388 -43.16 26.97 20.09
C ASN C 388 -43.41 25.57 19.53
N GLU C 389 -44.55 25.41 18.84
CA GLU C 389 -44.96 24.15 18.25
C GLU C 389 -44.03 23.79 17.09
N LYS C 390 -43.66 24.80 16.27
CA LYS C 390 -42.82 24.67 15.09
C LYS C 390 -41.59 23.83 15.39
N ASN C 391 -40.87 24.22 16.45
CA ASN C 391 -39.64 23.65 16.97
C ASN C 391 -39.64 22.12 17.13
N MET C 392 -38.63 21.49 16.48
CA MET C 392 -38.11 20.18 16.82
C MET C 392 -36.59 20.29 16.88
N VAL C 393 -35.98 19.71 17.92
CA VAL C 393 -34.54 19.78 18.12
C VAL C 393 -33.97 18.36 18.19
N ILE C 394 -32.81 18.16 17.52
CA ILE C 394 -32.16 16.85 17.41
C ILE C 394 -30.78 16.90 18.09
N MET C 395 -30.48 15.87 18.87
CA MET C 395 -29.21 15.76 19.54
C MET C 395 -28.33 14.77 18.76
N PRO C 396 -27.50 15.28 17.81
CA PRO C 396 -26.86 14.42 16.81
C PRO C 396 -25.71 13.59 17.39
N GLY C 397 -24.89 14.26 18.22
CA GLY C 397 -23.88 13.63 19.06
C GLY C 397 -24.47 12.85 20.22
N TYR C 398 -23.57 12.46 21.15
CA TYR C 398 -23.81 11.64 22.34
C TYR C 398 -24.62 12.41 23.37
N CYS C 399 -24.61 13.75 23.22
CA CYS C 399 -25.29 14.70 24.11
C CYS C 399 -24.98 14.39 25.57
N VAL C 400 -23.69 14.19 25.90
CA VAL C 400 -23.23 13.96 27.27
C VAL C 400 -22.20 15.02 27.63
N GLN C 401 -22.68 16.15 28.19
CA GLN C 401 -21.86 17.29 28.56
C GLN C 401 -22.32 17.79 29.92
N GLY C 402 -22.06 16.96 30.94
CA GLY C 402 -22.40 17.25 32.32
C GLY C 402 -23.89 17.52 32.47
N THR C 403 -24.22 18.77 32.87
CA THR C 403 -25.56 19.23 33.21
C THR C 403 -26.49 19.28 32.00
N VAL C 404 -25.99 19.79 30.86
CA VAL C 404 -26.76 19.89 29.63
C VAL C 404 -27.18 18.49 29.20
N GLY C 405 -26.24 17.52 29.32
CA GLY C 405 -26.47 16.11 29.05
C GLY C 405 -27.57 15.51 29.92
N HIS C 406 -27.51 15.79 31.22
CA HIS C 406 -28.52 15.35 32.18
C HIS C 406 -29.89 15.89 31.78
N LYS C 407 -29.95 17.18 31.40
CA LYS C 407 -31.19 17.84 30.97
C LYS C 407 -31.75 17.16 29.73
N ILE C 408 -30.88 16.84 28.76
CA ILE C 408 -31.23 16.13 27.54
C ILE C 408 -31.83 14.75 27.88
N LEU C 409 -31.21 14.05 28.84
CA LEU C 409 -31.58 12.69 29.22
C LEU C 409 -33.03 12.60 29.69
N SER C 410 -33.39 13.48 30.65
CA SER C 410 -34.69 13.48 31.31
C SER C 410 -35.69 14.38 30.59
N GLY C 411 -35.17 15.26 29.71
CA GLY C 411 -35.97 16.12 28.86
C GLY C 411 -37.10 16.81 29.62
N GLN C 412 -36.75 17.42 30.76
CA GLN C 412 -37.69 18.13 31.61
C GLN C 412 -38.11 19.43 30.93
N ARG C 413 -39.43 19.67 30.89
CA ARG C 413 -40.00 20.88 30.31
C ARG C 413 -39.56 22.08 31.16
N LYS C 414 -39.60 21.90 32.49
CA LYS C 414 -39.17 22.91 33.44
C LYS C 414 -37.67 22.73 33.71
N LEU C 415 -36.88 23.26 32.77
CA LEU C 415 -35.42 23.26 32.80
C LEU C 415 -34.93 24.61 33.34
N GLU C 416 -33.93 24.56 34.24
CA GLU C 416 -33.32 25.75 34.84
C GLU C 416 -31.93 25.98 34.25
N MET C 417 -31.70 27.22 33.77
CA MET C 417 -30.42 27.65 33.24
C MET C 417 -29.46 27.93 34.40
N GLU C 418 -28.16 28.00 34.10
CA GLU C 418 -27.12 28.31 35.07
C GLU C 418 -27.39 29.68 35.70
N GLY C 419 -27.74 30.66 34.84
CA GLY C 419 -28.16 31.98 35.29
C GLY C 419 -29.62 31.98 35.73
N ARG C 420 -30.09 33.12 36.25
CA ARG C 420 -31.45 33.27 36.76
C ARG C 420 -32.40 33.57 35.60
N GLN C 421 -32.61 32.55 34.76
CA GLN C 421 -33.49 32.61 33.59
C GLN C 421 -34.48 31.45 33.66
N VAL C 422 -35.77 31.77 33.44
CA VAL C 422 -36.85 30.78 33.38
C VAL C 422 -37.22 30.53 31.92
N LEU C 423 -36.89 29.33 31.42
CA LEU C 423 -37.23 28.87 30.07
C LEU C 423 -37.99 27.55 30.18
N GLU C 424 -39.17 27.49 29.54
CA GLU C 424 -40.01 26.31 29.47
C GLU C 424 -40.20 25.93 28.00
N VAL C 425 -39.83 24.69 27.67
CA VAL C 425 -39.80 24.17 26.31
C VAL C 425 -41.01 23.26 26.12
N LYS C 426 -41.57 23.27 24.88
CA LYS C 426 -42.73 22.50 24.43
C LYS C 426 -42.57 22.11 22.96
N MET C 427 -41.32 21.83 22.60
CA MET C 427 -40.92 21.25 21.34
C MET C 427 -40.80 19.74 21.55
N GLN C 428 -40.59 19.02 20.45
CA GLN C 428 -40.40 17.57 20.48
C GLN C 428 -38.91 17.24 20.52
N VAL C 429 -38.48 16.51 21.56
CA VAL C 429 -37.09 16.10 21.72
C VAL C 429 -36.91 14.67 21.23
N GLU C 430 -36.10 14.49 20.18
CA GLU C 430 -35.69 13.17 19.71
C GLU C 430 -34.16 13.14 19.59
N TYR C 431 -33.56 12.05 20.08
CA TYR C 431 -32.12 11.84 19.93
C TYR C 431 -31.91 10.65 19.00
N MET C 432 -30.95 10.82 18.09
CA MET C 432 -30.47 9.78 17.19
C MET C 432 -28.95 9.72 17.30
N SER C 433 -28.40 8.50 17.28
CA SER C 433 -26.97 8.28 17.38
C SER C 433 -26.31 8.37 16.01
N PHE C 434 -26.33 9.58 15.43
CA PHE C 434 -25.75 9.83 14.11
C PHE C 434 -24.26 10.08 14.23
N SER C 435 -23.79 10.32 15.47
CA SER C 435 -22.40 10.52 15.79
C SER C 435 -21.58 9.29 15.35
N ALA C 436 -20.46 9.56 14.66
CA ALA C 436 -19.51 8.55 14.24
C ALA C 436 -18.91 7.91 15.49
N HIS C 437 -19.14 6.59 15.65
CA HIS C 437 -18.62 5.79 16.75
C HIS C 437 -18.87 4.32 16.46
N ALA C 438 -18.22 3.44 17.23
CA ALA C 438 -18.40 2.00 17.11
C ALA C 438 -19.42 1.51 18.15
N ASP C 439 -20.43 0.74 17.69
CA ASP C 439 -21.40 0.02 18.51
C ASP C 439 -20.71 -1.16 19.19
N ALA C 440 -21.36 -1.79 20.19
CA ALA C 440 -20.76 -2.86 20.99
C ALA C 440 -20.39 -4.08 20.15
N LYS C 441 -21.02 -4.20 18.98
CA LYS C 441 -20.68 -5.17 17.95
C LYS C 441 -19.32 -4.86 17.32
N GLY C 442 -19.20 -3.61 16.88
CA GLY C 442 -17.94 -3.06 16.44
C GLY C 442 -16.79 -3.23 17.44
N ILE C 443 -17.01 -2.99 18.74
CA ILE C 443 -15.95 -3.14 19.73
C ILE C 443 -15.49 -4.59 19.71
N MET C 444 -16.46 -5.50 19.64
CA MET C 444 -16.16 -6.92 19.62
C MET C 444 -15.21 -7.24 18.45
N GLN C 445 -15.51 -6.67 17.26
CA GLN C 445 -14.81 -6.94 16.01
C GLN C 445 -13.35 -6.53 16.08
N LEU C 446 -13.11 -5.31 16.57
CA LEU C 446 -11.75 -4.78 16.68
C LEU C 446 -10.97 -5.54 17.77
N VAL C 447 -11.67 -5.96 18.82
CA VAL C 447 -11.01 -6.78 19.82
C VAL C 447 -10.52 -8.04 19.13
N GLY C 448 -11.38 -8.58 18.24
CA GLY C 448 -11.11 -9.73 17.40
C GLY C 448 -9.83 -9.61 16.57
N GLN C 449 -9.69 -8.51 15.83
CA GLN C 449 -8.54 -8.27 14.96
C GLN C 449 -7.27 -8.11 15.77
N ALA C 450 -7.35 -7.50 16.96
CA ALA C 450 -6.18 -7.32 17.79
C ALA C 450 -5.89 -8.60 18.60
N GLU C 451 -6.97 -9.19 19.15
CA GLU C 451 -6.91 -10.47 19.83
C GLU C 451 -5.92 -10.39 20.99
N PRO C 452 -6.04 -9.40 21.89
CA PRO C 452 -5.00 -9.14 22.88
C PRO C 452 -5.06 -10.21 23.96
N GLU C 453 -4.06 -10.21 24.84
CA GLU C 453 -4.01 -10.95 26.09
C GLU C 453 -5.07 -10.46 27.09
N SER C 454 -5.37 -9.15 27.04
CA SER C 454 -6.37 -8.52 27.89
C SER C 454 -6.89 -7.23 27.25
N VAL C 455 -8.05 -6.72 27.70
CA VAL C 455 -8.65 -5.47 27.27
C VAL C 455 -8.95 -4.60 28.49
N LEU C 456 -9.03 -3.26 28.33
CA LEU C 456 -9.36 -2.33 29.39
C LEU C 456 -10.43 -1.39 28.85
N LEU C 457 -11.51 -1.19 29.61
CA LEU C 457 -12.57 -0.34 29.15
C LEU C 457 -12.46 1.05 29.78
N VAL C 458 -12.37 2.05 28.90
CA VAL C 458 -12.40 3.49 29.17
C VAL C 458 -13.52 4.14 28.35
N HIS C 459 -13.96 5.36 28.73
CA HIS C 459 -14.77 6.26 27.91
C HIS C 459 -16.13 5.63 27.52
N GLY C 460 -16.92 5.32 28.55
CA GLY C 460 -18.32 4.92 28.53
C GLY C 460 -18.80 5.16 29.96
N GLU C 461 -20.10 4.96 30.24
CA GLU C 461 -20.61 5.00 31.61
C GLU C 461 -20.54 3.60 32.18
N ALA C 462 -20.34 3.48 33.51
CA ALA C 462 -20.02 2.23 34.18
C ALA C 462 -21.04 1.13 33.90
N LYS C 463 -22.34 1.48 33.99
CA LYS C 463 -23.44 0.53 33.77
C LYS C 463 -23.26 -0.18 32.42
N LYS C 464 -23.22 0.64 31.36
CA LYS C 464 -23.02 0.20 29.99
C LYS C 464 -21.74 -0.64 29.86
N MET C 465 -20.60 -0.10 30.34
CA MET C 465 -19.30 -0.75 30.37
C MET C 465 -19.38 -2.12 31.05
N GLU C 466 -20.10 -2.19 32.19
CA GLU C 466 -20.19 -3.42 32.97
C GLU C 466 -20.71 -4.55 32.10
N PHE C 467 -21.85 -4.31 31.45
CA PHE C 467 -22.46 -5.27 30.56
C PHE C 467 -21.48 -5.66 29.45
N LEU C 468 -20.85 -4.65 28.84
CA LEU C 468 -19.89 -4.87 27.75
C LEU C 468 -18.73 -5.73 28.25
N LYS C 469 -18.22 -5.39 29.43
CA LYS C 469 -17.14 -6.15 30.03
C LYS C 469 -17.54 -7.62 30.19
N GLN C 470 -18.72 -7.85 30.75
CA GLN C 470 -19.23 -9.20 30.94
C GLN C 470 -19.25 -9.96 29.60
N LYS C 471 -19.80 -9.31 28.58
CA LYS C 471 -19.92 -9.88 27.25
C LYS C 471 -18.56 -10.30 26.73
N ILE C 472 -17.59 -9.36 26.74
CA ILE C 472 -16.26 -9.63 26.20
C ILE C 472 -15.59 -10.77 26.97
N GLU C 473 -15.74 -10.79 28.31
CA GLU C 473 -15.19 -11.84 29.16
C GLU C 473 -15.75 -13.21 28.75
N GLN C 474 -17.06 -13.29 28.54
CA GLN C 474 -17.73 -14.53 28.16
C GLN C 474 -17.26 -14.98 26.78
N GLU C 475 -17.16 -14.03 25.84
CA GLU C 475 -17.15 -14.28 24.40
C GLU C 475 -15.77 -14.74 23.95
N LEU C 476 -14.74 -13.92 24.21
CA LEU C 476 -13.36 -14.22 23.92
C LEU C 476 -12.66 -14.63 25.22
N ARG C 477 -11.64 -15.50 25.15
CA ARG C 477 -10.98 -15.98 26.35
C ARG C 477 -9.93 -14.97 26.82
N VAL C 478 -10.41 -13.83 27.33
CA VAL C 478 -9.58 -12.77 27.89
C VAL C 478 -10.28 -12.24 29.14
N ASN C 479 -9.48 -11.66 30.04
CA ASN C 479 -9.99 -11.00 31.22
C ASN C 479 -9.91 -9.50 30.99
N CYS C 480 -11.04 -8.79 31.12
CA CYS C 480 -11.14 -7.37 30.77
C CYS C 480 -11.56 -6.58 31.99
N TYR C 481 -11.09 -5.32 32.04
CA TYR C 481 -11.30 -4.43 33.17
C TYR C 481 -12.38 -3.40 32.81
N MET C 482 -12.81 -2.61 33.80
CA MET C 482 -13.60 -1.40 33.63
C MET C 482 -13.23 -0.45 34.78
N PRO C 483 -11.96 0.02 34.90
CA PRO C 483 -11.53 0.84 36.06
C PRO C 483 -12.12 2.26 36.07
N ALA C 484 -12.26 2.83 37.27
CA ALA C 484 -12.77 4.17 37.55
C ALA C 484 -11.66 5.18 37.46
N ASN C 485 -11.99 6.48 37.60
CA ASN C 485 -11.00 7.56 37.54
C ASN C 485 -10.04 7.48 38.73
N GLY C 486 -8.73 7.50 38.45
CA GLY C 486 -7.69 7.48 39.47
C GLY C 486 -7.33 6.08 39.96
N GLU C 487 -7.86 5.03 39.32
CA GLU C 487 -7.64 3.64 39.73
C GLU C 487 -6.76 2.94 38.69
N THR C 488 -5.69 2.28 39.14
CA THR C 488 -4.70 1.65 38.28
C THR C 488 -4.92 0.14 38.21
N VAL C 489 -4.63 -0.44 37.05
CA VAL C 489 -4.64 -1.89 36.87
C VAL C 489 -3.18 -2.36 36.71
N THR C 490 -2.66 -3.13 37.67
CA THR C 490 -1.32 -3.70 37.54
C THR C 490 -1.44 -5.08 36.87
N LEU C 491 -1.75 -5.08 35.57
CA LEU C 491 -1.84 -6.26 34.74
C LEU C 491 -0.45 -6.83 34.48
N LEU C 492 -0.10 -7.91 35.18
CA LEU C 492 1.19 -8.56 35.01
C LEU C 492 1.23 -9.18 33.61
N THR C 493 2.36 -8.92 32.95
CA THR C 493 2.91 -9.68 31.83
C THR C 493 4.26 -10.22 32.29
N SER C 494 4.97 -10.94 31.39
CA SER C 494 6.29 -11.49 31.66
C SER C 494 7.26 -11.12 30.53
N PRO C 495 8.60 -11.09 30.75
CA PRO C 495 9.53 -10.66 29.71
C PRO C 495 9.76 -11.77 28.69
N SER C 496 9.86 -11.38 27.41
CA SER C 496 10.11 -12.28 26.30
C SER C 496 11.47 -11.99 25.69
N ILE C 497 12.45 -12.87 25.98
CA ILE C 497 13.87 -12.61 25.82
C ILE C 497 14.35 -13.04 24.43
N PRO C 498 14.87 -12.05 23.72
CA PRO C 498 15.40 -12.20 22.36
C PRO C 498 16.88 -12.53 22.31
N VAL C 499 17.19 -13.67 21.68
CA VAL C 499 18.53 -14.19 21.56
C VAL C 499 18.73 -14.68 20.12
N GLY C 500 20.00 -14.63 19.70
CA GLY C 500 20.42 -15.05 18.38
C GLY C 500 21.05 -16.44 18.39
N ILE C 501 20.66 -17.26 17.42
CA ILE C 501 21.22 -18.59 17.24
C ILE C 501 22.33 -18.55 16.19
N SER C 502 23.15 -19.62 16.19
CA SER C 502 23.99 -20.03 15.08
C SER C 502 23.14 -20.67 13.98
N LEU C 503 23.34 -20.18 12.74
CA LEU C 503 22.47 -20.57 11.66
C LEU C 503 22.63 -22.07 11.43
N GLY C 504 23.87 -22.59 11.49
CA GLY C 504 24.15 -24.01 11.34
C GLY C 504 23.28 -24.87 12.25
N LEU C 505 23.34 -24.52 13.53
CA LEU C 505 22.56 -25.17 14.57
C LEU C 505 21.07 -25.18 14.22
N LEU C 506 20.57 -24.00 13.89
CA LEU C 506 19.15 -23.87 13.58
C LEU C 506 18.77 -24.81 12.44
N LYS C 507 19.58 -24.81 11.36
CA LYS C 507 19.34 -25.60 10.17
C LYS C 507 19.22 -27.08 10.53
N ARG C 508 20.23 -27.55 11.30
CA ARG C 508 20.30 -28.94 11.69
C ARG C 508 19.05 -29.40 12.44
N GLU C 509 18.66 -28.57 13.41
CA GLU C 509 17.51 -28.85 14.25
C GLU C 509 16.22 -28.84 13.43
N MET C 510 16.12 -27.91 12.46
CA MET C 510 14.99 -27.85 11.56
C MET C 510 14.86 -29.15 10.77
N ALA C 511 16.00 -29.65 10.28
CA ALA C 511 16.07 -30.93 9.57
C ALA C 511 15.57 -32.09 10.44
N GLN C 512 16.02 -32.12 11.71
CA GLN C 512 15.58 -33.11 12.70
C GLN C 512 14.06 -33.07 12.83
N GLY C 513 13.50 -31.85 12.92
CA GLY C 513 12.07 -31.57 13.00
C GLY C 513 11.22 -32.44 12.06
N LEU C 514 11.49 -32.34 10.74
CA LEU C 514 10.57 -32.79 9.70
C LEU C 514 10.43 -34.31 9.58
N LEU C 515 11.49 -35.06 9.88
CA LEU C 515 11.41 -36.51 9.97
C LEU C 515 11.22 -36.91 11.42
N PRO C 516 10.08 -37.59 11.69
CA PRO C 516 9.67 -37.98 13.04
C PRO C 516 10.05 -39.42 13.42
N PRO C 521 10.66 -35.74 20.93
CA PRO C 521 11.32 -36.41 19.80
C PRO C 521 12.31 -35.49 19.06
N ARG C 522 12.35 -34.21 19.49
CA ARG C 522 13.02 -33.13 18.75
C ARG C 522 13.91 -32.31 19.67
N LEU C 523 14.40 -32.93 20.75
CA LEU C 523 15.19 -32.25 21.77
C LEU C 523 16.48 -31.67 21.20
N LEU C 524 16.83 -30.47 21.67
CA LEU C 524 17.85 -29.60 21.08
C LEU C 524 18.69 -29.06 22.23
N HIS C 525 20.01 -29.23 22.12
CA HIS C 525 20.95 -28.90 23.19
C HIS C 525 21.83 -27.73 22.77
N GLY C 526 22.57 -27.16 23.72
CA GLY C 526 23.56 -26.20 23.34
C GLY C 526 23.49 -25.05 24.33
N THR C 527 24.52 -24.18 24.29
CA THR C 527 24.78 -23.28 25.40
C THR C 527 24.54 -21.83 24.98
N LEU C 528 24.33 -20.93 25.95
CA LEU C 528 24.25 -19.49 25.71
C LEU C 528 25.52 -18.81 26.18
N ILE C 529 25.97 -17.82 25.40
CA ILE C 529 27.03 -16.92 25.80
C ILE C 529 26.38 -15.59 26.17
N MET C 530 26.68 -15.10 27.38
CA MET C 530 25.95 -14.02 28.01
C MET C 530 26.92 -12.95 28.51
N LYS C 531 27.15 -11.94 27.66
CA LYS C 531 27.95 -10.76 27.99
C LYS C 531 27.01 -9.63 28.42
N ASP C 532 25.69 -9.85 28.28
CA ASP C 532 24.61 -8.89 28.51
C ASP C 532 24.53 -7.87 27.37
N SER C 533 25.36 -8.08 26.34
CA SER C 533 25.47 -7.24 25.16
C SER C 533 24.91 -7.98 23.95
N ASN C 534 25.46 -9.18 23.70
CA ASN C 534 25.12 -9.99 22.54
C ASN C 534 24.88 -11.43 22.95
N PHE C 535 23.71 -11.68 23.57
CA PHE C 535 23.18 -13.00 23.87
C PHE C 535 23.13 -13.81 22.58
N ARG C 536 23.83 -14.96 22.61
CA ARG C 536 23.96 -15.87 21.48
C ARG C 536 23.79 -17.29 21.97
N LEU C 537 23.26 -18.11 21.07
CA LEU C 537 23.14 -19.52 21.30
C LEU C 537 24.06 -20.20 20.30
N VAL C 538 24.98 -21.02 20.80
CA VAL C 538 25.97 -21.67 19.96
C VAL C 538 25.94 -23.16 20.32
N SER C 539 26.56 -24.00 19.48
CA SER C 539 26.64 -25.44 19.66
C SER C 539 27.54 -25.86 20.84
N SER C 540 27.40 -27.12 21.29
CA SER C 540 28.28 -27.62 22.33
C SER C 540 29.74 -27.35 21.96
N GLU C 541 30.17 -27.96 20.83
CA GLU C 541 31.52 -27.87 20.32
C GLU C 541 31.93 -26.42 20.08
N GLN C 542 31.03 -25.64 19.47
CA GLN C 542 31.34 -24.27 19.09
C GLN C 542 31.64 -23.45 20.34
N ALA C 543 30.84 -23.62 21.39
CA ALA C 543 31.04 -22.92 22.64
C ALA C 543 32.40 -23.29 23.26
N LEU C 544 32.69 -24.59 23.25
CA LEU C 544 33.95 -25.09 23.75
C LEU C 544 35.10 -24.38 23.02
N LYS C 545 35.05 -24.34 21.68
CA LYS C 545 36.06 -23.73 20.84
C LYS C 545 36.20 -22.23 21.14
N GLU C 546 35.07 -21.55 21.39
CA GLU C 546 35.02 -20.12 21.66
C GLU C 546 35.79 -19.77 22.94
N LEU C 547 35.61 -20.56 24.00
CA LEU C 547 36.21 -20.23 25.28
C LEU C 547 37.59 -20.87 25.42
N GLY C 548 37.94 -21.71 24.45
CA GLY C 548 39.28 -22.24 24.24
C GLY C 548 39.62 -23.44 25.13
N LEU C 549 38.64 -24.00 25.84
CA LEU C 549 38.86 -25.17 26.68
C LEU C 549 38.65 -26.44 25.86
N ALA C 550 39.68 -27.30 25.79
CA ALA C 550 39.65 -28.47 24.90
C ALA C 550 38.61 -29.51 25.36
N UNK D 1 -36.69 -17.71 -5.10
CA UNK D 1 -37.65 -18.43 -4.21
C UNK D 1 -37.65 -17.78 -2.82
N UNK D 2 -38.26 -16.60 -2.76
CA UNK D 2 -38.44 -15.78 -1.55
C UNK D 2 -37.21 -14.91 -1.28
N UNK D 3 -36.14 -15.12 -2.06
CA UNK D 3 -34.88 -14.43 -1.86
C UNK D 3 -34.75 -13.25 -2.82
N UNK D 4 -35.78 -13.01 -3.66
CA UNK D 4 -35.89 -11.86 -4.56
C UNK D 4 -36.49 -10.66 -3.84
N UNK D 5 -36.81 -10.88 -2.55
CA UNK D 5 -37.10 -9.87 -1.55
C UNK D 5 -35.80 -9.14 -1.21
N UNK D 6 -34.68 -9.89 -1.18
CA UNK D 6 -33.38 -9.28 -0.93
C UNK D 6 -33.05 -8.25 -2.02
N UNK D 7 -33.40 -8.57 -3.28
CA UNK D 7 -33.15 -7.72 -4.44
C UNK D 7 -34.05 -6.49 -4.40
N UNK D 8 -35.20 -6.59 -3.71
CA UNK D 8 -36.04 -5.45 -3.37
C UNK D 8 -35.28 -4.52 -2.41
N UNK D 9 -34.71 -5.09 -1.34
CA UNK D 9 -33.91 -4.35 -0.37
C UNK D 9 -32.67 -3.73 -1.03
N UNK D 10 -32.03 -4.50 -1.92
CA UNK D 10 -30.87 -4.04 -2.67
C UNK D 10 -31.23 -2.86 -3.57
N UNK D 11 -32.40 -2.97 -4.25
CA UNK D 11 -32.91 -1.91 -5.10
C UNK D 11 -33.14 -0.64 -4.27
N UNK D 12 -33.64 -0.82 -3.04
CA UNK D 12 -33.79 0.27 -2.07
C UNK D 12 -32.41 0.80 -1.69
N UNK D 13 -31.46 -0.12 -1.43
CA UNK D 13 -30.13 0.20 -0.96
C UNK D 13 -29.32 0.95 -2.03
N UNK D 14 -29.39 0.45 -3.27
CA UNK D 14 -28.34 0.69 -4.25
C UNK D 14 -28.90 1.06 -5.62
N UNK D 15 -30.11 1.65 -5.64
CA UNK D 15 -30.69 2.15 -6.87
C UNK D 15 -29.74 3.14 -7.56
N UNK D 16 -29.23 4.10 -6.78
CA UNK D 16 -28.31 5.13 -7.25
C UNK D 16 -27.17 5.32 -6.25
N UNK D 17 -26.45 4.23 -5.98
CA UNK D 17 -25.12 4.36 -5.39
C UNK D 17 -24.15 4.91 -6.43
N UNK D 18 -24.38 4.56 -7.71
CA UNK D 18 -23.63 5.04 -8.87
C UNK D 18 -22.16 4.68 -8.69
N UNK D 19 -21.27 5.68 -8.83
CA UNK D 19 -19.83 5.54 -8.63
C UNK D 19 -19.24 4.45 -9.54
N UNK D 20 -19.86 4.29 -10.73
CA UNK D 20 -19.47 3.39 -11.81
C UNK D 20 -19.76 1.93 -11.44
N UNK D 21 -19.41 1.53 -10.21
CA UNK D 21 -19.52 0.15 -9.76
C UNK D 21 -20.97 -0.30 -9.67
N UNK D 22 -21.88 0.60 -9.24
CA UNK D 22 -23.28 0.26 -9.01
C UNK D 22 -24.16 0.59 -10.22
N UNK D 23 -23.54 0.59 -11.41
CA UNK D 23 -24.26 0.49 -12.68
C UNK D 23 -24.55 -0.99 -12.96
N UNK D 24 -23.77 -1.88 -12.33
CA UNK D 24 -23.96 -3.34 -12.39
C UNK D 24 -24.87 -3.81 -11.26
N UNK D 25 -25.15 -2.90 -10.30
CA UNK D 25 -26.26 -2.99 -9.36
C UNK D 25 -27.57 -2.67 -10.06
N UNK D 26 -27.53 -1.75 -11.05
CA UNK D 26 -28.67 -1.47 -11.91
C UNK D 26 -29.00 -2.71 -12.75
N UNK D 27 -27.96 -3.46 -13.18
CA UNK D 27 -28.11 -4.74 -13.87
C UNK D 27 -28.78 -5.76 -12.95
N UNK D 28 -28.47 -5.73 -11.65
CA UNK D 28 -29.07 -6.57 -10.63
C UNK D 28 -30.54 -6.21 -10.38
N UNK D 29 -30.89 -4.93 -10.58
CA UNK D 29 -32.26 -4.42 -10.43
C UNK D 29 -33.15 -5.03 -11.52
N UNK D 30 -32.66 -4.98 -12.78
CA UNK D 30 -33.19 -5.63 -13.96
C UNK D 30 -33.34 -7.13 -13.73
N UNK D 31 -32.34 -7.75 -13.07
CA UNK D 31 -32.35 -9.17 -12.76
C UNK D 31 -33.50 -9.51 -11.81
N UNK D 32 -33.75 -8.64 -10.82
CA UNK D 32 -34.85 -8.78 -9.87
C UNK D 32 -36.19 -8.74 -10.61
N UNK D 33 -36.32 -7.82 -11.58
CA UNK D 33 -37.52 -7.69 -12.41
C UNK D 33 -37.73 -8.95 -13.24
N UNK D 34 -36.64 -9.50 -13.79
CA UNK D 34 -36.68 -10.76 -14.54
C UNK D 34 -37.18 -11.90 -13.66
N UNK D 35 -36.68 -11.95 -12.41
CA UNK D 35 -37.09 -12.91 -11.41
C UNK D 35 -38.59 -12.80 -11.11
N UNK D 36 -39.08 -11.56 -10.99
CA UNK D 36 -40.48 -11.24 -10.71
C UNK D 36 -41.34 -11.65 -11.91
#